data_5K1V
#
_entry.id   5K1V
#
_cell.length_a   74.403
_cell.length_b   135.171
_cell.length_c   127.489
_cell.angle_alpha   90.00
_cell.angle_beta   90.15
_cell.angle_gamma   90.00
#
_symmetry.space_group_name_H-M   'P 1 21 1'
#
loop_
_entity.id
_entity.type
_entity.pdbx_description
1 polymer 'Endoplasmic reticulum aminopeptidase 2'
2 branched 2-acetamido-2-deoxy-beta-D-glucopyranose-(1-4)-2-acetamido-2-deoxy-beta-D-glucopyranose
3 branched alpha-D-mannopyranose-(1-4)-alpha-D-mannopyranose-(1-4)-2-acetamido-2-deoxy-beta-D-glucopyranose-(1-4)-2-acetamido-2-deoxy-beta-D-glucopyranose
4 non-polymer 'ZINC ION'
5 non-polymer 'methyl N-[4-amino-3-(L-arginylamino)benzene-1-carbonyl]-L-tyrosinate'
6 non-polymer 2-acetamido-2-deoxy-beta-D-glucopyranose
7 water water
#
_entity_poly.entity_id   1
_entity_poly.type   'polypeptide(L)'
_entity_poly.pdbx_seq_one_letter_code
;MFHSSAMVNSHRKPMFNIHRGFYCLTAILPQICICSQFSVPSSYHFTEDPGAFPVATNGERFPWQELRLPSVVIPLHYDL
FVHPNLTSLDFVASEKIEVLVSNATQFIILHSKDLEITNATLQSEEDSRYMKPGKELKVLSYPAHEQIALLVPEKLTPHL
KYYVAMDFQAKLGDGFEGFYKSTYRTLGGETRILAVTDFEPTQARMAFPCFDEPLFKANFSIKIRRESRHIALSNMPKVK
TIELEGGLLEDHFETTVKMSTYLVAYIVCDFHSLSGFTSSGVKVSIYASPDKRNQTHYALQASLKLLDFYEKYFDIYYPL
SKLDLIAIPDFAPGAMENWGLITYRETSLLFDPKTSSASDKLWVTRVIAHELAHQWFGNLVTMEWWNDIWLKEGFAKYME
LIAVNATYPELQFDDYFLNVCFEVITKDSLNSSRPISKPAETPTQIQEMFDEVSYNKGACILNMLKDFLGEEKFQKGIIQ
YLKKFSYRNAKNDDLWSSLSNSCLESDFTSGGVCHSDPKMTSNMLAFLGENAEVKEMMTTWTLQKGIPLLVVKQDGCSLR
LQQERFLQGVFQEDPEWRALQERYLWHIPLTYSTSSSNVIHRHILKSKTDTLDLPEKTSWVKFNVDSNGYYIVHYEGHGW
DQLITQLNQNHTLLRPKDRVGLIHDVFQLVGAGRLTLDKALDMTYYLQHETSSPALLEGLSYLESFYHMMDRRNISDISE
NLKRYLLQYFKPVIDRQSWSDKGSVWDRMLRSALLKLACDLNHAPCIQKAAELFSQWMESSGKLNIPTDVLKIVYSVGAQ
TTAGWNYLLEQYELSMSSAEQNKILYALSTSKHQEKLLKLIELGMEGKVIKTQNLAALLHAIARRPKGQQLAWDFVRENW
THLLKKFDLGSYDIRMIISGTTAHFSSKDKLQEVKLFFESLEAQGSHLDIFQTVLETITKNIKWLEKNLPTLRTWLMVNT
RHHHHHH
;
_entity_poly.pdbx_strand_id   A,B
#
# COMPACT_ATOMS: atom_id res chain seq x y z
N PRO A 54 -30.52 -27.32 24.09
CA PRO A 54 -30.06 -25.95 23.84
C PRO A 54 -28.54 -25.89 23.83
N VAL A 55 -27.88 -26.62 22.92
CA VAL A 55 -26.60 -27.25 23.25
C VAL A 55 -25.68 -27.75 22.11
N ALA A 56 -24.37 -27.47 22.24
CA ALA A 56 -23.35 -28.07 21.35
C ALA A 56 -21.89 -27.92 21.85
N THR A 57 -20.97 -27.77 20.89
CA THR A 57 -19.49 -27.74 21.02
C THR A 57 -18.94 -29.07 21.51
N ASN A 58 -19.38 -30.12 20.82
CA ASN A 58 -19.17 -31.51 21.21
C ASN A 58 -19.90 -31.79 22.53
N GLY A 59 -21.11 -32.32 22.38
CA GLY A 59 -21.94 -32.79 23.47
C GLY A 59 -22.09 -31.90 24.68
N GLU A 60 -22.77 -32.45 25.68
CA GLU A 60 -22.90 -31.89 27.03
C GLU A 60 -23.85 -30.70 27.07
N ARG A 61 -24.66 -30.65 28.11
CA ARG A 61 -25.61 -29.57 28.25
C ARG A 61 -24.94 -28.25 28.66
N PHE A 62 -25.25 -27.20 27.93
CA PHE A 62 -24.93 -25.83 28.30
C PHE A 62 -25.99 -25.33 29.27
N PRO A 63 -25.62 -25.13 30.55
CA PRO A 63 -26.52 -24.85 31.69
C PRO A 63 -27.54 -23.74 31.46
N TRP A 64 -27.15 -22.73 30.71
CA TRP A 64 -27.93 -21.51 30.51
C TRP A 64 -28.36 -21.37 29.08
N GLN A 65 -29.58 -20.92 28.86
CA GLN A 65 -30.17 -21.00 27.53
C GLN A 65 -30.68 -19.65 27.00
N GLU A 66 -30.49 -18.58 27.76
CA GLU A 66 -30.90 -17.24 27.34
C GLU A 66 -29.77 -16.43 26.69
N LEU A 67 -30.13 -15.60 25.71
CA LEU A 67 -29.17 -14.71 25.06
C LEU A 67 -28.58 -13.75 26.07
N ARG A 68 -29.42 -13.28 26.98
CA ARG A 68 -28.93 -12.47 28.05
C ARG A 68 -28.12 -13.32 29.03
N LEU A 69 -27.57 -12.68 30.05
CA LEU A 69 -26.72 -13.37 30.99
C LEU A 69 -27.45 -13.47 32.31
N PRO A 70 -27.20 -14.56 33.06
CA PRO A 70 -27.76 -14.73 34.40
C PRO A 70 -27.35 -13.56 35.24
N SER A 71 -28.20 -13.07 36.13
CA SER A 71 -27.81 -11.92 36.92
C SER A 71 -27.44 -12.36 38.32
N VAL A 72 -27.13 -13.65 38.44
CA VAL A 72 -26.76 -14.28 39.71
C VAL A 72 -25.30 -13.99 40.10
N VAL A 73 -24.46 -13.90 39.07
CA VAL A 73 -23.01 -13.89 39.22
C VAL A 73 -22.37 -12.53 39.57
N ILE A 74 -22.65 -11.46 38.81
CA ILE A 74 -22.23 -10.08 39.14
C ILE A 74 -20.73 -9.87 39.39
N PRO A 75 -20.01 -9.35 38.40
CA PRO A 75 -18.59 -9.05 38.61
C PRO A 75 -18.40 -7.69 39.29
N LEU A 76 -17.22 -7.44 39.85
CA LEU A 76 -16.94 -6.18 40.53
C LEU A 76 -15.62 -5.59 40.07
N HIS A 77 -14.67 -6.46 39.76
CA HIS A 77 -13.34 -6.02 39.35
C HIS A 77 -12.71 -7.01 38.39
N TYR A 78 -11.99 -6.50 37.39
CA TYR A 78 -11.22 -7.31 36.46
C TYR A 78 -9.77 -6.94 36.57
N ASP A 79 -8.89 -7.93 36.66
CA ASP A 79 -7.46 -7.68 36.47
C ASP A 79 -7.20 -8.16 35.07
N LEU A 80 -6.77 -7.26 34.21
CA LEU A 80 -6.65 -7.61 32.82
C LEU A 80 -5.24 -7.44 32.33
N PHE A 81 -4.63 -8.53 31.86
CA PHE A 81 -3.25 -8.43 31.38
C PHE A 81 -3.20 -8.83 29.92
N VAL A 82 -2.72 -7.94 29.07
CA VAL A 82 -2.72 -8.27 27.66
C VAL A 82 -1.32 -8.12 27.16
N HIS A 83 -0.86 -9.09 26.38
CA HIS A 83 0.47 -9.11 25.79
C HIS A 83 0.35 -9.35 24.29
N PRO A 84 0.32 -8.27 23.50
CA PRO A 84 0.21 -8.36 22.05
C PRO A 84 1.54 -8.23 21.35
N ASN A 85 1.72 -8.99 20.29
CA ASN A 85 2.90 -8.90 19.44
C ASN A 85 2.50 -8.35 18.10
N LEU A 86 3.10 -7.25 17.70
CA LEU A 86 2.76 -6.58 16.46
C LEU A 86 3.66 -7.03 15.32
N THR A 87 4.37 -8.14 15.53
CA THR A 87 5.15 -8.73 14.45
C THR A 87 4.44 -9.97 13.98
N SER A 88 4.10 -10.79 14.96
CA SER A 88 3.37 -12.02 14.72
C SER A 88 1.88 -11.72 14.58
N LEU A 89 1.54 -10.46 14.88
CA LEU A 89 0.18 -9.95 14.86
C LEU A 89 -0.80 -10.83 15.64
N ASP A 90 -0.53 -11.04 16.92
CA ASP A 90 -1.50 -11.72 17.79
C ASP A 90 -1.30 -11.31 19.22
N PHE A 91 -2.08 -11.91 20.10
CA PHE A 91 -1.88 -11.68 21.51
C PHE A 91 -2.14 -12.95 22.33
N VAL A 92 -1.34 -13.11 23.37
CA VAL A 92 -1.70 -13.93 24.53
C VAL A 92 -2.21 -12.98 25.64
N ALA A 93 -3.05 -13.47 26.54
CA ALA A 93 -3.50 -12.64 27.66
C ALA A 93 -4.30 -13.43 28.71
N SER A 94 -4.45 -12.85 29.91
CA SER A 94 -5.14 -13.52 31.03
C SER A 94 -5.91 -12.55 31.95
N GLU A 95 -6.83 -13.07 32.77
CA GLU A 95 -7.58 -12.16 33.63
C GLU A 95 -8.05 -12.78 34.91
N LYS A 96 -8.36 -11.92 35.89
CA LYS A 96 -8.85 -12.28 37.21
C LYS A 96 -10.11 -11.44 37.59
N ILE A 97 -11.28 -12.08 37.55
CA ILE A 97 -12.55 -11.41 37.81
C ILE A 97 -13.12 -11.69 39.19
N GLU A 98 -13.00 -10.71 40.08
CA GLU A 98 -13.68 -10.79 41.37
C GLU A 98 -15.18 -10.68 41.20
N VAL A 99 -15.87 -11.83 41.22
CA VAL A 99 -17.33 -11.88 41.18
C VAL A 99 -17.94 -11.87 42.60
N LEU A 100 -19.26 -11.69 42.65
CA LEU A 100 -20.01 -11.77 43.90
C LEU A 100 -21.30 -12.51 43.63
N VAL A 101 -21.31 -13.78 43.99
CA VAL A 101 -22.49 -14.62 43.81
C VAL A 101 -23.60 -14.21 44.79
N SER A 102 -24.85 -14.39 44.38
CA SER A 102 -26.02 -14.03 45.21
C SER A 102 -26.86 -15.28 45.44
N ASN A 103 -27.62 -15.69 44.43
CA ASN A 103 -28.19 -17.03 44.40
C ASN A 103 -27.03 -18.01 44.39
N ALA A 104 -27.17 -19.19 44.98
CA ALA A 104 -26.13 -20.21 44.87
C ALA A 104 -26.20 -20.89 43.50
N THR A 105 -25.09 -21.41 42.99
CA THR A 105 -25.06 -21.95 41.61
C THR A 105 -24.03 -23.03 41.30
N GLN A 106 -24.39 -23.91 40.36
CA GLN A 106 -23.48 -24.97 39.94
C GLN A 106 -22.54 -24.48 38.83
N PHE A 107 -22.95 -23.44 38.13
CA PHE A 107 -22.27 -22.96 36.92
C PHE A 107 -22.15 -21.44 36.93
N ILE A 108 -21.17 -20.91 36.21
CA ILE A 108 -21.04 -19.47 36.04
C ILE A 108 -20.90 -19.18 34.55
N ILE A 109 -21.69 -18.20 34.08
CA ILE A 109 -21.87 -17.90 32.66
C ILE A 109 -21.43 -16.50 32.24
N LEU A 110 -20.63 -16.42 31.18
CA LEU A 110 -20.25 -15.12 30.63
C LEU A 110 -19.84 -15.19 29.14
N HIS A 111 -19.60 -14.02 28.55
CA HIS A 111 -19.40 -13.94 27.11
C HIS A 111 -17.97 -14.19 26.69
N SER A 112 -17.84 -14.82 25.53
CA SER A 112 -16.55 -14.90 24.87
C SER A 112 -16.79 -15.17 23.39
N LYS A 113 -15.91 -14.70 22.51
CA LYS A 113 -16.04 -15.00 21.10
C LYS A 113 -14.70 -14.94 20.40
N ASP A 114 -14.38 -15.99 19.65
CA ASP A 114 -13.12 -16.12 18.95
C ASP A 114 -11.91 -16.05 19.85
N LEU A 115 -12.10 -16.28 21.13
CA LEU A 115 -10.95 -16.40 22.03
C LEU A 115 -10.75 -17.86 22.42
N GLU A 116 -9.53 -18.36 22.20
CA GLU A 116 -9.10 -19.67 22.68
C GLU A 116 -8.79 -19.69 24.18
N ILE A 117 -9.56 -20.44 24.96
CA ILE A 117 -9.39 -20.41 26.42
C ILE A 117 -8.60 -21.62 26.88
N THR A 118 -7.47 -21.38 27.53
CA THR A 118 -6.55 -22.49 27.76
C THR A 118 -6.29 -22.82 29.23
N ASN A 119 -6.93 -22.11 30.15
CA ASN A 119 -6.79 -22.39 31.58
C ASN A 119 -7.90 -21.71 32.37
N ALA A 120 -8.52 -22.42 33.31
CA ALA A 120 -9.59 -21.80 34.07
C ALA A 120 -9.69 -22.30 35.52
N THR A 121 -9.66 -21.36 36.45
CA THR A 121 -9.59 -21.65 37.87
C THR A 121 -10.56 -20.77 38.67
N LEU A 122 -11.18 -21.32 39.72
CA LEU A 122 -11.85 -20.47 40.71
C LEU A 122 -10.91 -20.34 41.91
N GLN A 123 -11.22 -19.47 42.86
CA GLN A 123 -10.32 -19.08 43.95
C GLN A 123 -11.04 -18.09 44.85
N SER A 124 -10.99 -18.27 46.16
CA SER A 124 -11.74 -17.37 47.04
C SER A 124 -11.04 -17.05 48.35
N GLU A 125 -11.48 -15.97 48.98
CA GLU A 125 -10.92 -15.54 50.25
C GLU A 125 -11.93 -15.62 51.39
N GLU A 126 -13.17 -15.95 51.04
CA GLU A 126 -14.23 -16.02 52.03
C GLU A 126 -14.77 -17.43 52.11
N ASP A 127 -14.72 -18.12 50.97
CA ASP A 127 -15.22 -19.48 50.87
C ASP A 127 -14.05 -20.43 50.81
N SER A 128 -13.73 -21.03 51.94
CA SER A 128 -12.50 -21.78 52.11
C SER A 128 -12.29 -22.87 51.05
N ARG A 129 -13.34 -23.57 50.64
CA ARG A 129 -13.23 -24.70 49.71
C ARG A 129 -12.45 -24.35 48.47
N TYR A 130 -12.48 -23.07 48.12
CA TYR A 130 -11.68 -22.54 47.02
C TYR A 130 -10.64 -21.57 47.54
N MET A 131 -9.96 -21.94 48.63
CA MET A 131 -8.80 -21.20 49.08
C MET A 131 -7.65 -21.51 48.13
N LYS A 132 -6.78 -20.52 47.95
CA LYS A 132 -5.62 -20.59 47.06
C LYS A 132 -5.04 -22.00 46.99
N PRO A 133 -4.71 -22.49 45.79
CA PRO A 133 -4.93 -21.79 44.52
C PRO A 133 -5.96 -22.49 43.66
N GLY A 134 -6.30 -23.75 43.97
CA GLY A 134 -7.23 -24.54 43.17
C GLY A 134 -8.59 -23.91 43.39
N LYS A 135 -9.58 -24.27 42.58
CA LYS A 135 -9.53 -25.44 41.71
C LYS A 135 -9.85 -25.15 40.24
N GLU A 136 -9.51 -26.10 39.37
CA GLU A 136 -9.70 -26.00 37.92
C GLU A 136 -11.17 -26.02 37.57
N LEU A 137 -11.57 -25.24 36.56
CA LEU A 137 -12.96 -25.24 36.06
C LEU A 137 -13.10 -25.88 34.66
N LYS A 138 -14.24 -26.52 34.42
CA LYS A 138 -14.49 -27.11 33.12
C LYS A 138 -15.15 -26.07 32.22
N VAL A 139 -14.67 -25.99 30.98
CA VAL A 139 -15.06 -24.91 30.08
C VAL A 139 -16.02 -25.35 28.99
N LEU A 140 -17.23 -24.78 29.02
CA LEU A 140 -18.26 -25.08 28.03
C LEU A 140 -18.59 -23.88 27.14
N SER A 141 -18.45 -24.07 25.83
CA SER A 141 -18.52 -22.98 24.84
C SER A 141 -19.67 -23.07 23.83
N TYR A 142 -20.80 -22.42 24.13
CA TYR A 142 -21.91 -22.26 23.17
C TYR A 142 -21.75 -21.04 22.24
N PRO A 143 -21.15 -21.20 21.02
CA PRO A 143 -20.83 -20.02 20.22
C PRO A 143 -22.05 -19.26 19.71
N ALA A 144 -23.03 -19.98 19.21
CA ALA A 144 -24.23 -19.37 18.69
C ALA A 144 -24.92 -18.35 19.62
N HIS A 145 -24.46 -18.22 20.86
CA HIS A 145 -24.97 -17.15 21.69
C HIS A 145 -23.81 -16.37 22.24
N GLU A 146 -22.67 -16.47 21.55
CA GLU A 146 -21.41 -15.91 21.98
C GLU A 146 -21.12 -16.10 23.50
N GLN A 147 -21.51 -17.25 24.04
CA GLN A 147 -21.40 -17.50 25.49
C GLN A 147 -20.44 -18.66 25.84
N ILE A 148 -19.95 -18.63 27.07
CA ILE A 148 -19.26 -19.79 27.64
C ILE A 148 -19.78 -20.06 29.04
N ALA A 149 -19.60 -21.31 29.45
CA ALA A 149 -20.03 -21.77 30.77
C ALA A 149 -18.83 -22.25 31.57
N LEU A 150 -18.70 -21.71 32.78
CA LEU A 150 -17.62 -22.16 33.63
C LEU A 150 -18.19 -23.05 34.72
N LEU A 151 -17.78 -24.33 34.67
CA LEU A 151 -18.32 -25.36 35.53
C LEU A 151 -17.59 -25.51 36.87
N VAL A 152 -18.27 -25.14 37.93
CA VAL A 152 -17.72 -25.18 39.27
C VAL A 152 -17.90 -26.58 39.90
N PRO A 153 -16.94 -27.01 40.73
CA PRO A 153 -16.96 -28.36 41.30
C PRO A 153 -18.02 -28.56 42.39
N GLU A 154 -18.20 -27.54 43.23
CA GLU A 154 -19.20 -27.53 44.29
C GLU A 154 -19.97 -26.20 44.34
N LYS A 155 -21.30 -26.26 44.39
CA LYS A 155 -22.17 -25.07 44.37
C LYS A 155 -21.59 -23.88 45.13
N LEU A 156 -21.64 -22.71 44.52
CA LEU A 156 -21.08 -21.53 45.13
C LEU A 156 -21.98 -20.98 46.24
N THR A 157 -21.44 -20.09 47.04
CA THR A 157 -22.16 -19.66 48.22
C THR A 157 -22.57 -18.20 48.13
N PRO A 158 -23.85 -17.94 48.33
CA PRO A 158 -24.42 -16.59 48.48
C PRO A 158 -23.51 -15.63 49.22
N HIS A 159 -23.52 -14.38 48.79
CA HIS A 159 -22.89 -13.26 49.48
C HIS A 159 -21.38 -13.43 49.68
N LEU A 160 -20.78 -14.38 48.96
CA LEU A 160 -19.32 -14.52 49.01
C LEU A 160 -18.62 -14.13 47.70
N LYS A 161 -17.61 -13.29 47.80
CA LYS A 161 -16.78 -12.93 46.66
C LYS A 161 -15.79 -14.05 46.26
N TYR A 162 -15.82 -14.49 45.00
CA TYR A 162 -14.81 -15.42 44.47
C TYR A 162 -13.93 -14.74 43.42
N TYR A 163 -13.17 -15.54 42.65
CA TYR A 163 -12.18 -15.02 41.69
C TYR A 163 -12.00 -15.98 40.50
N VAL A 164 -12.49 -15.57 39.33
CA VAL A 164 -12.42 -16.38 38.11
C VAL A 164 -11.22 -16.02 37.25
N ALA A 165 -10.44 -17.03 36.88
CA ALA A 165 -9.19 -16.72 36.21
C ALA A 165 -9.00 -17.59 34.98
N MET A 166 -8.66 -16.94 33.89
CA MET A 166 -8.50 -17.61 32.62
C MET A 166 -7.28 -17.08 31.89
N ASP A 167 -6.63 -17.97 31.13
CA ASP A 167 -5.61 -17.58 30.16
C ASP A 167 -6.22 -17.77 28.79
N PHE A 168 -6.10 -16.78 27.91
CA PHE A 168 -6.68 -16.86 26.58
C PHE A 168 -5.79 -16.26 25.53
N GLN A 169 -5.97 -16.70 24.29
CA GLN A 169 -5.23 -16.11 23.20
C GLN A 169 -6.04 -16.07 21.92
N ALA A 170 -5.54 -15.29 20.97
CA ALA A 170 -6.19 -15.08 19.68
C ALA A 170 -5.24 -14.30 18.76
N LYS A 171 -5.54 -14.37 17.47
CA LYS A 171 -4.90 -13.49 16.50
C LYS A 171 -5.44 -12.03 16.64
N LEU A 172 -4.62 -11.02 16.31
CA LEU A 172 -5.11 -9.65 16.16
C LEU A 172 -6.20 -9.64 15.07
N GLY A 173 -7.31 -8.94 15.30
CA GLY A 173 -8.39 -8.89 14.33
C GLY A 173 -8.02 -8.31 12.97
N ASP A 174 -8.89 -8.46 11.99
CA ASP A 174 -8.55 -7.95 10.65
C ASP A 174 -9.73 -7.16 10.06
N GLY A 175 -10.50 -6.55 10.94
CA GLY A 175 -11.43 -5.52 10.54
C GLY A 175 -12.11 -4.84 11.69
N PHE A 176 -11.82 -3.56 11.86
CA PHE A 176 -12.70 -2.67 12.62
C PHE A 176 -13.29 -3.13 13.96
N GLU A 177 -13.18 -4.40 14.34
CA GLU A 177 -13.69 -4.69 15.68
C GLU A 177 -12.90 -5.65 16.58
N GLY A 178 -13.19 -5.53 17.87
CA GLY A 178 -12.47 -6.20 18.92
C GLY A 178 -11.07 -5.62 19.08
N PHE A 179 -10.08 -6.49 19.05
CA PHE A 179 -8.72 -6.06 19.20
C PHE A 179 -8.01 -6.28 17.87
N TYR A 180 -7.95 -5.21 17.07
CA TYR A 180 -7.52 -5.31 15.69
C TYR A 180 -6.28 -4.53 15.25
N LYS A 181 -5.80 -4.91 14.08
CA LYS A 181 -4.62 -4.37 13.42
C LYS A 181 -4.97 -3.16 12.57
N SER A 182 -4.19 -2.08 12.68
CA SER A 182 -4.38 -0.94 11.80
C SER A 182 -3.02 -0.54 11.29
N THR A 183 -3.00 0.17 10.17
CA THR A 183 -1.76 0.60 9.58
C THR A 183 -1.83 2.06 9.25
N TYR A 184 -0.68 2.68 9.03
CA TYR A 184 -0.67 4.03 8.54
C TYR A 184 0.56 4.31 7.71
N ARG A 185 0.47 5.29 6.81
CA ARG A 185 1.61 5.68 5.99
C ARG A 185 2.38 6.87 6.60
N THR A 186 3.72 6.78 6.60
CA THR A 186 4.52 7.88 7.14
C THR A 186 4.90 8.76 5.99
N LEU A 187 5.35 9.97 6.27
CA LEU A 187 5.78 10.87 5.22
C LEU A 187 6.93 10.23 4.44
N GLY A 188 7.63 9.31 5.09
CA GLY A 188 8.73 8.63 4.45
C GLY A 188 8.27 7.66 3.38
N GLY A 189 7.06 7.16 3.52
CA GLY A 189 6.57 6.11 2.64
C GLY A 189 6.57 4.79 3.39
N GLU A 190 6.79 4.86 4.69
CA GLU A 190 6.84 3.64 5.46
C GLU A 190 5.45 3.25 5.83
N THR A 191 5.19 1.95 5.97
CA THR A 191 3.93 1.47 6.53
C THR A 191 4.21 1.00 7.95
N ARG A 192 3.41 1.44 8.91
CA ARG A 192 3.57 1.02 10.31
C ARG A 192 2.28 0.43 10.84
N ILE A 193 2.38 -0.31 11.95
CA ILE A 193 1.27 -1.06 12.50
C ILE A 193 0.96 -0.60 13.91
N LEU A 194 -0.32 -0.60 14.27
CA LEU A 194 -0.72 -0.31 15.64
C LEU A 194 -1.77 -1.31 15.96
N ALA A 195 -2.13 -1.44 17.22
CA ALA A 195 -3.19 -2.37 17.56
C ALA A 195 -4.15 -1.64 18.45
N VAL A 196 -5.43 -1.73 18.12
CA VAL A 196 -6.41 -0.88 18.78
C VAL A 196 -7.66 -1.68 19.10
N THR A 197 -8.39 -1.25 20.14
CA THR A 197 -9.65 -1.85 20.55
C THR A 197 -10.84 -1.06 20.03
N ASP A 198 -11.91 -1.78 19.72
CA ASP A 198 -13.22 -1.18 19.47
C ASP A 198 -14.27 -2.18 19.90
N PHE A 199 -14.95 -1.90 21.00
CA PHE A 199 -15.80 -2.89 21.64
C PHE A 199 -17.30 -2.66 21.54
N GLU A 200 -17.72 -1.44 21.24
CA GLU A 200 -19.16 -1.17 21.22
C GLU A 200 -19.85 -1.71 19.96
N PRO A 201 -20.97 -2.41 20.14
CA PRO A 201 -21.61 -2.70 21.41
C PRO A 201 -21.27 -4.03 22.06
N THR A 202 -20.82 -5.03 21.31
CA THR A 202 -20.70 -6.38 21.85
C THR A 202 -19.36 -7.03 21.50
N GLN A 203 -18.32 -6.27 21.17
CA GLN A 203 -17.07 -6.93 20.81
C GLN A 203 -16.02 -6.92 21.92
N ALA A 204 -16.34 -6.50 23.15
CA ALA A 204 -15.35 -6.64 24.22
C ALA A 204 -14.95 -8.10 24.32
N ARG A 205 -15.98 -8.92 24.28
CA ARG A 205 -15.87 -10.37 24.32
C ARG A 205 -15.00 -11.00 23.22
N MET A 206 -14.48 -10.20 22.29
CA MET A 206 -13.57 -10.74 21.26
C MET A 206 -12.13 -10.48 21.66
N ALA A 207 -11.94 -10.18 22.92
CA ALA A 207 -10.68 -9.63 23.40
C ALA A 207 -10.32 -10.25 24.73
N PHE A 208 -11.33 -10.36 25.58
CA PHE A 208 -11.21 -11.04 26.86
C PHE A 208 -12.58 -11.45 27.32
N PRO A 209 -12.74 -12.67 27.83
CA PRO A 209 -14.04 -13.16 28.31
C PRO A 209 -14.62 -12.24 29.36
N CYS A 210 -15.90 -11.92 29.31
CA CYS A 210 -16.46 -11.07 30.37
C CYS A 210 -17.98 -11.12 30.44
N PHE A 211 -18.52 -10.31 31.34
CA PHE A 211 -19.94 -10.16 31.49
C PHE A 211 -20.38 -8.97 30.63
N ASP A 212 -20.53 -9.26 29.34
CA ASP A 212 -20.53 -8.24 28.30
C ASP A 212 -21.89 -7.66 28.03
N GLU A 213 -22.49 -7.04 29.05
CA GLU A 213 -23.75 -6.31 28.95
C GLU A 213 -23.64 -5.06 29.82
N PRO A 214 -24.05 -3.90 29.30
CA PRO A 214 -23.81 -2.58 29.90
C PRO A 214 -24.12 -2.46 31.38
N LEU A 215 -24.88 -3.40 31.93
CA LEU A 215 -25.42 -3.26 33.30
C LEU A 215 -24.42 -3.71 34.37
N PHE A 216 -23.68 -4.77 34.04
CA PHE A 216 -22.53 -5.21 34.81
C PHE A 216 -21.39 -4.21 34.83
N LYS A 217 -21.52 -3.09 35.54
CA LYS A 217 -20.33 -2.26 35.63
C LYS A 217 -19.34 -2.88 36.63
N ALA A 218 -18.12 -2.34 36.66
CA ALA A 218 -16.98 -2.99 37.30
C ALA A 218 -15.78 -2.05 37.33
N ASN A 219 -14.80 -2.36 38.17
CA ASN A 219 -13.51 -1.68 38.05
C ASN A 219 -12.58 -2.52 37.20
N PHE A 220 -11.74 -1.85 36.41
CA PHE A 220 -10.80 -2.53 35.52
C PHE A 220 -9.37 -2.13 35.79
N SER A 221 -8.51 -3.14 35.78
CA SER A 221 -7.07 -2.98 36.01
C SER A 221 -6.31 -3.65 34.90
N ILE A 222 -5.51 -2.85 34.19
CA ILE A 222 -4.99 -3.28 32.92
C ILE A 222 -3.48 -3.17 32.81
N LYS A 223 -2.84 -4.30 32.56
CA LYS A 223 -1.42 -4.35 32.23
C LYS A 223 -1.21 -4.69 30.76
N ILE A 224 -0.27 -4.00 30.10
CA ILE A 224 0.05 -4.23 28.69
C ILE A 224 1.55 -4.39 28.57
N ARG A 225 1.99 -5.43 27.88
CA ARG A 225 3.42 -5.66 27.65
C ARG A 225 3.78 -5.27 26.24
N ARG A 226 4.99 -4.74 26.04
CA ARG A 226 5.36 -4.17 24.75
C ARG A 226 6.84 -4.02 24.51
N GLU A 227 7.19 -3.81 23.26
CA GLU A 227 8.53 -3.37 22.94
C GLU A 227 8.59 -1.88 23.21
N SER A 228 9.67 -1.23 22.79
CA SER A 228 9.94 0.13 23.20
C SER A 228 9.94 1.02 22.00
N ARG A 229 9.63 0.45 20.85
CA ARG A 229 9.27 1.29 19.72
C ARG A 229 7.85 1.74 19.97
N HIS A 230 7.19 1.02 20.87
CA HIS A 230 5.80 1.26 21.16
C HIS A 230 5.53 2.01 22.49
N ILE A 231 4.41 2.73 22.54
CA ILE A 231 3.80 3.16 23.77
C ILE A 231 2.51 2.38 23.96
N ALA A 232 1.85 2.53 25.09
CA ALA A 232 0.63 1.80 25.30
C ALA A 232 -0.33 2.67 26.02
N LEU A 233 -1.48 2.88 25.40
CA LEU A 233 -2.52 3.68 26.01
C LEU A 233 -3.62 2.77 26.55
N SER A 234 -4.29 3.22 27.60
CA SER A 234 -5.57 2.65 27.99
C SER A 234 -6.47 3.69 28.62
N ASN A 235 -7.51 3.26 29.30
CA ASN A 235 -8.49 4.21 29.79
C ASN A 235 -7.87 5.13 30.77
N MET A 236 -7.15 4.56 31.74
CA MET A 236 -6.60 5.37 32.83
C MET A 236 -5.13 5.72 32.58
N PRO A 237 -4.61 6.66 33.37
CA PRO A 237 -3.21 7.03 33.16
C PRO A 237 -2.22 5.97 33.61
N LYS A 238 -0.97 6.13 33.22
CA LYS A 238 -0.01 5.09 33.57
C LYS A 238 0.68 5.38 34.93
N VAL A 239 0.52 4.40 35.83
CA VAL A 239 1.12 4.41 37.16
C VAL A 239 2.58 4.02 37.14
N LYS A 240 2.89 3.01 36.35
CA LYS A 240 4.16 2.35 36.47
C LYS A 240 4.56 1.66 35.16
N THR A 241 5.78 1.89 34.74
CA THR A 241 6.44 1.04 33.75
C THR A 241 7.54 0.23 34.43
N ILE A 242 7.68 -1.05 34.10
CA ILE A 242 8.73 -1.88 34.70
C ILE A 242 9.50 -2.65 33.62
N GLU A 243 10.83 -2.73 33.76
CA GLU A 243 11.67 -3.44 32.79
C GLU A 243 11.63 -4.93 33.05
N LEU A 244 11.66 -5.72 31.98
CA LEU A 244 11.54 -7.16 32.14
C LEU A 244 12.80 -7.85 31.68
N GLU A 245 12.91 -9.12 32.04
N GLU A 245 12.94 -9.13 32.01
CA GLU A 245 14.08 -9.94 31.76
CA GLU A 245 14.17 -9.84 31.75
C GLU A 245 14.58 -9.81 30.34
C GLU A 245 14.60 -9.75 30.29
N GLY A 246 13.82 -10.35 29.38
CA GLY A 246 14.19 -10.36 27.98
C GLY A 246 14.53 -8.99 27.39
N GLY A 247 13.86 -7.96 27.91
CA GLY A 247 14.05 -6.61 27.43
C GLY A 247 12.74 -5.90 27.19
N LEU A 248 11.63 -6.63 27.29
CA LEU A 248 10.33 -6.01 27.06
C LEU A 248 9.88 -5.14 28.26
N LEU A 249 8.98 -4.20 27.99
CA LEU A 249 8.45 -3.31 29.02
C LEU A 249 7.00 -3.65 29.35
N GLU A 250 6.53 -3.25 30.53
CA GLU A 250 5.20 -3.62 30.96
C GLU A 250 4.56 -2.46 31.65
N ASP A 251 3.36 -2.09 31.19
CA ASP A 251 2.68 -0.89 31.68
C ASP A 251 1.54 -1.24 32.65
N HIS A 252 1.44 -0.42 33.69
CA HIS A 252 0.47 -0.64 34.73
C HIS A 252 -0.37 0.59 34.72
N PHE A 253 -1.68 0.41 34.79
CA PHE A 253 -2.58 1.54 34.64
C PHE A 253 -3.44 1.61 35.88
N GLU A 254 -3.83 2.82 36.24
CA GLU A 254 -4.58 3.06 37.44
C GLU A 254 -5.91 2.33 37.32
N THR A 255 -6.29 1.53 38.29
CA THR A 255 -7.57 0.84 38.21
C THR A 255 -8.70 1.82 37.84
N THR A 256 -9.52 1.49 36.85
CA THR A 256 -10.61 2.41 36.46
C THR A 256 -11.63 2.58 37.56
N VAL A 257 -12.50 3.57 37.35
CA VAL A 257 -13.71 3.70 38.13
C VAL A 257 -14.68 2.61 37.70
N LYS A 258 -15.86 2.62 38.28
CA LYS A 258 -16.90 1.71 37.85
C LYS A 258 -17.38 2.07 36.42
N MET A 259 -17.59 1.07 35.56
CA MET A 259 -17.85 1.34 34.15
C MET A 259 -18.19 0.07 33.37
N SER A 260 -18.66 0.21 32.12
CA SER A 260 -19.15 -0.97 31.34
C SER A 260 -18.10 -1.55 30.40
N THR A 261 -18.27 -2.79 29.95
CA THR A 261 -17.20 -3.38 29.14
C THR A 261 -17.03 -2.69 27.80
N TYR A 262 -18.10 -2.23 27.15
CA TYR A 262 -17.91 -1.68 25.79
C TYR A 262 -17.03 -0.44 25.80
N LEU A 263 -16.85 0.13 26.98
CA LEU A 263 -15.99 1.28 27.12
C LEU A 263 -14.51 1.00 27.39
N VAL A 264 -14.13 -0.26 27.58
CA VAL A 264 -12.75 -0.59 27.92
C VAL A 264 -11.89 -0.43 26.68
N ALA A 265 -10.71 0.15 26.86
CA ALA A 265 -9.84 0.38 25.72
C ALA A 265 -8.35 0.25 25.97
N TYR A 266 -7.65 -0.26 24.99
CA TYR A 266 -6.20 -0.17 25.01
C TYR A 266 -5.63 -0.22 23.60
N ILE A 267 -4.51 0.48 23.44
CA ILE A 267 -3.86 0.69 22.15
C ILE A 267 -2.36 0.46 22.32
N VAL A 268 -1.71 -0.09 21.31
CA VAL A 268 -0.27 -0.20 21.31
C VAL A 268 0.21 0.35 19.99
N CYS A 269 0.77 1.55 20.04
CA CYS A 269 1.24 2.22 18.84
C CYS A 269 2.55 2.88 19.11
N ASP A 270 2.87 3.86 18.26
CA ASP A 270 4.10 4.62 18.34
C ASP A 270 3.79 6.04 17.97
N PHE A 271 2.68 6.54 18.47
CA PHE A 271 2.24 7.87 18.08
C PHE A 271 2.97 8.96 18.87
N HIS A 272 2.78 10.21 18.47
CA HIS A 272 3.15 11.38 19.27
C HIS A 272 1.93 12.09 19.84
N SER A 273 2.13 13.01 20.76
CA SER A 273 1.00 13.81 21.21
C SER A 273 1.25 15.32 21.37
N LEU A 274 0.18 16.02 21.69
CA LEU A 274 0.25 17.37 22.21
C LEU A 274 -0.64 17.41 23.42
N SER A 275 -0.16 18.02 24.49
CA SER A 275 -0.91 18.02 25.73
C SER A 275 -1.17 19.43 26.21
N GLY A 276 -2.06 19.53 27.18
CA GLY A 276 -2.50 20.77 27.74
C GLY A 276 -3.34 20.42 28.95
N PHE A 277 -3.70 21.42 29.75
CA PHE A 277 -4.46 21.12 30.93
C PHE A 277 -5.72 21.94 30.97
N THR A 278 -6.80 21.39 31.49
CA THR A 278 -8.04 22.17 31.70
C THR A 278 -7.99 23.03 32.98
N SER A 279 -9.01 23.87 33.16
CA SER A 279 -9.28 24.52 34.43
C SER A 279 -9.11 23.53 35.58
N SER A 280 -10.01 22.56 35.64
CA SER A 280 -10.02 21.55 36.70
C SER A 280 -8.82 20.64 36.74
N GLY A 281 -7.79 21.02 35.99
CA GLY A 281 -6.54 20.30 35.98
C GLY A 281 -6.60 18.90 35.42
N VAL A 282 -7.39 18.73 34.34
CA VAL A 282 -7.42 17.47 33.60
C VAL A 282 -6.46 17.57 32.45
N LYS A 283 -5.64 16.53 32.31
CA LYS A 283 -4.64 16.50 31.25
C LYS A 283 -5.17 15.89 29.90
N VAL A 284 -5.24 16.74 28.89
CA VAL A 284 -5.78 16.37 27.63
C VAL A 284 -4.65 16.17 26.67
N SER A 285 -4.69 15.08 25.92
CA SER A 285 -3.63 14.87 24.96
C SER A 285 -4.24 14.42 23.63
N ILE A 286 -3.68 14.92 22.55
CA ILE A 286 -4.12 14.52 21.26
C ILE A 286 -3.01 13.71 20.62
N TYR A 287 -3.25 12.42 20.50
CA TYR A 287 -2.32 11.51 19.88
C TYR A 287 -2.64 11.32 18.38
N ALA A 288 -1.58 11.09 17.61
CA ALA A 288 -1.70 10.87 16.18
C ALA A 288 -0.38 10.34 15.73
N SER A 289 -0.33 9.73 14.57
CA SER A 289 0.93 9.24 14.03
C SER A 289 1.86 10.44 13.80
N PRO A 290 3.18 10.24 14.01
CA PRO A 290 4.17 11.32 14.21
C PRO A 290 4.12 12.46 13.22
N ASP A 291 4.10 12.17 11.93
CA ASP A 291 4.13 13.21 10.93
C ASP A 291 2.85 14.02 10.89
N LYS A 292 1.88 13.72 11.75
CA LYS A 292 0.66 14.54 11.73
C LYS A 292 0.41 15.34 13.01
N ARG A 293 1.43 15.46 13.85
CA ARG A 293 1.30 16.11 15.12
C ARG A 293 0.81 17.54 14.91
N ASN A 294 1.31 18.17 13.86
CA ASN A 294 0.94 19.55 13.54
C ASN A 294 -0.57 19.68 13.44
N GLN A 295 -1.21 18.65 12.93
CA GLN A 295 -2.64 18.73 12.64
C GLN A 295 -3.48 18.54 13.90
N THR A 296 -2.82 18.31 15.05
CA THR A 296 -3.57 18.10 16.31
C THR A 296 -3.83 19.34 17.11
N HIS A 297 -3.43 20.50 16.61
CA HIS A 297 -3.61 21.69 17.43
C HIS A 297 -5.05 22.06 17.72
N TYR A 298 -5.86 22.25 16.69
CA TYR A 298 -7.25 22.64 16.87
C TYR A 298 -8.01 21.74 17.83
N ALA A 299 -7.76 20.44 17.71
CA ALA A 299 -8.45 19.45 18.54
C ALA A 299 -8.11 19.68 19.99
N LEU A 300 -6.84 20.01 20.26
CA LEU A 300 -6.41 20.36 21.62
C LEU A 300 -7.13 21.59 22.17
N GLN A 301 -7.09 22.65 21.37
CA GLN A 301 -7.79 23.85 21.74
C GLN A 301 -9.24 23.57 22.11
N ALA A 302 -9.99 23.02 21.16
CA ALA A 302 -11.43 22.85 21.32
C ALA A 302 -11.80 21.85 22.42
N SER A 303 -11.14 20.70 22.44
CA SER A 303 -11.39 19.74 23.50
C SER A 303 -11.26 20.38 24.90
N LEU A 304 -10.18 21.12 25.10
CA LEU A 304 -9.99 21.96 26.30
C LEU A 304 -11.16 22.90 26.64
N LYS A 305 -11.46 23.86 25.76
CA LYS A 305 -12.61 24.76 25.98
C LYS A 305 -13.85 23.95 26.29
N LEU A 306 -13.99 22.83 25.58
CA LEU A 306 -15.21 22.05 25.63
C LEU A 306 -15.33 21.24 26.90
N LEU A 307 -14.23 20.66 27.38
CA LEU A 307 -14.32 19.92 28.64
C LEU A 307 -14.57 20.93 29.78
N ASP A 308 -13.95 22.12 29.66
CA ASP A 308 -14.20 23.22 30.61
C ASP A 308 -15.70 23.46 30.63
N PHE A 309 -16.29 23.76 29.46
CA PHE A 309 -17.74 23.98 29.37
C PHE A 309 -18.53 22.87 30.04
N TYR A 310 -18.32 21.63 29.66
CA TYR A 310 -19.19 20.55 30.11
C TYR A 310 -19.15 20.36 31.60
N GLU A 311 -18.00 20.64 32.20
CA GLU A 311 -17.84 20.57 33.67
C GLU A 311 -18.78 21.59 34.37
N LYS A 312 -18.74 22.82 33.88
CA LYS A 312 -19.62 23.88 34.33
C LYS A 312 -21.07 23.47 34.15
N TYR A 313 -21.45 23.23 32.90
CA TYR A 313 -22.82 22.99 32.57
C TYR A 313 -23.42 21.83 33.37
N PHE A 314 -22.73 20.70 33.46
CA PHE A 314 -23.32 19.58 34.16
C PHE A 314 -23.03 19.67 35.66
N ASP A 315 -22.13 20.59 36.05
CA ASP A 315 -21.73 20.71 37.45
C ASP A 315 -21.17 19.39 37.99
N ILE A 316 -20.44 18.69 37.12
CA ILE A 316 -19.76 17.49 37.54
C ILE A 316 -18.40 17.56 36.90
N TYR A 317 -17.36 17.34 37.69
CA TYR A 317 -16.03 17.32 37.12
C TYR A 317 -15.91 16.05 36.27
N TYR A 318 -15.01 16.06 35.29
CA TYR A 318 -14.59 14.80 34.71
C TYR A 318 -13.66 14.17 35.77
N PRO A 319 -13.91 12.90 36.10
CA PRO A 319 -13.24 12.20 37.21
C PRO A 319 -11.83 11.70 36.93
N LEU A 320 -11.53 11.19 35.75
CA LEU A 320 -10.19 10.67 35.46
C LEU A 320 -9.20 11.83 35.40
N SER A 321 -7.91 11.54 35.48
CA SER A 321 -6.89 12.58 35.60
C SER A 321 -6.56 13.14 34.23
N LYS A 322 -6.57 12.23 33.27
CA LYS A 322 -6.29 12.56 31.88
C LYS A 322 -7.46 12.24 30.96
N LEU A 323 -7.43 12.84 29.78
CA LEU A 323 -8.32 12.51 28.67
C LEU A 323 -7.55 12.48 27.37
N ASP A 324 -7.41 11.30 26.80
CA ASP A 324 -6.72 11.21 25.53
C ASP A 324 -7.69 11.17 24.36
N LEU A 325 -7.23 11.73 23.24
CA LEU A 325 -7.95 11.74 21.97
C LEU A 325 -6.99 11.27 20.90
N ILE A 326 -7.20 10.05 20.40
CA ILE A 326 -6.23 9.49 19.47
C ILE A 326 -6.87 9.31 18.10
N ALA A 327 -6.16 9.74 17.04
CA ALA A 327 -6.65 9.62 15.67
C ALA A 327 -6.16 8.35 15.00
N ILE A 328 -7.02 7.32 15.04
CA ILE A 328 -6.76 6.01 14.43
C ILE A 328 -6.92 6.00 12.89
N PRO A 329 -5.88 5.56 12.18
CA PRO A 329 -5.91 5.44 10.70
C PRO A 329 -7.00 4.52 10.10
N ASP A 330 -7.25 3.33 10.66
CA ASP A 330 -8.36 2.48 10.23
C ASP A 330 -9.44 2.45 11.26
N PHE A 331 -10.59 3.02 10.94
CA PHE A 331 -11.58 3.20 11.99
C PHE A 331 -13.00 3.32 11.41
N ALA A 332 -13.85 2.38 11.78
CA ALA A 332 -15.14 2.31 11.13
C ALA A 332 -16.06 3.45 11.59
N PRO A 333 -16.36 3.52 12.89
CA PRO A 333 -17.33 4.58 13.21
C PRO A 333 -16.68 5.95 13.12
N GLY A 334 -17.34 7.01 13.52
CA GLY A 334 -16.67 8.29 13.38
C GLY A 334 -15.75 8.55 14.55
N ALA A 335 -16.18 8.04 15.69
CA ALA A 335 -15.43 8.11 16.90
C ALA A 335 -16.10 7.14 17.88
N MET A 336 -15.34 6.65 18.86
CA MET A 336 -15.84 5.77 19.92
C MET A 336 -15.40 6.39 21.23
N GLU A 337 -16.32 6.47 22.16
CA GLU A 337 -16.17 7.39 23.25
C GLU A 337 -15.50 6.78 24.49
N ASN A 338 -14.72 5.72 24.33
CA ASN A 338 -14.19 5.05 25.53
C ASN A 338 -13.50 5.99 26.53
N TRP A 339 -13.90 5.83 27.79
CA TRP A 339 -13.59 6.70 28.90
C TRP A 339 -12.11 6.94 29.06
N GLY A 340 -11.63 8.11 28.71
CA GLY A 340 -10.24 8.42 28.94
C GLY A 340 -9.40 8.11 27.73
N LEU A 341 -9.89 7.21 26.90
CA LEU A 341 -9.20 6.96 25.65
C LEU A 341 -10.20 7.00 24.48
N ILE A 342 -10.36 8.17 23.87
CA ILE A 342 -11.37 8.30 22.80
C ILE A 342 -10.73 8.16 21.42
N THR A 343 -11.27 7.23 20.62
CA THR A 343 -10.81 7.03 19.24
C THR A 343 -11.60 7.81 18.16
N TYR A 344 -10.91 8.22 17.11
CA TYR A 344 -11.44 9.04 16.02
C TYR A 344 -10.86 8.61 14.67
N ARG A 345 -11.69 8.74 13.63
CA ARG A 345 -11.20 8.79 12.28
C ARG A 345 -10.41 10.05 12.14
N GLU A 346 -9.24 9.98 11.56
CA GLU A 346 -8.46 11.17 11.32
C GLU A 346 -9.30 12.38 10.84
N THR A 347 -10.35 12.14 10.07
CA THR A 347 -11.18 13.24 9.62
C THR A 347 -12.13 13.80 10.66
N SER A 348 -12.20 13.16 11.82
CA SER A 348 -13.07 13.62 12.88
C SER A 348 -12.29 14.47 13.88
N LEU A 349 -10.98 14.47 13.73
CA LEU A 349 -10.10 14.98 14.77
C LEU A 349 -9.05 15.87 14.23
N LEU A 350 -8.37 15.39 13.19
CA LEU A 350 -7.27 16.17 12.62
C LEU A 350 -7.82 17.31 11.78
N PHE A 351 -6.94 18.26 11.52
CA PHE A 351 -7.33 19.52 10.95
C PHE A 351 -6.09 20.18 10.54
N ASP A 352 -6.13 20.87 9.43
CA ASP A 352 -4.94 21.48 8.92
C ASP A 352 -5.38 22.58 7.98
N PRO A 353 -4.94 23.79 8.30
CA PRO A 353 -5.45 25.04 7.73
C PRO A 353 -5.35 25.08 6.23
N LYS A 354 -4.45 24.30 5.66
CA LYS A 354 -4.09 24.45 4.27
C LYS A 354 -5.02 23.64 3.38
N THR A 355 -5.72 22.67 3.95
CA THR A 355 -6.47 21.70 3.17
C THR A 355 -7.79 21.29 3.75
N SER A 356 -8.02 21.55 5.01
CA SER A 356 -9.35 21.24 5.47
C SER A 356 -10.09 22.56 5.62
N SER A 357 -11.41 22.50 5.63
CA SER A 357 -12.19 23.66 5.28
C SER A 357 -12.99 24.15 6.45
N ALA A 358 -13.79 25.17 6.22
CA ALA A 358 -14.59 25.70 7.29
C ALA A 358 -15.51 24.61 7.78
N SER A 359 -16.02 23.84 6.83
CA SER A 359 -17.03 22.86 7.16
C SER A 359 -16.38 21.72 7.94
N ASP A 360 -15.19 21.34 7.49
CA ASP A 360 -14.36 20.38 8.17
C ASP A 360 -14.18 20.74 9.64
N LYS A 361 -13.87 22.01 9.91
CA LYS A 361 -13.65 22.49 11.27
C LYS A 361 -14.91 22.35 12.12
N LEU A 362 -16.03 22.61 11.49
CA LEU A 362 -17.30 22.45 12.16
C LEU A 362 -17.56 20.98 12.48
N TRP A 363 -17.20 20.10 11.53
CA TRP A 363 -17.33 18.67 11.73
C TRP A 363 -16.46 18.20 12.90
N VAL A 364 -15.17 18.51 12.85
CA VAL A 364 -14.26 18.16 13.94
C VAL A 364 -14.72 18.70 15.31
N THR A 365 -15.12 19.98 15.36
CA THR A 365 -15.63 20.53 16.59
C THR A 365 -16.76 19.66 17.12
N ARG A 366 -17.74 19.46 16.25
CA ARG A 366 -18.91 18.64 16.55
C ARG A 366 -18.60 17.28 17.11
N VAL A 367 -17.74 16.53 16.43
CA VAL A 367 -17.44 15.16 16.85
C VAL A 367 -16.74 15.19 18.22
N ILE A 368 -15.78 16.10 18.37
CA ILE A 368 -15.14 16.30 19.67
C ILE A 368 -16.18 16.69 20.74
N ALA A 369 -17.11 17.59 20.39
CA ALA A 369 -18.18 17.95 21.32
C ALA A 369 -19.01 16.74 21.68
N HIS A 370 -19.33 15.90 20.67
CA HIS A 370 -20.09 14.65 20.83
C HIS A 370 -19.44 13.66 21.76
N GLU A 371 -18.18 13.34 21.50
CA GLU A 371 -17.47 12.35 22.29
C GLU A 371 -17.29 12.75 23.77
N LEU A 372 -17.07 14.04 24.04
CA LEU A 372 -16.87 14.44 25.42
C LEU A 372 -18.20 14.40 26.15
N ALA A 373 -19.28 14.80 25.51
CA ALA A 373 -20.57 14.72 26.15
C ALA A 373 -20.88 13.28 26.59
N HIS A 374 -20.27 12.31 25.94
CA HIS A 374 -20.57 10.90 26.22
C HIS A 374 -19.99 10.47 27.56
N GLN A 375 -18.90 11.11 27.92
CA GLN A 375 -18.19 10.82 29.14
C GLN A 375 -19.17 10.95 30.33
N TRP A 376 -20.01 11.98 30.29
CA TRP A 376 -21.17 12.03 31.19
C TRP A 376 -22.34 11.22 30.64
N PHE A 377 -22.88 11.65 29.50
CA PHE A 377 -24.04 10.95 28.93
C PHE A 377 -23.66 9.66 28.18
N GLY A 378 -23.51 8.57 28.92
CA GLY A 378 -23.11 7.32 28.33
C GLY A 378 -22.09 6.64 29.21
N ASN A 379 -21.01 7.33 29.51
CA ASN A 379 -19.93 6.72 30.30
C ASN A 379 -20.19 6.77 31.81
N LEU A 380 -20.43 7.97 32.34
CA LEU A 380 -20.80 8.13 33.73
C LEU A 380 -22.14 7.44 33.99
N VAL A 381 -23.23 8.05 33.55
CA VAL A 381 -24.55 7.40 33.48
C VAL A 381 -24.68 6.53 32.21
N THR A 382 -25.00 5.25 32.37
CA THR A 382 -25.09 4.35 31.22
C THR A 382 -26.47 3.79 31.05
N MET A 383 -26.91 3.61 29.80
CA MET A 383 -28.21 3.06 29.55
C MET A 383 -28.23 1.69 30.18
N GLU A 384 -29.36 1.28 30.74
CA GLU A 384 -29.44 -0.05 31.33
C GLU A 384 -29.24 -1.17 30.28
N TRP A 385 -29.85 -1.03 29.11
CA TRP A 385 -29.63 -1.97 28.02
C TRP A 385 -29.84 -1.28 26.65
N TRP A 386 -29.34 -1.89 25.59
CA TRP A 386 -29.32 -1.27 24.25
C TRP A 386 -30.69 -0.83 23.69
N ASN A 387 -31.77 -1.17 24.38
CA ASN A 387 -33.06 -0.73 23.93
C ASN A 387 -33.15 0.80 24.02
N ASP A 388 -32.42 1.36 24.98
CA ASP A 388 -32.50 2.78 25.25
C ASP A 388 -31.19 3.50 24.90
N ILE A 389 -30.51 2.98 23.90
CA ILE A 389 -29.30 3.58 23.38
C ILE A 389 -29.45 5.10 23.15
N TRP A 390 -30.66 5.56 22.91
CA TRP A 390 -30.85 6.98 22.64
C TRP A 390 -30.52 7.82 23.87
N LEU A 391 -30.59 7.22 25.04
CA LEU A 391 -30.30 7.94 26.29
C LEU A 391 -28.90 8.49 26.26
N LYS A 392 -27.99 7.65 25.80
CA LYS A 392 -26.62 7.98 25.39
C LYS A 392 -26.55 8.88 24.16
N GLU A 393 -27.20 8.44 23.08
CA GLU A 393 -26.86 8.99 21.77
C GLU A 393 -27.65 10.22 21.37
N GLY A 394 -28.92 10.31 21.77
CA GLY A 394 -29.66 11.53 21.59
C GLY A 394 -29.21 12.70 22.45
N PHE A 395 -28.77 12.41 23.67
CA PHE A 395 -28.29 13.49 24.54
C PHE A 395 -26.95 14.01 24.05
N ALA A 396 -26.13 13.08 23.58
CA ALA A 396 -24.83 13.47 23.15
C ALA A 396 -24.95 14.31 21.91
N LYS A 397 -25.84 13.89 20.99
CA LYS A 397 -26.11 14.66 19.77
C LYS A 397 -26.67 16.05 20.12
N TYR A 398 -27.66 16.07 21.00
CA TYR A 398 -28.18 17.32 21.48
C TYR A 398 -27.12 18.20 22.12
N MET A 399 -26.35 17.63 23.08
CA MET A 399 -25.33 18.43 23.77
C MET A 399 -24.25 18.97 22.81
N GLU A 400 -24.17 18.43 21.59
CA GLU A 400 -23.34 19.02 20.52
C GLU A 400 -23.74 20.48 20.32
N LEU A 401 -25.05 20.69 20.21
CA LEU A 401 -25.59 22.00 19.89
C LEU A 401 -25.34 22.99 21.03
N ILE A 402 -25.61 22.55 22.25
CA ILE A 402 -25.42 23.44 23.38
C ILE A 402 -23.97 23.88 23.52
N ALA A 403 -23.06 22.92 23.43
CA ALA A 403 -21.67 23.17 23.78
C ALA A 403 -20.93 23.94 22.70
N VAL A 404 -21.14 23.55 21.45
CA VAL A 404 -20.49 24.24 20.35
C VAL A 404 -21.00 25.68 20.22
N ASN A 405 -22.29 25.87 20.42
CA ASN A 405 -22.84 27.21 20.51
C ASN A 405 -22.22 28.02 21.65
N ALA A 406 -22.16 27.41 22.83
CA ALA A 406 -21.49 28.01 23.98
C ALA A 406 -20.04 28.42 23.70
N THR A 407 -19.24 27.49 23.22
CA THR A 407 -17.81 27.66 23.16
C THR A 407 -17.31 28.18 21.82
N TYR A 408 -18.14 28.09 20.79
CA TYR A 408 -17.68 28.43 19.44
C TYR A 408 -18.81 29.05 18.58
N PRO A 409 -19.46 30.09 19.10
CA PRO A 409 -20.65 30.63 18.43
C PRO A 409 -20.34 31.17 17.04
N GLU A 410 -19.07 31.46 16.81
CA GLU A 410 -18.63 31.93 15.51
C GLU A 410 -18.75 30.84 14.44
N LEU A 411 -18.87 29.59 14.87
CA LEU A 411 -19.06 28.47 13.94
C LEU A 411 -20.49 28.48 13.45
N GLN A 412 -21.30 29.29 14.12
CA GLN A 412 -22.64 29.54 13.66
C GLN A 412 -23.41 28.23 13.59
N PHE A 413 -23.04 27.28 14.44
CA PHE A 413 -23.61 25.94 14.35
C PHE A 413 -25.08 25.88 14.76
N ASP A 414 -25.61 26.97 15.31
CA ASP A 414 -27.01 26.92 15.76
C ASP A 414 -27.93 26.86 14.57
N ASP A 415 -27.59 27.63 13.55
CA ASP A 415 -28.37 27.64 12.32
C ASP A 415 -28.40 26.24 11.70
N TYR A 416 -27.26 25.59 11.67
CA TYR A 416 -27.14 24.29 11.01
C TYR A 416 -27.96 23.16 11.61
N PHE A 417 -28.35 23.26 12.87
CA PHE A 417 -28.87 22.11 13.59
C PHE A 417 -30.28 21.67 13.15
N LEU A 418 -31.03 22.55 12.50
CA LEU A 418 -32.31 22.13 11.93
C LEU A 418 -32.15 20.99 10.91
N ASN A 419 -31.05 21.02 10.15
CA ASN A 419 -30.73 19.95 9.21
C ASN A 419 -30.73 18.60 9.92
N VAL A 420 -30.25 18.59 11.15
CA VAL A 420 -30.23 17.35 11.93
C VAL A 420 -31.63 16.83 11.99
N CYS A 421 -32.57 17.74 12.23
CA CYS A 421 -33.95 17.35 12.51
C CYS A 421 -34.68 17.02 11.22
N PHE A 422 -34.50 17.86 10.20
CA PHE A 422 -35.09 17.59 8.90
C PHE A 422 -34.68 16.19 8.46
N GLU A 423 -33.39 15.90 8.39
CA GLU A 423 -32.90 14.57 8.00
C GLU A 423 -33.69 13.39 8.59
N VAL A 424 -34.09 13.44 9.85
CA VAL A 424 -34.84 12.31 10.39
C VAL A 424 -36.24 12.25 9.86
N ILE A 425 -36.82 13.42 9.64
CA ILE A 425 -38.20 13.47 9.24
C ILE A 425 -38.36 12.63 7.95
N THR A 426 -37.37 12.72 7.06
CA THR A 426 -37.29 11.87 5.89
C THR A 426 -37.64 10.40 6.13
N LYS A 427 -36.99 9.78 7.11
CA LYS A 427 -37.22 8.35 7.38
C LYS A 427 -38.39 8.19 8.33
N ASP A 428 -38.51 9.10 9.29
CA ASP A 428 -39.57 9.05 10.29
C ASP A 428 -40.95 9.24 9.67
N SER A 429 -40.98 9.65 8.39
CA SER A 429 -42.25 9.86 7.70
C SER A 429 -42.60 8.69 6.80
N LEU A 430 -41.87 7.60 6.93
CA LEU A 430 -42.23 6.39 6.24
C LEU A 430 -42.79 5.42 7.26
N ASN A 431 -43.50 4.40 6.80
CA ASN A 431 -44.10 3.47 7.75
C ASN A 431 -43.01 2.67 8.43
N SER A 432 -41.98 2.33 7.66
CA SER A 432 -40.88 1.49 8.15
C SER A 432 -40.07 2.12 9.28
N SER A 433 -40.48 3.28 9.77
CA SER A 433 -39.75 3.87 10.86
C SER A 433 -39.93 3.03 12.12
N ARG A 434 -39.25 3.44 13.19
CA ARG A 434 -39.35 2.75 14.46
C ARG A 434 -39.49 3.78 15.54
N PRO A 435 -39.94 3.35 16.73
CA PRO A 435 -39.92 4.32 17.81
C PRO A 435 -38.48 4.50 18.25
N ILE A 436 -38.19 5.67 18.81
CA ILE A 436 -36.86 5.98 19.35
C ILE A 436 -36.32 4.85 20.19
N SER A 437 -37.17 4.34 21.08
CA SER A 437 -36.80 3.32 22.05
C SER A 437 -37.61 2.06 21.83
N LYS A 438 -37.00 1.02 21.27
CA LYS A 438 -37.67 -0.26 21.09
C LYS A 438 -36.75 -1.43 21.46
N PRO A 439 -37.31 -2.61 21.74
CA PRO A 439 -36.54 -3.79 22.13
C PRO A 439 -35.52 -4.30 21.10
N ALA A 440 -34.45 -4.94 21.60
CA ALA A 440 -33.34 -5.47 20.77
C ALA A 440 -32.58 -6.58 21.50
N GLU A 441 -32.11 -7.56 20.74
CA GLU A 441 -31.48 -8.71 21.37
C GLU A 441 -30.23 -9.17 20.66
N THR A 442 -30.34 -9.62 19.40
CA THR A 442 -29.14 -10.11 18.70
C THR A 442 -28.12 -8.98 18.55
N PRO A 443 -26.82 -9.32 18.38
CA PRO A 443 -25.89 -8.20 18.29
C PRO A 443 -26.19 -7.45 17.03
N THR A 444 -26.71 -8.12 16.00
CA THR A 444 -27.09 -7.45 14.76
C THR A 444 -28.24 -6.47 14.94
N GLN A 445 -29.24 -6.82 15.73
CA GLN A 445 -30.23 -5.82 16.14
C GLN A 445 -29.63 -4.68 16.96
N ILE A 446 -28.65 -4.98 17.80
CA ILE A 446 -28.14 -3.93 18.66
C ILE A 446 -27.38 -2.98 17.76
N GLN A 447 -26.81 -3.51 16.69
CA GLN A 447 -26.07 -2.65 15.80
C GLN A 447 -27.08 -1.81 15.01
N GLU A 448 -28.27 -2.32 14.86
CA GLU A 448 -29.25 -1.58 14.11
C GLU A 448 -29.81 -0.40 14.89
N MET A 449 -29.61 -0.36 16.20
CA MET A 449 -30.19 0.76 16.96
C MET A 449 -29.42 2.06 16.72
N PHE A 450 -28.29 1.98 16.03
CA PHE A 450 -27.46 3.14 15.75
C PHE A 450 -27.91 3.80 14.44
N ASP A 451 -28.85 4.73 14.53
CA ASP A 451 -29.47 5.26 13.35
C ASP A 451 -30.14 6.55 13.72
N GLU A 452 -30.58 7.30 12.71
CA GLU A 452 -30.99 8.68 12.84
C GLU A 452 -32.06 8.85 13.88
N VAL A 453 -32.74 7.76 14.20
CA VAL A 453 -33.79 7.85 15.18
C VAL A 453 -33.19 8.00 16.57
N SER A 454 -32.24 7.12 16.86
CA SER A 454 -31.53 7.12 18.12
C SER A 454 -30.73 8.40 18.31
N TYR A 455 -30.23 8.94 17.21
CA TYR A 455 -29.36 10.07 17.31
C TYR A 455 -30.14 11.37 17.12
N ASN A 456 -30.42 11.73 15.87
CA ASN A 456 -31.09 12.99 15.52
C ASN A 456 -32.45 13.16 16.16
N LYS A 457 -33.29 12.14 16.06
CA LYS A 457 -34.66 12.31 16.55
C LYS A 457 -34.56 12.55 18.04
N GLY A 458 -33.81 11.70 18.72
CA GLY A 458 -33.57 11.87 20.13
C GLY A 458 -33.12 13.29 20.45
N ALA A 459 -32.12 13.78 19.73
CA ALA A 459 -31.63 15.11 20.00
C ALA A 459 -32.76 16.09 19.79
N CYS A 460 -33.58 15.80 18.80
CA CYS A 460 -34.56 16.77 18.37
C CYS A 460 -35.66 16.98 19.37
N ILE A 461 -36.22 15.90 19.91
CA ILE A 461 -37.28 16.06 20.89
C ILE A 461 -36.71 16.63 22.18
N LEU A 462 -35.44 16.41 22.45
CA LEU A 462 -34.86 17.03 23.61
C LEU A 462 -34.73 18.51 23.37
N ASN A 463 -34.66 18.92 22.11
CA ASN A 463 -34.61 20.33 21.82
C ASN A 463 -36.01 20.89 21.90
N MET A 464 -36.98 20.04 21.61
CA MET A 464 -38.35 20.45 21.77
C MET A 464 -38.59 20.72 23.22
N LEU A 465 -38.26 19.71 24.02
CA LEU A 465 -38.55 19.71 25.45
C LEU A 465 -37.86 20.86 26.16
N LYS A 466 -36.62 21.18 25.75
CA LYS A 466 -35.99 22.34 26.33
C LYS A 466 -36.84 23.62 26.06
N ASP A 467 -37.42 23.75 24.88
CA ASP A 467 -38.13 24.99 24.57
C ASP A 467 -39.35 25.11 25.46
N PHE A 468 -39.98 23.97 25.69
CA PHE A 468 -41.02 23.88 26.68
C PHE A 468 -40.50 24.40 28.03
N LEU A 469 -39.65 23.61 28.71
CA LEU A 469 -39.31 23.92 30.10
C LEU A 469 -38.33 25.07 30.28
N GLY A 470 -37.73 25.57 29.20
CA GLY A 470 -36.74 26.63 29.33
C GLY A 470 -35.37 26.10 29.75
N GLU A 471 -34.33 26.81 29.31
CA GLU A 471 -32.95 26.37 29.51
C GLU A 471 -32.68 26.05 30.97
N GLU A 472 -32.90 27.03 31.84
CA GLU A 472 -32.49 26.95 33.24
C GLU A 472 -33.15 25.78 33.94
N LYS A 473 -34.37 25.48 33.57
CA LYS A 473 -35.05 24.35 34.16
C LYS A 473 -34.47 23.06 33.62
N PHE A 474 -34.32 22.99 32.29
CA PHE A 474 -33.71 21.86 31.59
C PHE A 474 -32.34 21.46 32.16
N GLN A 475 -31.42 22.43 32.17
CA GLN A 475 -30.10 22.29 32.77
C GLN A 475 -30.16 21.71 34.17
N LYS A 476 -31.12 22.20 34.96
CA LYS A 476 -31.28 21.69 36.31
C LYS A 476 -31.61 20.20 36.23
N GLY A 477 -32.62 19.87 35.43
CA GLY A 477 -33.10 18.51 35.33
C GLY A 477 -32.01 17.59 34.87
N ILE A 478 -31.18 18.09 33.96
CA ILE A 478 -30.09 17.30 33.44
C ILE A 478 -29.14 17.01 34.57
N ILE A 479 -28.66 18.08 35.20
CA ILE A 479 -27.69 17.98 36.30
C ILE A 479 -28.13 17.03 37.40
N GLN A 480 -29.43 17.01 37.68
CA GLN A 480 -29.96 16.03 38.61
C GLN A 480 -29.81 14.61 38.07
N TYR A 481 -30.27 14.36 36.85
CA TYR A 481 -30.20 13.03 36.27
C TYR A 481 -28.78 12.47 36.29
N LEU A 482 -27.81 13.32 35.98
CA LEU A 482 -26.42 12.87 35.88
C LEU A 482 -25.90 12.50 37.26
N LYS A 483 -26.29 13.27 38.27
CA LYS A 483 -25.86 13.02 39.65
C LYS A 483 -26.48 11.77 40.26
N LYS A 484 -27.80 11.64 40.18
CA LYS A 484 -28.53 10.53 40.76
C LYS A 484 -28.16 9.18 40.17
N PHE A 485 -27.41 9.18 39.09
CA PHE A 485 -27.18 7.93 38.38
C PHE A 485 -25.73 7.72 38.02
N SER A 486 -24.88 8.67 38.37
CA SER A 486 -23.43 8.51 38.25
C SER A 486 -23.00 7.11 38.61
N TYR A 487 -22.02 6.60 37.88
CA TYR A 487 -21.40 5.30 38.18
C TYR A 487 -22.36 4.10 38.19
N ARG A 488 -23.62 4.32 37.88
CA ARG A 488 -24.54 3.21 37.57
C ARG A 488 -25.34 3.46 36.29
N ASN A 489 -26.50 2.81 36.20
CA ASN A 489 -27.32 2.87 34.98
C ASN A 489 -28.73 3.42 35.17
N ALA A 490 -29.40 3.69 34.06
CA ALA A 490 -30.77 4.23 34.03
C ALA A 490 -31.53 3.73 32.79
N LYS A 491 -32.83 3.90 32.79
CA LYS A 491 -33.61 3.52 31.63
C LYS A 491 -34.49 4.67 31.25
N ASN A 492 -35.14 4.57 30.10
CA ASN A 492 -36.02 5.61 29.61
C ASN A 492 -36.74 6.41 30.70
N ASP A 493 -37.52 5.69 31.49
CA ASP A 493 -38.38 6.31 32.49
C ASP A 493 -37.68 7.17 33.56
N ASP A 494 -36.46 6.79 33.93
CA ASP A 494 -35.68 7.53 34.90
C ASP A 494 -35.38 8.93 34.43
N LEU A 495 -35.11 9.08 33.13
CA LEU A 495 -34.79 10.37 32.57
C LEU A 495 -35.99 11.29 32.66
N TRP A 496 -37.16 10.75 32.36
CA TRP A 496 -38.38 11.56 32.40
C TRP A 496 -38.65 12.02 33.83
N SER A 497 -38.75 11.06 34.76
CA SER A 497 -38.89 11.34 36.17
C SER A 497 -37.93 12.44 36.63
N SER A 498 -36.66 12.30 36.28
CA SER A 498 -35.67 13.28 36.68
C SER A 498 -35.89 14.63 35.99
N LEU A 499 -36.21 14.59 34.71
CA LEU A 499 -36.33 15.82 33.92
C LEU A 499 -37.63 16.54 34.22
N SER A 500 -38.62 15.74 34.58
CA SER A 500 -39.93 16.27 34.95
C SER A 500 -39.88 16.89 36.34
N ASN A 501 -39.28 16.14 37.28
CA ASN A 501 -39.15 16.57 38.67
C ASN A 501 -37.92 17.47 38.85
N SER A 502 -37.93 18.59 38.14
CA SER A 502 -36.80 19.49 38.11
C SER A 502 -36.93 20.62 39.13
N CYS A 503 -35.80 21.24 39.43
CA CYS A 503 -35.76 22.34 40.39
C CYS A 503 -34.94 23.53 39.84
N GLY A 512 -38.06 26.60 49.55
CA GLY A 512 -38.99 26.45 48.45
C GLY A 512 -39.54 25.04 48.39
N VAL A 513 -39.79 24.55 47.17
CA VAL A 513 -40.31 23.20 46.98
C VAL A 513 -39.25 22.16 47.34
N CYS A 514 -38.22 22.04 46.51
CA CYS A 514 -37.07 21.20 46.81
C CYS A 514 -36.18 21.93 47.81
N HIS A 515 -35.80 21.25 48.89
CA HIS A 515 -36.14 19.85 49.13
C HIS A 515 -36.53 19.63 50.61
N SER A 516 -36.36 20.66 51.44
CA SER A 516 -36.69 20.57 52.87
C SER A 516 -38.06 21.17 53.21
N MET A 520 -46.34 23.91 51.89
CA MET A 520 -47.48 23.27 51.26
C MET A 520 -48.30 24.26 50.42
N THR A 521 -47.65 25.29 49.91
CA THR A 521 -48.32 26.46 49.32
C THR A 521 -49.17 26.14 48.09
N SER A 522 -49.97 27.12 47.66
CA SER A 522 -50.71 27.06 46.42
C SER A 522 -49.72 27.16 45.25
N ASN A 523 -50.16 26.77 44.05
CA ASN A 523 -49.30 26.67 42.86
C ASN A 523 -48.14 25.67 43.07
N MET A 524 -48.17 24.96 44.20
CA MET A 524 -47.24 23.88 44.49
C MET A 524 -47.89 22.55 44.10
N LEU A 525 -49.22 22.55 44.03
CA LEU A 525 -49.96 21.45 43.43
C LEU A 525 -49.89 21.51 41.90
N ALA A 526 -49.81 22.72 41.36
CA ALA A 526 -49.63 22.89 39.93
C ALA A 526 -48.28 22.33 39.49
N PHE A 527 -47.27 22.46 40.35
CA PHE A 527 -45.94 21.96 40.04
C PHE A 527 -45.91 20.43 39.90
N LEU A 528 -46.42 19.72 40.90
CA LEU A 528 -46.47 18.25 40.87
C LEU A 528 -47.49 17.73 39.85
N GLY A 529 -48.34 18.62 39.36
CA GLY A 529 -49.28 18.29 38.30
C GLY A 529 -48.64 18.54 36.95
N GLU A 530 -48.06 19.74 36.79
CA GLU A 530 -47.29 20.09 35.60
C GLU A 530 -46.15 19.10 35.36
N ASN A 531 -45.55 18.64 36.45
CA ASN A 531 -44.50 17.64 36.36
C ASN A 531 -45.03 16.36 35.74
N ALA A 532 -46.11 15.82 36.30
CA ALA A 532 -46.68 14.58 35.79
C ALA A 532 -47.08 14.73 34.32
N GLU A 533 -47.35 15.96 33.90
CA GLU A 533 -47.66 16.27 32.52
CA GLU A 533 -47.67 16.20 32.50
C GLU A 533 -46.43 16.06 31.64
N VAL A 534 -45.39 16.81 31.97
CA VAL A 534 -44.11 16.76 31.27
C VAL A 534 -43.66 15.32 31.09
N LYS A 535 -43.81 14.49 32.11
CA LYS A 535 -43.49 13.09 31.92
C LYS A 535 -44.49 12.42 30.98
N GLU A 536 -45.77 12.72 31.16
CA GLU A 536 -46.79 12.00 30.39
C GLU A 536 -46.58 12.21 28.91
N MET A 537 -46.07 13.39 28.58
CA MET A 537 -45.79 13.84 27.22
C MET A 537 -44.74 12.98 26.50
N MET A 538 -43.50 13.20 26.90
CA MET A 538 -42.35 12.54 26.33
C MET A 538 -42.48 11.02 26.17
N THR A 539 -43.29 10.38 27.02
CA THR A 539 -43.55 8.95 26.86
C THR A 539 -44.04 8.63 25.46
N THR A 540 -44.84 9.54 24.90
CA THR A 540 -45.43 9.29 23.59
C THR A 540 -44.44 9.52 22.44
N TRP A 541 -43.48 10.41 22.63
CA TRP A 541 -42.45 10.65 21.60
C TRP A 541 -41.44 9.51 21.54
N THR A 542 -41.34 8.75 22.62
CA THR A 542 -40.37 7.68 22.63
C THR A 542 -40.95 6.31 22.27
N LEU A 543 -42.23 6.08 22.47
CA LEU A 543 -42.77 4.76 22.14
C LEU A 543 -43.62 4.71 20.87
N GLN A 544 -43.93 5.88 20.33
CA GLN A 544 -44.63 6.01 19.05
C GLN A 544 -43.67 6.29 17.88
N LYS A 545 -43.81 5.53 16.80
CA LYS A 545 -43.02 5.79 15.60
C LYS A 545 -43.51 7.07 14.89
N GLY A 546 -42.77 7.52 13.88
CA GLY A 546 -43.20 8.68 13.09
C GLY A 546 -43.37 10.02 13.77
N ILE A 547 -43.64 11.05 12.96
CA ILE A 547 -43.84 12.43 13.42
C ILE A 547 -45.27 12.92 13.18
N PRO A 548 -45.81 13.78 14.06
CA PRO A 548 -47.17 14.27 13.80
C PRO A 548 -47.32 15.47 12.85
N LEU A 549 -48.39 15.41 12.07
CA LEU A 549 -48.83 16.54 11.26
C LEU A 549 -49.91 17.37 11.97
N LEU A 550 -49.64 18.64 12.16
CA LEU A 550 -50.65 19.51 12.73
C LEU A 550 -51.28 20.33 11.62
N VAL A 551 -52.59 20.15 11.46
CA VAL A 551 -53.35 20.93 10.48
C VAL A 551 -54.05 22.12 11.13
N VAL A 552 -53.82 23.30 10.58
CA VAL A 552 -54.40 24.53 11.10
C VAL A 552 -55.37 25.20 10.10
N LYS A 553 -56.63 25.36 10.50
CA LYS A 553 -57.63 26.07 9.70
C LYS A 553 -57.96 27.42 10.34
N GLN A 554 -57.75 28.51 9.60
CA GLN A 554 -58.04 29.85 10.10
C GLN A 554 -59.46 30.29 9.72
N ASP A 555 -60.26 30.69 10.70
CA ASP A 555 -61.67 31.06 10.48
C ASP A 555 -62.06 32.33 11.22
N GLY A 556 -61.68 33.48 10.68
CA GLY A 556 -61.92 34.74 11.37
C GLY A 556 -60.97 34.89 12.55
N CYS A 557 -61.47 34.60 13.77
CA CYS A 557 -60.62 34.61 14.95
C CYS A 557 -60.64 33.22 15.61
N SER A 558 -61.14 32.24 14.88
CA SER A 558 -61.19 30.86 15.34
C SER A 558 -60.21 29.97 14.56
N LEU A 559 -59.18 29.48 15.25
CA LEU A 559 -58.19 28.56 14.68
C LEU A 559 -58.46 27.12 15.11
N ARG A 560 -58.75 26.23 14.17
CA ARG A 560 -59.02 24.85 14.54
C ARG A 560 -57.81 23.98 14.24
N LEU A 561 -57.54 23.03 15.13
CA LEU A 561 -56.33 22.22 15.10
C LEU A 561 -56.66 20.73 15.00
N GLN A 562 -56.09 20.08 14.00
CA GLN A 562 -56.26 18.65 13.83
C GLN A 562 -54.89 17.97 13.96
N GLN A 563 -54.86 16.78 14.54
CA GLN A 563 -53.61 16.04 14.72
C GLN A 563 -53.60 14.74 13.88
N GLU A 564 -52.51 14.53 13.15
CA GLU A 564 -52.40 13.42 12.20
C GLU A 564 -50.97 12.87 12.14
N ARG A 565 -50.83 11.57 11.84
CA ARG A 565 -49.50 10.98 11.68
C ARG A 565 -48.96 11.22 10.29
N PHE A 566 -48.06 12.18 10.14
CA PHE A 566 -47.50 12.53 8.83
C PHE A 566 -46.96 11.34 8.04
N LEU A 567 -47.60 11.00 6.94
CA LEU A 567 -47.13 9.94 6.07
C LEU A 567 -46.68 10.53 4.75
N GLN A 568 -46.07 9.71 3.90
CA GLN A 568 -45.46 10.23 2.69
C GLN A 568 -45.38 9.16 1.62
N GLY A 569 -45.97 9.46 0.46
CA GLY A 569 -46.23 8.41 -0.50
C GLY A 569 -47.49 7.68 -0.05
N VAL A 570 -48.32 8.41 0.68
CA VAL A 570 -49.58 7.92 1.19
C VAL A 570 -50.46 9.15 1.37
N PHE A 571 -51.60 9.16 0.68
CA PHE A 571 -52.44 10.35 0.59
C PHE A 571 -53.70 10.13 1.43
N GLN A 572 -54.37 11.22 1.80
CA GLN A 572 -55.48 11.17 2.76
C GLN A 572 -56.69 10.37 2.25
N GLU A 573 -56.75 10.17 0.94
CA GLU A 573 -57.85 9.45 0.32
C GLU A 573 -57.48 7.99 0.08
N ASP A 574 -56.18 7.71 -0.04
CA ASP A 574 -55.68 6.39 -0.41
C ASP A 574 -56.13 5.31 0.58
N PRO A 575 -56.45 4.10 0.06
CA PRO A 575 -56.96 2.97 0.84
C PRO A 575 -56.19 2.66 2.12
N GLU A 576 -54.87 2.79 2.06
CA GLU A 576 -54.01 2.44 3.18
C GLU A 576 -54.00 3.48 4.30
N TRP A 577 -54.10 4.75 3.91
CA TRP A 577 -53.88 5.86 4.82
C TRP A 577 -54.61 5.77 6.15
N ARG A 578 -55.80 5.18 6.17
CA ARG A 578 -56.65 5.25 7.36
C ARG A 578 -56.31 4.17 8.40
N ALA A 579 -55.80 3.04 7.94
CA ALA A 579 -55.31 2.03 8.86
C ALA A 579 -54.00 2.52 9.52
N LEU A 580 -53.14 3.10 8.69
CA LEU A 580 -51.87 3.66 9.17
C LEU A 580 -52.07 4.85 10.12
N GLN A 581 -53.31 5.30 10.29
CA GLN A 581 -53.58 6.43 11.18
C GLN A 581 -53.91 5.98 12.59
N GLU A 582 -54.17 4.67 12.74
CA GLU A 582 -54.26 3.95 14.03
C GLU A 582 -54.50 4.75 15.30
N ARG A 583 -53.83 4.34 16.36
CA ARG A 583 -54.00 4.96 17.66
C ARG A 583 -52.99 6.09 17.89
N TYR A 584 -52.46 6.64 16.80
CA TYR A 584 -51.40 7.63 16.92
C TYR A 584 -51.89 8.94 17.51
N LEU A 585 -51.28 9.32 18.62
CA LEU A 585 -51.60 10.56 19.28
C LEU A 585 -50.40 11.09 20.04
N TRP A 586 -50.19 12.40 19.97
CA TRP A 586 -49.06 13.04 20.65
C TRP A 586 -49.48 14.21 21.49
N HIS A 587 -48.71 14.48 22.52
CA HIS A 587 -48.81 15.73 23.27
C HIS A 587 -47.83 16.73 22.65
N ILE A 588 -48.34 17.59 21.78
CA ILE A 588 -47.48 18.43 20.95
C ILE A 588 -47.39 19.85 21.49
N PRO A 589 -46.32 20.15 22.22
CA PRO A 589 -46.18 21.53 22.69
C PRO A 589 -46.21 22.47 21.51
N LEU A 590 -47.39 22.96 21.15
CA LEU A 590 -47.50 23.92 20.06
C LEU A 590 -47.01 25.28 20.49
N THR A 591 -46.74 26.11 19.49
CA THR A 591 -46.34 27.49 19.68
C THR A 591 -46.90 28.21 18.46
N TYR A 592 -47.04 29.54 18.51
CA TYR A 592 -47.36 30.30 17.29
C TYR A 592 -47.19 31.79 17.44
N SER A 593 -47.18 32.46 16.31
CA SER A 593 -47.07 33.90 16.29
C SER A 593 -47.92 34.40 15.13
N THR A 594 -48.36 35.64 15.23
CA THR A 594 -49.29 36.19 14.26
C THR A 594 -48.72 37.43 13.61
N SER A 595 -49.26 37.76 12.44
CA SER A 595 -48.80 38.91 11.65
C SER A 595 -49.01 40.20 12.41
N SER A 596 -49.83 40.13 13.46
CA SER A 596 -50.17 41.31 14.24
C SER A 596 -49.38 41.37 15.56
N SER A 597 -48.91 40.24 16.07
CA SER A 597 -48.13 40.25 17.30
C SER A 597 -47.03 39.20 17.26
N ASN A 598 -45.78 39.69 17.25
CA ASN A 598 -44.62 38.80 17.29
C ASN A 598 -44.46 38.08 18.64
N VAL A 599 -45.29 38.45 19.61
CA VAL A 599 -45.37 37.76 20.89
C VAL A 599 -45.77 36.30 20.73
N ILE A 600 -45.01 35.41 21.36
CA ILE A 600 -45.12 33.97 21.16
C ILE A 600 -46.11 33.33 22.12
N HIS A 601 -47.06 32.58 21.60
CA HIS A 601 -48.08 31.93 22.42
C HIS A 601 -47.81 30.45 22.47
N ARG A 602 -48.28 29.76 23.50
CA ARG A 602 -47.97 28.34 23.65
C ARG A 602 -49.16 27.50 24.10
N HIS A 603 -49.38 26.36 23.46
CA HIS A 603 -50.48 25.50 23.89
C HIS A 603 -50.29 24.01 23.60
N ILE A 604 -50.50 23.18 24.63
CA ILE A 604 -50.33 21.74 24.53
C ILE A 604 -51.55 21.02 23.97
N LEU A 605 -51.47 20.53 22.74
CA LEU A 605 -52.58 19.80 22.15
C LEU A 605 -52.59 18.32 22.56
N LYS A 606 -53.23 17.99 23.68
CA LYS A 606 -53.25 16.60 24.12
C LYS A 606 -54.27 15.68 23.47
N SER A 607 -54.78 16.03 22.28
CA SER A 607 -55.88 15.25 21.69
C SER A 607 -56.04 15.35 20.17
N LYS A 608 -56.92 14.51 19.63
CA LYS A 608 -57.18 14.39 18.18
C LYS A 608 -57.56 15.69 17.48
N THR A 609 -58.30 16.54 18.18
CA THR A 609 -58.66 17.86 17.64
C THR A 609 -58.91 18.90 18.72
N ASP A 610 -58.73 20.17 18.38
CA ASP A 610 -58.97 21.25 19.33
C ASP A 610 -58.96 22.67 18.70
N THR A 611 -59.34 23.68 19.49
CA THR A 611 -59.71 25.00 18.98
C THR A 611 -59.23 26.19 19.82
N LEU A 612 -58.56 27.15 19.21
CA LEU A 612 -58.05 28.30 19.96
C LEU A 612 -58.64 29.60 19.44
N ASP A 613 -58.88 30.55 20.34
CA ASP A 613 -59.58 31.78 19.99
C ASP A 613 -58.64 32.97 19.88
N LEU A 614 -58.40 33.40 18.64
CA LEU A 614 -57.41 34.42 18.35
C LEU A 614 -57.87 35.85 18.67
N PRO A 615 -57.06 36.57 19.47
CA PRO A 615 -57.25 38.02 19.64
C PRO A 615 -56.83 38.75 18.38
N GLU A 616 -57.24 40.00 18.21
CA GLU A 616 -56.90 40.82 17.05
C GLU A 616 -57.47 40.29 15.73
N LYS A 617 -57.20 39.02 15.41
CA LYS A 617 -57.67 38.39 14.17
C LYS A 617 -57.05 39.08 12.94
N THR A 618 -56.08 38.42 12.32
CA THR A 618 -55.16 39.10 11.42
C THR A 618 -54.76 38.28 10.17
N SER A 619 -53.92 38.87 9.32
CA SER A 619 -53.51 38.32 8.01
C SER A 619 -53.14 36.83 8.00
N TRP A 620 -52.01 36.48 8.63
CA TRP A 620 -51.63 35.07 8.74
C TRP A 620 -51.25 34.64 10.17
N VAL A 621 -51.18 33.33 10.35
CA VAL A 621 -50.74 32.70 11.59
C VAL A 621 -49.53 31.81 11.26
N LYS A 622 -48.56 31.72 12.18
CA LYS A 622 -47.38 30.87 11.99
C LYS A 622 -47.14 29.93 13.17
N PHE A 623 -47.54 28.68 13.01
CA PHE A 623 -47.25 27.67 14.00
C PHE A 623 -45.83 27.11 13.84
N ASN A 624 -45.33 26.52 14.93
CA ASN A 624 -43.93 26.12 15.12
C ASN A 624 -42.94 27.25 14.91
N VAL A 625 -42.87 28.14 15.90
CA VAL A 625 -41.95 29.27 15.85
C VAL A 625 -40.55 28.74 15.84
N ASP A 626 -39.75 29.21 14.89
CA ASP A 626 -38.37 28.77 14.74
C ASP A 626 -38.15 27.23 14.59
N SER A 627 -39.24 26.47 14.45
CA SER A 627 -39.20 25.02 14.22
C SER A 627 -38.67 24.19 15.39
N ASN A 628 -38.69 24.74 16.59
CA ASN A 628 -38.24 24.01 17.78
C ASN A 628 -39.02 22.76 18.12
N GLY A 629 -39.99 22.36 17.28
CA GLY A 629 -40.89 21.30 17.67
C GLY A 629 -40.95 20.22 16.62
N TYR A 630 -41.05 18.98 17.08
CA TYR A 630 -40.96 17.88 16.15
C TYR A 630 -42.31 17.61 15.50
N TYR A 631 -42.78 18.57 14.72
CA TYR A 631 -44.03 18.39 13.99
C TYR A 631 -43.98 19.22 12.71
N ILE A 632 -44.77 18.81 11.74
CA ILE A 632 -44.98 19.62 10.54
C ILE A 632 -46.35 20.29 10.68
N VAL A 633 -46.48 21.56 10.24
CA VAL A 633 -47.79 22.24 10.17
C VAL A 633 -48.30 22.47 8.74
N HIS A 634 -49.61 22.28 8.58
CA HIS A 634 -50.31 22.54 7.31
C HIS A 634 -51.28 23.71 7.44
N TYR A 635 -51.50 24.43 6.35
CA TYR A 635 -52.46 25.53 6.39
C TYR A 635 -53.59 25.36 5.34
N GLU A 636 -54.72 24.76 5.77
CA GLU A 636 -55.93 24.74 4.96
C GLU A 636 -56.43 26.16 4.71
N GLY A 637 -57.17 26.37 3.63
CA GLY A 637 -57.67 27.69 3.34
C GLY A 637 -56.62 28.57 2.70
N HIS A 638 -56.42 29.76 3.26
CA HIS A 638 -55.54 30.74 2.63
C HIS A 638 -54.25 31.01 3.40
N GLY A 639 -54.00 30.20 4.43
CA GLY A 639 -52.74 30.27 5.18
C GLY A 639 -51.50 30.15 4.31
N TRP A 640 -51.41 29.06 3.54
CA TRP A 640 -50.25 28.87 2.69
C TRP A 640 -50.09 30.05 1.75
N ASP A 641 -51.23 30.56 1.26
CA ASP A 641 -51.24 31.73 0.37
C ASP A 641 -50.85 33.04 1.06
N GLN A 642 -51.47 33.29 2.21
CA GLN A 642 -51.12 34.43 3.04
C GLN A 642 -49.62 34.45 3.29
N LEU A 643 -49.11 33.31 3.76
CA LEU A 643 -47.71 33.20 4.16
C LEU A 643 -46.71 33.37 3.00
N ILE A 644 -46.95 32.69 1.89
CA ILE A 644 -46.13 32.93 0.68
C ILE A 644 -46.23 34.38 0.19
N THR A 645 -47.41 34.98 0.35
CA THR A 645 -47.58 36.39 0.02
C THR A 645 -46.67 37.23 0.92
N GLN A 646 -46.77 36.98 2.23
CA GLN A 646 -45.96 37.71 3.20
C GLN A 646 -44.49 37.50 2.92
N LEU A 647 -44.17 36.25 2.58
CA LEU A 647 -42.81 35.87 2.19
C LEU A 647 -42.30 36.62 0.97
N ASN A 648 -43.22 37.07 0.12
CA ASN A 648 -42.85 37.69 -1.13
C ASN A 648 -42.71 39.21 -1.08
N GLN A 649 -43.30 39.84 -0.07
CA GLN A 649 -43.28 41.30 0.02
C GLN A 649 -42.39 41.82 1.16
N ASN A 650 -42.68 41.43 2.40
CA ASN A 650 -41.68 41.66 3.44
C ASN A 650 -41.39 40.36 4.17
N HIS A 651 -40.47 39.57 3.61
CA HIS A 651 -40.10 38.28 4.19
C HIS A 651 -39.48 38.48 5.55
N THR A 652 -38.86 39.65 5.73
CA THR A 652 -38.25 40.01 6.99
C THR A 652 -39.27 40.04 8.13
N LEU A 653 -40.54 40.12 7.80
CA LEU A 653 -41.58 40.09 8.83
C LEU A 653 -41.83 38.66 9.34
N LEU A 654 -41.02 37.73 8.84
CA LEU A 654 -41.05 36.32 9.22
C LEU A 654 -39.69 35.91 9.80
N ARG A 655 -39.69 35.24 10.95
CA ARG A 655 -38.40 34.85 11.55
C ARG A 655 -37.62 33.89 10.64
N PRO A 656 -36.27 34.02 10.63
CA PRO A 656 -35.44 33.21 9.72
C PRO A 656 -35.62 31.72 9.89
N LYS A 657 -35.74 31.24 11.11
CA LYS A 657 -35.98 29.83 11.30
C LYS A 657 -37.40 29.49 10.91
N ASP A 658 -38.28 30.48 10.96
CA ASP A 658 -39.65 30.26 10.49
C ASP A 658 -39.65 30.10 8.97
N ARG A 659 -38.78 30.85 8.31
CA ARG A 659 -38.60 30.72 6.87
C ARG A 659 -38.07 29.35 6.49
N VAL A 660 -36.97 28.96 7.14
CA VAL A 660 -36.29 27.69 6.89
C VAL A 660 -37.26 26.53 7.10
N GLY A 661 -38.20 26.73 8.02
CA GLY A 661 -39.20 25.74 8.30
C GLY A 661 -40.37 25.75 7.34
N LEU A 662 -40.68 26.93 6.81
CA LEU A 662 -41.77 26.99 5.84
C LEU A 662 -41.31 26.30 4.56
N ILE A 663 -40.11 26.66 4.10
CA ILE A 663 -39.58 26.04 2.89
C ILE A 663 -39.49 24.53 3.07
N HIS A 664 -39.13 24.08 4.27
CA HIS A 664 -39.07 22.65 4.56
C HIS A 664 -40.45 22.07 4.50
N ASP A 665 -41.32 22.61 5.33
CA ASP A 665 -42.67 22.09 5.43
C ASP A 665 -43.40 22.15 4.09
N VAL A 666 -43.30 23.27 3.38
CA VAL A 666 -43.96 23.38 2.08
C VAL A 666 -43.69 22.20 1.16
N PHE A 667 -42.41 21.94 0.90
CA PHE A 667 -42.03 20.88 -0.04
C PHE A 667 -42.38 19.52 0.53
N GLN A 668 -42.41 19.41 1.85
CA GLN A 668 -42.78 18.15 2.47
C GLN A 668 -44.25 17.82 2.30
N LEU A 669 -45.08 18.81 1.99
CA LEU A 669 -46.50 18.55 1.88
C LEU A 669 -46.89 18.12 0.47
N VAL A 670 -46.17 18.62 -0.53
CA VAL A 670 -46.26 18.03 -1.86
C VAL A 670 -46.00 16.52 -1.77
N GLY A 671 -45.07 16.15 -0.89
CA GLY A 671 -44.87 14.76 -0.55
C GLY A 671 -46.13 14.03 -0.10
N ALA A 672 -46.91 14.64 0.78
CA ALA A 672 -48.15 13.99 1.23
C ALA A 672 -49.37 14.21 0.31
N GLY A 673 -49.19 14.96 -0.77
CA GLY A 673 -50.32 15.36 -1.58
C GLY A 673 -51.32 16.27 -0.85
N ARG A 674 -50.83 17.15 0.00
CA ARG A 674 -51.67 18.13 0.68
C ARG A 674 -51.34 19.53 0.19
N LEU A 675 -50.79 19.60 -1.01
CA LEU A 675 -50.31 20.81 -1.63
C LEU A 675 -49.73 20.39 -2.98
N THR A 676 -49.78 21.27 -3.97
CA THR A 676 -49.21 20.86 -5.25
C THR A 676 -47.95 21.64 -5.56
N LEU A 677 -47.11 20.96 -6.35
CA LEU A 677 -45.72 21.35 -6.50
C LEU A 677 -45.59 22.81 -6.82
N ASP A 678 -46.58 23.32 -7.53
CA ASP A 678 -46.50 24.68 -8.04
C ASP A 678 -46.62 25.72 -6.92
N LYS A 679 -47.06 25.33 -5.71
CA LYS A 679 -47.09 26.29 -4.60
C LYS A 679 -45.67 26.46 -4.07
N ALA A 680 -45.07 25.32 -3.71
CA ALA A 680 -43.65 25.19 -3.37
C ALA A 680 -42.71 25.94 -4.27
N LEU A 681 -42.85 25.69 -5.58
CA LEU A 681 -41.98 26.31 -6.56
C LEU A 681 -42.27 27.81 -6.63
N ASP A 682 -43.47 28.20 -6.21
CA ASP A 682 -43.87 29.59 -6.31
C ASP A 682 -43.42 30.34 -5.06
N MET A 683 -43.13 29.58 -4.01
CA MET A 683 -42.47 30.15 -2.84
C MET A 683 -41.03 30.49 -3.14
N THR A 684 -40.34 29.64 -3.88
CA THR A 684 -38.91 29.85 -4.08
C THR A 684 -38.58 31.15 -4.82
N TYR A 685 -39.59 31.87 -5.30
CA TYR A 685 -39.35 33.12 -6.02
C TYR A 685 -38.71 34.14 -5.11
N TYR A 686 -39.17 34.17 -3.86
CA TYR A 686 -38.64 35.14 -2.90
C TYR A 686 -37.15 34.95 -2.60
N LEU A 687 -36.58 33.82 -3.01
CA LEU A 687 -35.19 33.49 -2.70
C LEU A 687 -34.23 34.53 -3.26
N GLN A 688 -34.66 35.22 -4.32
CA GLN A 688 -33.79 36.19 -4.96
C GLN A 688 -33.58 37.39 -4.04
N HIS A 689 -34.42 37.53 -3.03
CA HIS A 689 -34.22 38.58 -2.05
C HIS A 689 -33.66 37.99 -0.76
N GLU A 690 -33.80 36.67 -0.61
CA GLU A 690 -33.43 35.97 0.61
C GLU A 690 -31.94 36.04 0.87
N THR A 691 -31.60 36.44 2.09
CA THR A 691 -30.25 36.89 2.41
C THR A 691 -29.65 36.06 3.56
N SER A 692 -30.48 35.60 4.48
CA SER A 692 -30.05 34.57 5.43
C SER A 692 -29.75 33.24 4.70
N SER A 693 -28.48 32.82 4.74
CA SER A 693 -28.02 31.65 3.99
C SER A 693 -28.69 30.32 4.38
N PRO A 694 -28.95 30.11 5.67
CA PRO A 694 -29.69 28.88 5.99
C PRO A 694 -30.93 28.73 5.16
N ALA A 695 -31.62 29.84 4.88
CA ALA A 695 -32.88 29.74 4.13
C ALA A 695 -32.62 29.67 2.64
N LEU A 696 -31.67 30.46 2.15
CA LEU A 696 -31.32 30.42 0.74
C LEU A 696 -30.91 29.02 0.31
N LEU A 697 -30.07 28.40 1.13
CA LEU A 697 -29.54 27.07 0.85
C LEU A 697 -30.57 25.92 0.99
N GLU A 698 -31.50 26.00 1.94
CA GLU A 698 -32.53 24.96 2.07
C GLU A 698 -33.34 24.94 0.78
N GLY A 699 -33.83 26.12 0.39
CA GLY A 699 -34.55 26.30 -0.85
C GLY A 699 -33.71 25.76 -1.98
N LEU A 700 -32.53 26.35 -2.19
CA LEU A 700 -31.66 25.90 -3.26
C LEU A 700 -31.42 24.40 -3.27
N SER A 701 -31.53 23.78 -2.10
CA SER A 701 -31.23 22.36 -2.03
C SER A 701 -32.36 21.57 -2.69
N TYR A 702 -33.57 22.12 -2.68
CA TYR A 702 -34.70 21.43 -3.29
C TYR A 702 -34.61 21.45 -4.82
N LEU A 703 -34.34 22.61 -5.40
CA LEU A 703 -34.30 22.70 -6.86
C LEU A 703 -33.15 21.86 -7.34
N GLU A 704 -32.10 21.80 -6.54
CA GLU A 704 -30.90 21.11 -6.96
C GLU A 704 -31.20 19.65 -6.89
N SER A 705 -31.98 19.29 -5.90
CA SER A 705 -32.40 17.92 -5.69
C SER A 705 -33.11 17.44 -6.94
N PHE A 706 -34.20 18.13 -7.28
CA PHE A 706 -34.96 17.94 -8.51
C PHE A 706 -34.07 17.70 -9.73
N TYR A 707 -33.23 18.66 -10.05
CA TYR A 707 -32.30 18.52 -11.18
C TYR A 707 -31.61 17.17 -11.17
N HIS A 708 -30.93 16.85 -10.07
CA HIS A 708 -30.18 15.60 -9.98
C HIS A 708 -31.09 14.41 -10.19
N MET A 709 -32.30 14.49 -9.63
CA MET A 709 -33.34 13.47 -9.85
C MET A 709 -33.73 13.35 -11.33
N MET A 710 -34.00 14.47 -11.98
CA MET A 710 -34.26 14.42 -13.41
C MET A 710 -33.07 13.79 -14.15
N ASP A 711 -31.87 14.29 -13.90
CA ASP A 711 -30.70 13.88 -14.64
C ASP A 711 -30.49 12.39 -14.58
N ARG A 712 -31.02 11.79 -13.51
CA ARG A 712 -30.77 10.38 -13.22
C ARG A 712 -31.60 9.48 -14.13
N ARG A 713 -32.73 9.98 -14.60
CA ARG A 713 -33.39 9.43 -15.80
C ARG A 713 -32.88 10.27 -16.97
N ASN A 714 -33.33 10.05 -18.18
CA ASN A 714 -32.87 10.91 -19.26
C ASN A 714 -33.59 12.24 -19.32
N ILE A 715 -34.46 12.53 -18.36
CA ILE A 715 -35.40 13.65 -18.48
C ILE A 715 -34.74 14.99 -18.78
N SER A 716 -34.25 15.11 -20.00
CA SER A 716 -33.34 16.19 -20.35
C SER A 716 -34.02 17.50 -20.59
N ASP A 717 -35.30 17.45 -20.91
CA ASP A 717 -36.03 18.68 -21.17
C ASP A 717 -36.24 19.38 -19.85
N ILE A 718 -36.62 18.60 -18.85
CA ILE A 718 -36.88 19.18 -17.52
C ILE A 718 -35.56 19.60 -16.88
N SER A 719 -34.57 18.72 -16.95
CA SER A 719 -33.28 19.03 -16.36
C SER A 719 -32.65 20.29 -16.98
N GLU A 720 -32.77 20.44 -18.28
CA GLU A 720 -32.09 21.56 -18.94
C GLU A 720 -32.77 22.87 -18.61
N ASN A 721 -34.03 22.78 -18.23
CA ASN A 721 -34.81 23.94 -17.85
C ASN A 721 -34.53 24.30 -16.42
N LEU A 722 -34.51 23.30 -15.55
CA LEU A 722 -34.00 23.44 -14.19
C LEU A 722 -32.64 24.11 -14.16
N LYS A 723 -31.70 23.58 -14.95
CA LYS A 723 -30.37 24.17 -15.05
C LYS A 723 -30.47 25.64 -15.41
N ARG A 724 -31.31 25.96 -16.39
CA ARG A 724 -31.44 27.33 -16.88
C ARG A 724 -32.08 28.25 -15.86
N TYR A 725 -33.11 27.78 -15.19
CA TYR A 725 -33.74 28.61 -14.16
C TYR A 725 -32.72 28.86 -13.03
N LEU A 726 -31.83 27.89 -12.81
CA LEU A 726 -30.92 27.97 -11.68
C LEU A 726 -29.82 28.97 -11.94
N LEU A 727 -29.28 28.97 -13.16
CA LEU A 727 -28.25 29.93 -13.52
C LEU A 727 -28.82 31.33 -13.74
N GLN A 728 -30.11 31.41 -14.09
CA GLN A 728 -30.68 32.68 -14.54
C GLN A 728 -31.09 33.49 -13.34
N TYR A 729 -32.03 32.94 -12.59
CA TYR A 729 -32.28 33.35 -11.22
C TYR A 729 -30.96 33.07 -10.48
N PHE A 730 -30.74 33.64 -9.30
CA PHE A 730 -29.50 33.33 -8.54
C PHE A 730 -28.18 33.68 -9.26
N LYS A 731 -28.23 34.06 -10.53
CA LYS A 731 -27.07 34.62 -11.21
C LYS A 731 -26.42 35.76 -10.42
N PRO A 732 -27.23 36.70 -9.87
CA PRO A 732 -26.57 37.71 -9.03
C PRO A 732 -25.76 37.12 -7.86
N VAL A 733 -26.37 36.30 -7.01
CA VAL A 733 -25.66 35.78 -5.85
C VAL A 733 -24.54 34.80 -6.28
N ILE A 734 -24.78 33.93 -7.27
CA ILE A 734 -23.71 33.14 -7.86
C ILE A 734 -22.52 33.98 -8.26
N ASP A 735 -22.76 35.22 -8.68
CA ASP A 735 -21.70 35.98 -9.34
C ASP A 735 -20.89 36.84 -8.37
N ARG A 736 -21.37 37.03 -7.15
CA ARG A 736 -20.64 37.81 -6.14
C ARG A 736 -19.60 36.98 -5.38
N GLN A 737 -19.48 35.70 -5.74
CA GLN A 737 -18.66 34.80 -4.97
C GLN A 737 -17.18 34.90 -5.35
N SER A 738 -16.30 34.95 -4.34
CA SER A 738 -14.86 34.92 -4.60
C SER A 738 -14.37 33.51 -4.66
N TRP A 739 -13.23 33.28 -5.29
CA TRP A 739 -12.64 31.97 -5.19
C TRP A 739 -11.61 32.07 -4.11
N SER A 740 -12.13 32.22 -2.88
CA SER A 740 -11.36 32.55 -1.69
C SER A 740 -11.80 31.74 -0.45
N ASP A 741 -11.14 31.96 0.69
CA ASP A 741 -11.64 31.43 1.95
C ASP A 741 -12.15 32.53 2.87
N LYS A 742 -12.34 33.75 2.35
CA LYS A 742 -12.68 34.88 3.21
C LYS A 742 -14.12 34.84 3.78
N GLY A 743 -14.36 35.54 4.89
CA GLY A 743 -15.71 35.61 5.44
C GLY A 743 -16.11 34.64 6.54
N SER A 744 -17.38 34.73 6.95
CA SER A 744 -17.99 33.86 7.97
C SER A 744 -17.99 32.38 7.62
N VAL A 745 -18.39 31.53 8.56
CA VAL A 745 -18.57 30.10 8.24
C VAL A 745 -19.74 29.89 7.24
N TRP A 746 -20.93 30.40 7.56
CA TRP A 746 -22.02 30.39 6.61
C TRP A 746 -21.68 31.18 5.37
N ASP A 747 -20.82 32.18 5.50
CA ASP A 747 -20.41 32.86 4.30
C ASP A 747 -19.66 31.85 3.44
N ARG A 748 -18.63 31.24 4.01
CA ARG A 748 -17.82 30.27 3.26
C ARG A 748 -18.63 29.08 2.78
N MET A 749 -19.60 28.65 3.59
CA MET A 749 -20.43 27.54 3.18
C MET A 749 -21.22 27.92 1.92
N LEU A 750 -21.99 29.01 2.01
CA LEU A 750 -22.69 29.53 0.86
C LEU A 750 -21.82 29.59 -0.39
N ARG A 751 -20.58 30.02 -0.25
CA ARG A 751 -19.70 30.11 -1.42
C ARG A 751 -19.48 28.78 -2.12
N SER A 752 -19.11 27.77 -1.36
CA SER A 752 -18.84 26.46 -1.91
C SER A 752 -20.11 25.90 -2.59
N ALA A 753 -21.25 26.07 -1.93
CA ALA A 753 -22.53 25.62 -2.45
C ALA A 753 -22.85 26.17 -3.84
N LEU A 754 -22.76 27.48 -3.96
CA LEU A 754 -23.10 28.10 -5.22
C LEU A 754 -22.05 27.71 -6.25
N LEU A 755 -20.77 27.89 -5.93
CA LEU A 755 -19.71 27.60 -6.89
C LEU A 755 -19.76 26.16 -7.38
N LYS A 756 -20.09 25.26 -6.47
CA LYS A 756 -20.32 23.85 -6.80
C LYS A 756 -21.54 23.71 -7.73
N LEU A 757 -22.67 24.33 -7.35
CA LEU A 757 -23.88 24.32 -8.17
C LEU A 757 -23.57 24.81 -9.56
N ALA A 758 -22.88 25.94 -9.65
CA ALA A 758 -22.49 26.48 -10.95
C ALA A 758 -21.62 25.49 -11.70
N CYS A 759 -20.61 24.95 -11.04
CA CYS A 759 -19.71 24.06 -11.77
C CYS A 759 -20.38 22.74 -12.11
N ASP A 760 -21.46 22.41 -11.45
CA ASP A 760 -22.13 21.19 -11.81
C ASP A 760 -23.08 21.47 -12.95
N LEU A 761 -23.44 22.74 -13.11
CA LEU A 761 -24.36 23.16 -14.17
C LEU A 761 -23.60 23.66 -15.37
N ASN A 762 -22.34 23.25 -15.46
CA ASN A 762 -21.48 23.63 -16.56
C ASN A 762 -21.43 25.11 -16.89
N HIS A 763 -21.78 25.96 -15.93
CA HIS A 763 -21.69 27.40 -16.15
C HIS A 763 -20.28 27.78 -16.51
N ALA A 764 -19.96 27.69 -17.78
CA ALA A 764 -18.57 27.75 -18.28
C ALA A 764 -17.63 28.83 -17.74
N PRO A 765 -18.15 29.98 -17.27
CA PRO A 765 -17.18 30.83 -16.56
C PRO A 765 -16.53 30.08 -15.40
N CYS A 766 -17.35 29.55 -14.50
CA CYS A 766 -16.86 28.91 -13.28
C CYS A 766 -16.15 27.59 -13.51
N ILE A 767 -16.43 26.92 -14.63
CA ILE A 767 -15.62 25.78 -15.02
C ILE A 767 -14.26 26.28 -15.47
N GLN A 768 -14.21 27.47 -16.03
CA GLN A 768 -12.92 27.97 -16.48
C GLN A 768 -12.07 28.39 -15.30
N LYS A 769 -12.68 29.10 -14.35
CA LYS A 769 -11.97 29.50 -13.14
C LYS A 769 -11.31 28.30 -12.49
N ALA A 770 -12.12 27.28 -12.24
CA ALA A 770 -11.70 26.03 -11.65
C ALA A 770 -10.59 25.36 -12.43
N ALA A 771 -10.78 25.18 -13.71
CA ALA A 771 -9.80 24.46 -14.51
C ALA A 771 -8.46 25.21 -14.59
N GLU A 772 -8.51 26.52 -14.36
CA GLU A 772 -7.31 27.35 -14.27
C GLU A 772 -6.57 26.95 -13.00
N LEU A 773 -7.23 27.17 -11.86
CA LEU A 773 -6.68 26.83 -10.56
C LEU A 773 -6.08 25.44 -10.56
N PHE A 774 -6.78 24.49 -11.17
CA PHE A 774 -6.29 23.12 -11.18
C PHE A 774 -4.99 23.07 -11.90
N SER A 775 -4.97 23.71 -13.07
CA SER A 775 -3.77 23.72 -13.88
C SER A 775 -2.61 24.34 -13.09
N GLN A 776 -2.76 25.59 -12.65
CA GLN A 776 -1.75 26.25 -11.81
C GLN A 776 -1.25 25.32 -10.71
N TRP A 777 -2.18 24.59 -10.12
CA TRP A 777 -1.82 23.60 -9.12
C TRP A 777 -0.89 22.50 -9.67
N MET A 778 -1.32 21.79 -10.72
CA MET A 778 -0.57 20.64 -11.18
C MET A 778 0.80 20.99 -11.77
N GLU A 779 0.97 22.21 -12.29
CA GLU A 779 2.24 22.58 -12.92
C GLU A 779 3.25 23.04 -11.85
N SER A 780 2.76 23.73 -10.84
CA SER A 780 3.63 24.20 -9.77
C SER A 780 4.07 23.05 -8.88
N SER A 781 3.65 21.84 -9.23
CA SER A 781 3.85 20.65 -8.42
C SER A 781 3.50 20.87 -6.94
N GLY A 782 2.30 21.40 -6.71
CA GLY A 782 1.76 21.59 -5.37
C GLY A 782 2.01 22.95 -4.75
N LYS A 783 2.99 23.67 -5.28
CA LYS A 783 3.37 24.97 -4.72
C LYS A 783 2.20 25.96 -4.70
N LEU A 784 1.57 26.16 -5.86
CA LEU A 784 0.44 27.10 -5.98
C LEU A 784 -0.79 26.50 -5.31
N ASN A 785 -1.51 27.30 -4.55
CA ASN A 785 -2.43 26.74 -3.56
C ASN A 785 -3.87 27.16 -3.74
N ILE A 786 -4.78 26.23 -3.49
CA ILE A 786 -6.17 26.42 -3.79
C ILE A 786 -6.97 26.59 -2.52
N PRO A 787 -7.71 27.70 -2.38
CA PRO A 787 -8.46 27.95 -1.14
C PRO A 787 -9.33 26.76 -0.74
N THR A 788 -9.51 26.58 0.54
CA THR A 788 -10.11 25.34 0.94
C THR A 788 -11.55 25.30 0.46
N ASP A 789 -12.26 26.43 0.48
CA ASP A 789 -13.68 26.38 0.23
C ASP A 789 -14.05 26.01 -1.21
N VAL A 790 -13.04 25.77 -2.03
CA VAL A 790 -13.22 25.74 -3.45
C VAL A 790 -12.48 24.52 -3.95
N LEU A 791 -11.83 23.88 -2.98
CA LEU A 791 -10.84 22.84 -3.22
C LEU A 791 -11.45 21.63 -3.89
N LYS A 792 -12.68 21.33 -3.51
CA LYS A 792 -13.35 20.16 -4.05
C LYS A 792 -13.90 20.47 -5.44
N ILE A 793 -14.32 21.72 -5.67
CA ILE A 793 -14.79 22.09 -7.00
C ILE A 793 -13.63 21.89 -7.96
N VAL A 794 -12.55 22.61 -7.67
CA VAL A 794 -11.37 22.57 -8.49
C VAL A 794 -10.94 21.15 -8.75
N TYR A 795 -10.81 20.37 -7.70
CA TYR A 795 -10.29 19.02 -7.89
C TYR A 795 -11.19 18.24 -8.83
N SER A 796 -12.50 18.35 -8.67
CA SER A 796 -13.44 17.58 -9.51
C SER A 796 -13.35 18.02 -10.98
N VAL A 797 -13.27 19.32 -11.18
CA VAL A 797 -13.08 19.87 -12.51
C VAL A 797 -11.83 19.32 -13.17
N GLY A 798 -10.70 19.36 -12.47
CA GLY A 798 -9.47 18.85 -13.04
C GLY A 798 -9.59 17.39 -13.36
N ALA A 799 -10.53 16.73 -12.71
CA ALA A 799 -10.53 15.28 -12.70
C ALA A 799 -11.16 14.72 -13.95
N GLN A 800 -11.42 15.58 -14.93
CA GLN A 800 -12.17 15.13 -16.09
C GLN A 800 -11.24 14.63 -17.18
N THR A 801 -10.06 15.23 -17.29
CA THR A 801 -9.00 14.65 -18.09
C THR A 801 -8.55 13.34 -17.51
N THR A 802 -8.08 12.44 -18.35
CA THR A 802 -7.41 11.27 -17.82
C THR A 802 -6.10 11.77 -17.16
N ALA A 803 -5.65 12.96 -17.53
CA ALA A 803 -4.43 13.50 -16.96
C ALA A 803 -4.65 13.99 -15.53
N GLY A 804 -5.63 14.88 -15.36
CA GLY A 804 -5.99 15.35 -14.03
C GLY A 804 -6.32 14.20 -13.09
N TRP A 805 -7.24 13.35 -13.52
CA TRP A 805 -7.61 12.18 -12.76
C TRP A 805 -6.37 11.30 -12.39
N ASN A 806 -5.46 11.10 -13.35
CA ASN A 806 -4.27 10.31 -13.05
C ASN A 806 -3.48 11.03 -11.97
N TYR A 807 -3.24 12.31 -12.20
CA TYR A 807 -2.50 13.11 -11.24
C TYR A 807 -3.16 13.06 -9.89
N LEU A 808 -4.48 13.25 -9.88
CA LEU A 808 -5.19 13.31 -8.64
C LEU A 808 -5.06 12.00 -7.84
N LEU A 809 -5.20 10.86 -8.51
CA LEU A 809 -5.11 9.58 -7.80
C LEU A 809 -3.73 9.44 -7.16
N GLU A 810 -2.73 9.87 -7.91
CA GLU A 810 -1.36 9.74 -7.48
C GLU A 810 -1.12 10.66 -6.28
N GLN A 811 -1.72 11.84 -6.33
CA GLN A 811 -1.59 12.82 -5.25
C GLN A 811 -2.32 12.32 -4.01
N TYR A 812 -3.34 11.49 -4.20
CA TYR A 812 -4.06 10.90 -3.09
C TYR A 812 -3.15 9.98 -2.30
N GLU A 813 -2.34 9.22 -3.01
CA GLU A 813 -1.46 8.23 -2.38
C GLU A 813 -0.37 8.85 -1.51
N LEU A 814 -0.09 10.15 -1.70
CA LEU A 814 1.07 10.78 -1.11
C LEU A 814 0.72 11.81 -0.06
N SER A 815 -0.55 12.22 -0.06
CA SER A 815 -1.06 13.27 0.83
C SER A 815 -0.97 12.91 2.32
N MET A 816 -0.74 13.90 3.17
CA MET A 816 -0.81 13.66 4.61
C MET A 816 -2.01 14.32 5.31
N SER A 817 -2.92 14.86 4.51
CA SER A 817 -4.16 15.39 5.04
C SER A 817 -5.32 14.45 4.76
N SER A 818 -5.87 13.89 5.81
CA SER A 818 -6.97 12.99 5.64
C SER A 818 -8.17 13.71 5.02
N ALA A 819 -8.18 15.04 5.16
CA ALA A 819 -9.26 15.83 4.62
C ALA A 819 -9.04 16.09 3.13
N GLU A 820 -7.80 16.35 2.72
CA GLU A 820 -7.52 16.52 1.31
C GLU A 820 -7.82 15.23 0.60
N GLN A 821 -7.44 14.13 1.21
CA GLN A 821 -7.71 12.82 0.63
C GLN A 821 -9.18 12.67 0.36
N ASN A 822 -9.98 13.04 1.35
CA ASN A 822 -11.42 12.96 1.24
C ASN A 822 -11.92 13.72 0.03
N LYS A 823 -11.43 14.94 -0.11
CA LYS A 823 -11.88 15.82 -1.16
C LYS A 823 -11.42 15.30 -2.54
N ILE A 824 -10.21 14.76 -2.61
CA ILE A 824 -9.72 14.16 -3.84
C ILE A 824 -10.56 12.95 -4.29
N LEU A 825 -10.94 12.12 -3.34
CA LEU A 825 -11.58 10.88 -3.71
C LEU A 825 -12.98 11.18 -4.17
N TYR A 826 -13.58 12.25 -3.65
CA TYR A 826 -14.85 12.71 -4.20
C TYR A 826 -14.62 13.14 -5.64
N ALA A 827 -13.66 14.03 -5.87
CA ALA A 827 -13.28 14.46 -7.22
C ALA A 827 -13.08 13.29 -8.16
N LEU A 828 -12.33 12.27 -7.73
CA LEU A 828 -12.10 11.13 -8.60
C LEU A 828 -13.38 10.44 -8.99
N SER A 829 -14.43 10.56 -8.21
CA SER A 829 -15.59 9.75 -8.51
C SER A 829 -16.60 10.55 -9.33
N THR A 830 -16.27 11.81 -9.61
CA THR A 830 -17.03 12.57 -10.57
C THR A 830 -16.37 12.41 -11.94
N SER A 831 -15.82 11.22 -12.20
CA SER A 831 -15.35 10.92 -13.54
C SER A 831 -16.43 10.24 -14.34
N LYS A 832 -16.46 10.52 -15.64
CA LYS A 832 -17.48 9.93 -16.51
C LYS A 832 -17.08 8.55 -16.99
N HIS A 833 -15.79 8.25 -16.97
CA HIS A 833 -15.32 6.97 -17.44
C HIS A 833 -15.66 5.78 -16.54
N GLN A 834 -16.53 4.88 -17.02
CA GLN A 834 -16.78 3.59 -16.35
C GLN A 834 -15.52 2.97 -15.81
N GLU A 835 -14.47 3.05 -16.61
CA GLU A 835 -13.21 2.41 -16.25
C GLU A 835 -12.61 3.04 -14.98
N LYS A 836 -12.40 4.35 -15.01
CA LYS A 836 -12.05 5.14 -13.82
C LYS A 836 -12.81 4.70 -12.56
N LEU A 837 -14.12 4.89 -12.58
CA LEU A 837 -14.95 4.65 -11.42
C LEU A 837 -14.74 3.26 -10.84
N LEU A 838 -14.74 2.28 -11.72
CA LEU A 838 -14.60 0.90 -11.31
C LEU A 838 -13.27 0.64 -10.60
N LYS A 839 -12.22 1.25 -11.13
CA LYS A 839 -10.91 1.06 -10.53
C LYS A 839 -10.99 1.47 -9.06
N LEU A 840 -11.55 2.65 -8.82
CA LEU A 840 -11.74 3.20 -7.48
C LEU A 840 -12.36 2.15 -6.58
N ILE A 841 -13.46 1.59 -7.03
CA ILE A 841 -14.13 0.54 -6.28
C ILE A 841 -13.16 -0.61 -6.02
N GLU A 842 -12.47 -1.04 -7.07
CA GLU A 842 -11.56 -2.15 -6.89
C GLU A 842 -10.49 -1.79 -5.83
N LEU A 843 -9.83 -0.66 -6.03
CA LEU A 843 -8.83 -0.22 -5.09
C LEU A 843 -9.44 -0.19 -3.71
N GLY A 844 -10.68 0.28 -3.64
CA GLY A 844 -11.39 0.35 -2.39
C GLY A 844 -11.50 -0.98 -1.71
N MET A 845 -11.98 -1.99 -2.43
CA MET A 845 -12.06 -3.34 -1.89
C MET A 845 -10.69 -3.83 -1.40
N GLU A 846 -9.66 -3.65 -2.24
CA GLU A 846 -8.33 -4.15 -1.96
C GLU A 846 -7.83 -3.62 -0.64
N GLY A 847 -7.97 -2.31 -0.46
CA GLY A 847 -7.77 -1.70 0.84
C GLY A 847 -6.36 -1.33 1.21
N LYS A 848 -5.50 -1.15 0.21
CA LYS A 848 -4.12 -0.74 0.44
C LYS A 848 -3.95 0.73 0.06
N VAL A 849 -4.31 1.08 -1.17
CA VAL A 849 -4.22 2.47 -1.60
C VAL A 849 -5.37 3.34 -1.04
N ILE A 850 -6.57 2.80 -1.07
CA ILE A 850 -7.76 3.46 -0.55
C ILE A 850 -8.33 2.61 0.57
N LYS A 851 -8.35 3.13 1.80
CA LYS A 851 -8.72 2.28 2.93
C LYS A 851 -10.17 1.83 2.86
N THR A 852 -10.45 0.60 3.25
CA THR A 852 -11.77 0.05 3.07
C THR A 852 -12.79 0.79 3.92
N GLN A 853 -12.33 1.50 4.92
CA GLN A 853 -13.26 2.25 5.73
C GLN A 853 -13.85 3.35 4.90
N ASN A 854 -13.29 3.55 3.72
CA ASN A 854 -13.87 4.53 2.80
C ASN A 854 -14.74 3.96 1.72
N LEU A 855 -14.92 2.65 1.72
CA LEU A 855 -15.63 1.98 0.62
C LEU A 855 -17.10 2.43 0.48
N ALA A 856 -17.88 2.27 1.53
CA ALA A 856 -19.26 2.70 1.53
C ALA A 856 -19.48 4.11 0.97
N ALA A 857 -18.88 5.13 1.57
CA ALA A 857 -19.02 6.49 1.06
C ALA A 857 -18.66 6.57 -0.41
N LEU A 858 -17.67 5.79 -0.82
CA LEU A 858 -17.17 5.83 -2.18
C LEU A 858 -18.26 5.35 -3.13
N LEU A 859 -18.75 4.14 -2.88
CA LEU A 859 -19.84 3.60 -3.66
C LEU A 859 -20.99 4.59 -3.73
N HIS A 860 -21.33 5.18 -2.59
CA HIS A 860 -22.41 6.13 -2.53
C HIS A 860 -22.05 7.34 -3.41
N ALA A 861 -20.82 7.84 -3.36
CA ALA A 861 -20.48 8.96 -4.24
C ALA A 861 -20.74 8.59 -5.71
N ILE A 862 -20.28 7.40 -6.09
CA ILE A 862 -20.36 6.96 -7.47
C ILE A 862 -21.79 6.73 -7.92
N ALA A 863 -22.50 5.86 -7.23
CA ALA A 863 -23.92 5.61 -7.48
C ALA A 863 -24.77 6.87 -7.59
N ARG A 864 -24.29 7.94 -7.00
CA ARG A 864 -25.09 9.15 -6.81
C ARG A 864 -25.37 9.82 -8.14
N ARG A 865 -24.48 9.61 -9.10
CA ARG A 865 -24.47 10.41 -10.33
C ARG A 865 -24.67 9.52 -11.56
N PRO A 866 -25.30 10.07 -12.63
CA PRO A 866 -25.75 9.29 -13.79
C PRO A 866 -24.77 8.21 -14.27
N LYS A 867 -23.56 8.60 -14.63
CA LYS A 867 -22.60 7.63 -15.15
C LYS A 867 -22.25 6.48 -14.22
N GLY A 868 -22.82 6.43 -13.01
CA GLY A 868 -22.36 5.47 -12.01
C GLY A 868 -23.37 4.62 -11.23
N GLN A 869 -24.63 5.07 -11.15
CA GLN A 869 -25.63 4.34 -10.38
C GLN A 869 -25.79 2.91 -10.87
N GLN A 870 -25.59 2.69 -12.17
CA GLN A 870 -25.68 1.35 -12.72
C GLN A 870 -24.51 0.51 -12.20
N LEU A 871 -23.29 0.96 -12.50
CA LEU A 871 -22.07 0.27 -12.09
C LEU A 871 -22.09 -0.11 -10.61
N ALA A 872 -22.59 0.80 -9.79
CA ALA A 872 -22.64 0.63 -8.36
C ALA A 872 -23.49 -0.56 -7.96
N TRP A 873 -24.78 -0.48 -8.31
CA TRP A 873 -25.76 -1.54 -8.12
C TRP A 873 -25.23 -2.88 -8.58
N ASP A 874 -24.80 -2.88 -9.84
CA ASP A 874 -24.16 -4.02 -10.44
C ASP A 874 -23.13 -4.58 -9.48
N PHE A 875 -22.14 -3.76 -9.09
CA PHE A 875 -21.06 -4.21 -8.20
C PHE A 875 -21.57 -4.79 -6.88
N VAL A 876 -22.49 -4.08 -6.22
CA VAL A 876 -22.93 -4.50 -4.90
C VAL A 876 -23.52 -5.88 -5.03
N ARG A 877 -24.55 -6.00 -5.88
CA ARG A 877 -25.22 -7.28 -6.16
C ARG A 877 -24.26 -8.43 -6.44
N GLU A 878 -23.37 -8.22 -7.39
CA GLU A 878 -22.41 -9.23 -7.77
C GLU A 878 -21.34 -9.49 -6.71
N ASN A 879 -21.26 -8.69 -5.65
CA ASN A 879 -20.19 -8.89 -4.68
C ASN A 879 -20.62 -9.01 -3.23
N TRP A 880 -21.92 -9.22 -3.01
CA TRP A 880 -22.46 -9.30 -1.66
C TRP A 880 -21.62 -10.17 -0.73
N THR A 881 -21.24 -11.32 -1.24
CA THR A 881 -20.43 -12.26 -0.47
C THR A 881 -19.15 -11.62 0.04
N HIS A 882 -18.36 -11.03 -0.87
CA HIS A 882 -17.07 -10.47 -0.54
CA HIS A 882 -17.06 -10.46 -0.53
C HIS A 882 -17.22 -9.30 0.46
N LEU A 883 -18.19 -8.42 0.19
CA LEU A 883 -18.51 -7.30 1.04
C LEU A 883 -18.73 -7.72 2.49
N LEU A 884 -19.39 -8.86 2.68
CA LEU A 884 -19.72 -9.31 4.03
C LEU A 884 -18.48 -9.77 4.77
N LYS A 885 -17.51 -10.28 4.02
CA LYS A 885 -16.23 -10.71 4.59
C LYS A 885 -15.47 -9.53 5.15
N LYS A 886 -15.86 -8.33 4.74
CA LYS A 886 -15.23 -7.08 5.13
C LYS A 886 -15.99 -6.37 6.26
N PHE A 887 -17.32 -6.47 6.27
CA PHE A 887 -18.09 -5.73 7.24
C PHE A 887 -19.14 -6.61 7.89
N ASP A 888 -19.47 -6.32 9.14
CA ASP A 888 -20.62 -6.91 9.82
C ASP A 888 -21.97 -6.62 9.11
N LEU A 889 -22.95 -7.49 9.29
CA LEU A 889 -24.14 -7.46 8.45
C LEU A 889 -24.96 -6.15 8.35
N GLY A 890 -25.32 -5.42 9.41
CA GLY A 890 -24.74 -5.41 10.72
C GLY A 890 -24.25 -3.97 10.84
N SER A 891 -23.13 -3.74 10.19
CA SER A 891 -22.41 -2.49 10.30
C SER A 891 -23.14 -1.33 9.65
N TYR A 892 -22.78 -0.13 10.08
CA TYR A 892 -23.19 1.08 9.38
C TYR A 892 -22.57 1.05 8.00
N ASP A 893 -21.42 0.38 7.84
CA ASP A 893 -20.85 0.23 6.50
C ASP A 893 -21.80 -0.50 5.53
N ILE A 894 -22.40 -1.59 5.98
CA ILE A 894 -23.25 -2.34 5.07
C ILE A 894 -24.56 -1.60 4.83
N ARG A 895 -25.10 -1.04 5.91
CA ARG A 895 -26.30 -0.25 5.82
C ARG A 895 -26.10 0.83 4.78
N MET A 896 -25.02 1.60 4.90
CA MET A 896 -24.83 2.71 3.98
C MET A 896 -24.50 2.22 2.57
N ILE A 897 -23.86 1.05 2.44
CA ILE A 897 -23.62 0.50 1.11
C ILE A 897 -24.92 0.08 0.40
N ILE A 898 -25.80 -0.59 1.14
CA ILE A 898 -27.09 -0.98 0.57
C ILE A 898 -27.94 0.20 0.10
N SER A 899 -28.17 1.17 0.99
CA SER A 899 -29.11 2.23 0.67
C SER A 899 -28.47 3.28 -0.23
N GLY A 900 -27.16 3.42 -0.15
CA GLY A 900 -26.47 4.39 -0.98
C GLY A 900 -26.49 3.96 -2.43
N THR A 901 -26.73 2.70 -2.65
CA THR A 901 -26.70 2.22 -4.02
C THR A 901 -28.09 2.00 -4.59
N THR A 902 -29.12 2.10 -3.75
CA THR A 902 -30.47 1.82 -4.22
C THR A 902 -31.54 2.89 -3.94
N ALA A 903 -31.43 3.63 -2.85
CA ALA A 903 -32.53 4.47 -2.44
C ALA A 903 -32.78 5.71 -3.32
N HIS A 904 -31.97 5.95 -4.34
CA HIS A 904 -32.27 7.09 -5.22
C HIS A 904 -33.05 6.68 -6.48
N PHE A 905 -33.13 5.37 -6.69
CA PHE A 905 -33.96 4.75 -7.69
C PHE A 905 -35.39 5.29 -7.63
N SER A 906 -36.00 5.53 -8.79
CA SER A 906 -37.30 6.18 -8.86
C SER A 906 -38.17 5.54 -9.94
N SER A 907 -37.75 4.37 -10.41
CA SER A 907 -38.48 3.65 -11.43
C SER A 907 -39.07 2.34 -10.91
N LYS A 908 -40.22 1.98 -11.45
CA LYS A 908 -40.80 0.66 -11.23
C LYS A 908 -39.82 -0.46 -11.61
N ASP A 909 -39.07 -0.29 -12.71
CA ASP A 909 -38.05 -1.26 -13.11
C ASP A 909 -37.10 -1.58 -11.97
N LYS A 910 -36.50 -0.52 -11.41
CA LYS A 910 -35.44 -0.63 -10.41
C LYS A 910 -35.98 -1.18 -9.12
N LEU A 911 -37.20 -0.77 -8.79
CA LEU A 911 -37.88 -1.28 -7.61
C LEU A 911 -38.00 -2.80 -7.68
N GLN A 912 -38.37 -3.28 -8.86
CA GLN A 912 -38.45 -4.69 -9.18
C GLN A 912 -37.16 -5.37 -8.77
N GLU A 913 -36.07 -4.95 -9.41
CA GLU A 913 -34.73 -5.50 -9.15
C GLU A 913 -34.35 -5.48 -7.69
N VAL A 914 -34.68 -4.41 -6.97
CA VAL A 914 -34.23 -4.28 -5.58
C VAL A 914 -34.98 -5.26 -4.68
N LYS A 915 -36.30 -5.39 -4.91
CA LYS A 915 -37.16 -6.32 -4.18
C LYS A 915 -36.62 -7.74 -4.28
N LEU A 916 -36.13 -8.08 -5.46
CA LEU A 916 -35.53 -9.38 -5.68
C LEU A 916 -34.27 -9.56 -4.88
N PHE A 917 -33.33 -8.64 -5.06
CA PHE A 917 -32.03 -8.70 -4.36
C PHE A 917 -32.17 -8.85 -2.84
N PHE A 918 -33.11 -8.14 -2.23
CA PHE A 918 -33.31 -8.28 -0.80
C PHE A 918 -33.94 -9.63 -0.47
N GLU A 919 -34.89 -10.02 -1.32
CA GLU A 919 -35.61 -11.28 -1.18
C GLU A 919 -34.60 -12.39 -1.07
N SER A 920 -33.76 -12.46 -2.09
CA SER A 920 -32.60 -13.31 -2.10
C SER A 920 -31.85 -13.24 -0.80
N LEU A 921 -31.55 -12.03 -0.35
CA LEU A 921 -30.70 -11.83 0.82
C LEU A 921 -31.33 -12.39 2.09
N GLU A 922 -32.65 -12.53 2.12
CA GLU A 922 -33.26 -13.28 3.22
C GLU A 922 -33.26 -14.79 2.85
N ALA A 923 -32.65 -15.62 3.71
CA ALA A 923 -32.31 -17.01 3.38
C ALA A 923 -31.53 -17.00 2.06
N GLN A 924 -30.19 -16.91 2.08
CA GLN A 924 -29.29 -16.91 3.24
C GLN A 924 -29.69 -16.00 4.41
N GLY A 925 -29.39 -16.41 5.64
CA GLY A 925 -29.91 -15.72 6.81
C GLY A 925 -29.40 -14.30 7.00
N SER A 926 -30.20 -13.32 6.57
CA SER A 926 -29.81 -11.92 6.60
C SER A 926 -31.03 -11.01 6.60
N HIS A 927 -31.45 -10.54 7.76
CA HIS A 927 -32.54 -9.58 7.84
C HIS A 927 -32.06 -8.24 8.41
N LEU A 928 -32.31 -7.18 7.66
CA LEU A 928 -32.04 -5.81 8.10
C LEU A 928 -33.22 -4.89 7.80
N ASP A 929 -33.67 -4.17 8.80
CA ASP A 929 -34.72 -3.15 8.64
C ASP A 929 -34.51 -2.23 7.43
N ILE A 930 -33.26 -2.03 7.05
CA ILE A 930 -32.94 -1.12 5.98
C ILE A 930 -33.52 -1.61 4.66
N PHE A 931 -33.83 -2.90 4.59
CA PHE A 931 -34.39 -3.48 3.37
C PHE A 931 -35.74 -2.84 3.01
N GLN A 932 -36.63 -2.81 4.00
CA GLN A 932 -37.99 -2.33 3.78
C GLN A 932 -37.96 -0.83 3.56
N THR A 933 -37.17 -0.15 4.38
CA THR A 933 -36.94 1.29 4.31
C THR A 933 -36.57 1.77 2.91
N VAL A 934 -35.61 1.08 2.32
CA VAL A 934 -35.21 1.35 0.97
C VAL A 934 -36.38 1.20 0.01
N LEU A 935 -37.04 0.04 0.11
CA LEU A 935 -38.25 -0.25 -0.68
C LEU A 935 -39.26 0.89 -0.58
N GLU A 936 -39.76 1.15 0.61
CA GLU A 936 -40.63 2.32 0.83
C GLU A 936 -40.12 3.62 0.20
N THR A 937 -38.81 3.79 0.19
CA THR A 937 -38.21 5.04 -0.27
C THR A 937 -38.23 5.10 -1.81
N ILE A 938 -37.88 4.01 -2.46
CA ILE A 938 -37.95 3.99 -3.92
C ILE A 938 -39.39 4.16 -4.37
N THR A 939 -40.30 3.53 -3.64
CA THR A 939 -41.72 3.73 -3.84
C THR A 939 -42.14 5.20 -3.76
N LYS A 940 -41.81 5.85 -2.65
CA LYS A 940 -42.09 7.29 -2.48
C LYS A 940 -41.63 8.07 -3.69
N ASN A 941 -40.50 7.65 -4.25
CA ASN A 941 -39.90 8.31 -5.40
C ASN A 941 -40.72 8.15 -6.65
N ILE A 942 -41.09 6.92 -6.93
CA ILE A 942 -41.97 6.61 -8.05
C ILE A 942 -43.26 7.41 -7.88
N LYS A 943 -43.93 7.21 -6.76
CA LYS A 943 -45.16 7.96 -6.52
C LYS A 943 -44.95 9.46 -6.61
N TRP A 944 -43.80 9.96 -6.20
CA TRP A 944 -43.55 11.41 -6.28
C TRP A 944 -43.55 11.88 -7.75
N LEU A 945 -42.63 11.34 -8.54
CA LEU A 945 -42.60 11.56 -9.96
C LEU A 945 -43.97 11.49 -10.66
N GLU A 946 -44.66 10.37 -10.53
CA GLU A 946 -45.89 10.25 -11.29
C GLU A 946 -46.91 11.28 -10.83
N LYS A 947 -46.92 11.63 -9.55
CA LYS A 947 -47.90 12.58 -9.00
C LYS A 947 -47.48 14.07 -9.02
N ASN A 948 -46.33 14.41 -9.62
CA ASN A 948 -45.88 15.82 -9.70
C ASN A 948 -44.86 16.12 -10.80
N LEU A 949 -44.38 15.11 -11.51
CA LEU A 949 -43.44 15.34 -12.61
C LEU A 949 -43.99 16.32 -13.64
N PRO A 950 -45.26 16.12 -14.12
CA PRO A 950 -45.83 17.05 -15.11
C PRO A 950 -45.97 18.47 -14.61
N THR A 951 -46.26 18.61 -13.32
CA THR A 951 -46.38 19.94 -12.74
C THR A 951 -45.07 20.68 -12.74
N LEU A 952 -43.98 19.92 -12.68
CA LEU A 952 -42.64 20.49 -12.68
C LEU A 952 -42.28 20.93 -14.08
N ARG A 953 -42.64 20.08 -15.06
CA ARG A 953 -42.46 20.39 -16.49
C ARG A 953 -43.15 21.69 -16.78
N THR A 954 -44.40 21.75 -16.38
CA THR A 954 -45.22 22.91 -16.62
C THR A 954 -44.78 24.18 -15.89
N TRP A 955 -44.46 24.08 -14.59
CA TRP A 955 -44.10 25.27 -13.80
C TRP A 955 -42.89 25.95 -14.40
N LEU A 956 -41.96 25.10 -14.86
CA LEU A 956 -40.72 25.54 -15.50
C LEU A 956 -41.03 26.14 -16.83
N MET A 957 -41.81 25.44 -17.67
CA MET A 957 -42.22 25.98 -18.98
C MET A 957 -42.98 27.32 -18.90
N VAL A 958 -43.90 27.43 -17.94
CA VAL A 958 -44.52 28.70 -17.59
C VAL A 958 -43.46 29.75 -17.29
N ASN A 959 -42.41 29.35 -16.59
CA ASN A 959 -41.39 30.30 -16.13
C ASN A 959 -40.53 30.88 -17.26
N THR A 960 -40.23 30.08 -18.28
CA THR A 960 -39.47 30.56 -19.45
C THR A 960 -40.20 31.68 -20.17
N ARG A 961 -41.50 31.80 -19.94
CA ARG A 961 -42.30 32.78 -20.65
C ARG A 961 -42.36 34.09 -19.87
N HIS A 962 -43.18 34.18 -18.81
CA HIS A 962 -43.25 35.39 -18.00
CA HIS A 962 -43.22 35.40 -18.02
C HIS A 962 -42.53 35.23 -16.65
N HIS A 963 -41.34 35.79 -16.49
CA HIS A 963 -40.63 36.56 -17.52
C HIS A 963 -39.11 36.40 -17.37
N HIS A 964 -38.44 36.01 -18.46
N PRO B 54 30.02 26.17 -27.33
CA PRO B 54 29.96 24.82 -26.75
C PRO B 54 29.61 24.83 -25.26
N VAL B 55 28.86 25.84 -24.81
CA VAL B 55 28.66 26.04 -23.39
C VAL B 55 27.22 26.43 -22.97
N ALA B 56 26.92 26.15 -21.71
CA ALA B 56 25.68 26.48 -21.00
C ALA B 56 26.16 26.68 -19.53
N THR B 57 25.32 26.77 -18.48
CA THR B 57 23.86 26.83 -18.47
C THR B 57 23.40 28.22 -18.13
N ASN B 58 24.35 29.03 -17.70
CA ASN B 58 24.10 30.42 -17.34
C ASN B 58 24.55 31.35 -18.46
N GLY B 59 24.85 30.78 -19.62
CA GLY B 59 25.58 31.48 -20.66
C GLY B 59 27.06 31.24 -20.43
N GLU B 60 27.91 32.14 -20.89
CA GLU B 60 29.35 32.10 -20.59
C GLU B 60 30.05 30.89 -21.23
N ARG B 61 31.29 30.61 -20.80
CA ARG B 61 32.11 29.60 -21.45
C ARG B 61 32.68 28.57 -20.49
N PHE B 62 32.74 27.33 -20.94
CA PHE B 62 33.27 26.25 -20.13
C PHE B 62 34.71 26.00 -20.56
N PRO B 63 35.60 25.90 -19.58
CA PRO B 63 37.04 25.67 -19.70
C PRO B 63 37.51 24.27 -20.15
N TRP B 64 36.64 23.44 -20.72
CA TRP B 64 37.01 22.08 -21.13
C TRP B 64 35.90 21.42 -21.95
N GLN B 65 36.18 21.07 -23.20
CA GLN B 65 35.13 20.66 -24.13
CA GLN B 65 35.09 20.65 -24.09
C GLN B 65 35.14 19.17 -24.47
N GLU B 66 35.52 18.32 -23.53
CA GLU B 66 35.50 16.89 -23.81
C GLU B 66 35.33 16.03 -22.54
N LEU B 67 34.78 14.83 -22.73
CA LEU B 67 34.34 13.94 -21.66
C LEU B 67 35.39 13.54 -20.62
N ARG B 68 36.66 13.57 -21.00
CA ARG B 68 37.71 13.21 -20.06
C ARG B 68 37.99 14.34 -19.07
N LEU B 69 38.52 13.97 -17.90
CA LEU B 69 39.02 14.96 -16.93
C LEU B 69 40.52 15.15 -17.11
N PRO B 70 40.96 16.39 -17.27
CA PRO B 70 42.35 16.83 -17.40
C PRO B 70 43.33 16.02 -16.55
N SER B 71 44.50 15.74 -17.11
CA SER B 71 45.55 15.06 -16.36
C SER B 71 46.09 15.96 -15.25
N VAL B 72 45.70 17.23 -15.30
CA VAL B 72 46.22 18.33 -14.48
C VAL B 72 46.06 18.17 -12.95
N VAL B 73 44.84 18.37 -12.46
CA VAL B 73 44.55 18.41 -11.02
C VAL B 73 44.20 17.02 -10.47
N ILE B 74 44.94 16.56 -9.47
CA ILE B 74 44.83 15.18 -8.97
C ILE B 74 44.59 15.10 -7.46
N PRO B 75 43.58 14.32 -7.05
CA PRO B 75 43.16 14.15 -5.66
C PRO B 75 44.00 13.16 -4.86
N LEU B 76 44.15 13.41 -3.57
CA LEU B 76 44.86 12.46 -2.70
C LEU B 76 43.96 11.99 -1.59
N HIS B 77 42.96 12.80 -1.28
CA HIS B 77 42.12 12.53 -0.13
C HIS B 77 40.76 13.24 -0.16
N TYR B 78 39.72 12.46 0.15
CA TYR B 78 38.39 13.00 0.29
C TYR B 78 37.96 12.98 1.74
N ASP B 79 37.44 14.11 2.20
CA ASP B 79 36.75 14.20 3.48
C ASP B 79 35.26 14.31 3.22
N LEU B 80 34.53 13.21 3.36
CA LEU B 80 33.11 13.21 2.97
C LEU B 80 32.16 13.11 4.16
N PHE B 81 31.17 13.98 4.15
CA PHE B 81 30.17 14.00 5.21
C PHE B 81 28.78 13.87 4.61
N VAL B 82 28.03 12.86 5.02
CA VAL B 82 26.69 12.77 4.50
C VAL B 82 25.69 12.86 5.61
N HIS B 83 24.68 13.70 5.37
CA HIS B 83 23.52 13.87 6.24
C HIS B 83 22.22 13.59 5.48
N PRO B 84 21.81 12.32 5.47
CA PRO B 84 20.56 11.95 4.82
C PRO B 84 19.41 11.96 5.81
N ASN B 85 18.22 12.27 5.32
CA ASN B 85 17.01 12.09 6.11
C ASN B 85 16.04 11.14 5.41
N LEU B 86 15.70 10.05 6.08
CA LEU B 86 14.91 9.02 5.44
C LEU B 86 13.44 9.25 5.75
N THR B 87 13.11 10.47 6.16
CA THR B 87 11.69 10.81 6.24
C THR B 87 11.42 11.85 5.20
N SER B 88 12.26 12.87 5.08
CA SER B 88 12.06 13.78 3.97
C SER B 88 12.77 13.28 2.73
N LEU B 89 13.20 12.04 2.75
CA LEU B 89 13.92 11.39 1.64
C LEU B 89 14.90 12.26 0.91
N ASP B 90 15.71 12.99 1.65
CA ASP B 90 16.75 13.81 1.02
C ASP B 90 18.02 13.82 1.85
N PHE B 91 19.04 14.53 1.37
CA PHE B 91 20.28 14.67 2.12
C PHE B 91 20.94 16.01 1.87
N VAL B 92 21.71 16.46 2.86
CA VAL B 92 22.68 17.55 2.66
C VAL B 92 24.05 16.97 2.90
N ALA B 93 25.03 17.46 2.16
CA ALA B 93 26.36 16.90 2.34
C ALA B 93 27.47 17.90 2.02
N SER B 94 28.60 17.68 2.68
CA SER B 94 29.82 18.43 2.45
C SER B 94 31.03 17.49 2.26
N GLU B 95 31.91 17.90 1.35
CA GLU B 95 33.14 17.18 1.07
C GLU B 95 34.33 18.11 1.15
N LYS B 96 35.53 17.53 1.12
CA LYS B 96 36.79 18.28 1.09
C LYS B 96 37.87 17.50 0.33
N ILE B 97 38.03 17.84 -0.95
CA ILE B 97 39.00 17.18 -1.82
C ILE B 97 40.41 17.77 -1.66
N GLU B 98 41.37 16.93 -1.27
CA GLU B 98 42.76 17.36 -1.12
C GLU B 98 43.57 17.04 -2.38
N VAL B 99 44.05 18.08 -3.05
CA VAL B 99 44.52 17.93 -4.43
C VAL B 99 46.00 18.33 -4.65
N LEU B 100 46.72 17.50 -5.41
CA LEU B 100 48.03 17.87 -5.95
C LEU B 100 47.84 18.44 -7.35
N VAL B 101 48.87 19.07 -7.89
CA VAL B 101 48.72 19.71 -9.18
C VAL B 101 50.02 19.59 -9.99
N SER B 102 49.92 18.97 -11.17
CA SER B 102 51.08 18.60 -11.98
C SER B 102 51.52 19.70 -12.96
N ASN B 103 50.55 20.45 -13.48
CA ASN B 103 50.80 21.61 -14.32
C ASN B 103 49.94 22.80 -13.87
N ALA B 104 50.28 24.01 -14.31
CA ALA B 104 49.48 25.19 -13.97
C ALA B 104 48.23 25.30 -14.85
N THR B 105 47.20 25.94 -14.32
CA THR B 105 45.91 26.11 -15.01
C THR B 105 45.02 27.11 -14.24
N GLN B 106 44.18 27.85 -14.96
CA GLN B 106 43.28 28.82 -14.35
C GLN B 106 41.90 28.26 -14.01
N PHE B 107 41.78 26.93 -13.92
CA PHE B 107 40.51 26.30 -13.51
C PHE B 107 40.68 24.86 -13.01
N ILE B 108 39.84 24.47 -12.06
CA ILE B 108 39.73 23.07 -11.63
C ILE B 108 38.55 22.42 -12.35
N ILE B 109 38.57 21.09 -12.46
CA ILE B 109 37.49 20.39 -13.13
C ILE B 109 37.08 19.10 -12.42
N LEU B 110 35.77 18.90 -12.35
CA LEU B 110 35.12 17.84 -11.57
C LEU B 110 33.87 17.32 -12.25
N HIS B 111 33.39 16.19 -11.77
CA HIS B 111 32.09 15.69 -12.18
C HIS B 111 31.03 16.14 -11.18
N SER B 112 29.83 16.39 -11.66
CA SER B 112 28.66 16.53 -10.79
C SER B 112 27.38 16.39 -11.62
N LYS B 113 26.46 15.58 -11.14
CA LYS B 113 25.20 15.40 -11.83
C LYS B 113 24.09 15.55 -10.81
N ASP B 114 23.04 16.25 -11.20
CA ASP B 114 21.84 16.35 -10.38
C ASP B 114 22.11 16.73 -8.92
N LEU B 115 23.27 17.31 -8.65
CA LEU B 115 23.59 17.83 -7.32
C LEU B 115 23.56 19.36 -7.28
N GLU B 116 22.85 19.94 -6.31
CA GLU B 116 22.86 21.39 -6.13
C GLU B 116 24.14 21.86 -5.43
N ILE B 117 24.82 22.85 -6.00
CA ILE B 117 26.05 23.37 -5.41
C ILE B 117 25.93 24.78 -4.87
N THR B 118 26.14 24.91 -3.56
CA THR B 118 26.02 26.19 -2.87
C THR B 118 27.38 26.81 -2.59
N ASN B 119 27.98 26.46 -1.46
CA ASN B 119 29.30 27.02 -1.11
C ASN B 119 30.46 26.26 -1.75
N ALA B 120 31.49 27.00 -2.15
CA ALA B 120 32.67 26.40 -2.74
C ALA B 120 33.90 27.25 -2.41
N THR B 121 34.87 26.64 -1.73
CA THR B 121 36.02 27.35 -1.24
C THR B 121 37.29 26.67 -1.71
N LEU B 122 38.34 27.42 -2.01
CA LEU B 122 39.67 26.80 -2.17
C LEU B 122 40.55 27.16 -0.97
N GLN B 123 41.49 26.28 -0.66
CA GLN B 123 42.30 26.40 0.53
C GLN B 123 43.63 25.69 0.28
N SER B 124 44.72 26.24 0.82
CA SER B 124 46.04 25.66 0.57
C SER B 124 47.04 26.07 1.65
N GLU B 125 47.88 25.11 2.03
CA GLU B 125 48.94 25.36 3.01
C GLU B 125 50.28 25.61 2.31
N GLU B 126 50.54 24.88 1.22
CA GLU B 126 51.76 25.05 0.45
C GLU B 126 51.79 26.43 -0.23
N ASP B 127 50.72 26.78 -0.96
CA ASP B 127 50.55 28.15 -1.45
C ASP B 127 49.65 28.92 -0.49
N SER B 128 50.11 30.09 -0.05
CA SER B 128 49.32 30.88 0.89
C SER B 128 48.50 31.96 0.20
N ARG B 129 48.47 31.93 -1.14
CA ARG B 129 47.58 32.83 -1.87
C ARG B 129 46.13 32.43 -1.59
N TYR B 130 45.95 31.17 -1.17
CA TYR B 130 44.68 30.67 -0.66
C TYR B 130 44.86 30.16 0.77
N MET B 131 45.70 30.87 1.51
CA MET B 131 45.78 30.67 2.96
C MET B 131 44.37 30.80 3.53
N LYS B 132 44.05 29.96 4.51
CA LYS B 132 42.71 29.93 5.10
C LYS B 132 42.27 31.30 5.62
N PRO B 133 40.95 31.59 5.54
CA PRO B 133 39.92 30.68 5.01
C PRO B 133 39.70 30.77 3.50
N GLY B 134 39.84 31.96 2.93
CA GLY B 134 39.34 32.24 1.59
C GLY B 134 40.09 31.64 0.40
N LYS B 135 39.47 31.73 -0.77
CA LYS B 135 38.18 32.41 -0.93
C LYS B 135 37.15 31.55 -1.64
N GLU B 136 36.19 32.19 -2.30
CA GLU B 136 35.10 31.47 -2.97
C GLU B 136 35.36 31.29 -4.47
N LEU B 137 34.54 30.45 -5.11
CA LEU B 137 34.63 30.18 -6.56
C LEU B 137 33.22 30.23 -7.15
N LYS B 138 33.11 30.44 -8.47
CA LYS B 138 31.78 30.58 -9.09
C LYS B 138 31.37 29.35 -9.91
N VAL B 139 32.24 28.36 -9.92
CA VAL B 139 31.96 27.01 -10.44
C VAL B 139 31.37 26.98 -11.87
N LEU B 140 30.08 27.24 -12.04
CA LEU B 140 29.34 26.89 -13.26
C LEU B 140 29.44 25.40 -13.67
N SER B 141 28.34 24.88 -14.20
CA SER B 141 28.20 23.47 -14.52
C SER B 141 27.95 23.27 -16.00
N TYR B 142 28.62 22.27 -16.57
CA TYR B 142 28.25 21.76 -17.89
C TYR B 142 27.51 20.44 -17.70
N PRO B 143 26.19 20.43 -17.93
CA PRO B 143 25.40 19.25 -17.58
C PRO B 143 25.41 18.17 -18.65
N ALA B 144 26.13 18.39 -19.74
CA ALA B 144 26.13 17.44 -20.85
C ALA B 144 27.27 16.44 -20.70
N HIS B 145 28.42 16.94 -20.31
CA HIS B 145 29.56 16.09 -20.00
C HIS B 145 29.62 15.92 -18.50
N GLU B 146 28.51 16.28 -17.84
CA GLU B 146 28.31 16.10 -16.40
C GLU B 146 29.50 16.53 -15.57
N GLN B 147 30.09 17.65 -15.97
CA GLN B 147 31.21 18.27 -15.26
C GLN B 147 30.88 19.66 -14.73
N ILE B 148 31.53 20.04 -13.64
CA ILE B 148 31.52 21.43 -13.24
C ILE B 148 32.97 21.90 -13.10
N ALA B 149 33.24 23.11 -13.59
CA ALA B 149 34.60 23.63 -13.63
C ALA B 149 34.77 24.80 -12.68
N LEU B 150 35.20 24.50 -11.44
CA LEU B 150 35.43 25.53 -10.43
C LEU B 150 36.36 26.65 -10.91
N LEU B 151 35.79 27.84 -11.13
CA LEU B 151 36.57 29.00 -11.59
C LEU B 151 37.41 29.60 -10.45
N VAL B 152 38.70 29.77 -10.72
CA VAL B 152 39.66 30.10 -9.68
C VAL B 152 40.06 31.60 -9.79
N PRO B 153 40.35 32.25 -8.65
CA PRO B 153 40.83 33.64 -8.63
C PRO B 153 42.03 33.88 -9.55
N GLU B 154 43.16 33.25 -9.25
CA GLU B 154 44.37 33.32 -10.08
C GLU B 154 44.95 31.92 -10.27
N LYS B 155 45.83 31.74 -11.26
CA LYS B 155 46.44 30.43 -11.53
C LYS B 155 47.07 29.80 -10.28
N LEU B 156 47.17 28.47 -10.27
CA LEU B 156 47.71 27.76 -9.12
C LEU B 156 49.17 27.37 -9.32
N THR B 157 49.90 27.26 -8.21
CA THR B 157 51.31 26.88 -8.19
C THR B 157 51.48 25.38 -8.36
N PRO B 158 51.97 24.95 -9.54
CA PRO B 158 52.21 23.52 -9.77
C PRO B 158 53.05 22.87 -8.67
N HIS B 159 52.95 21.54 -8.57
CA HIS B 159 53.72 20.73 -7.62
C HIS B 159 53.33 21.04 -6.16
N LEU B 160 52.10 21.50 -5.95
CA LEU B 160 51.62 21.86 -4.62
C LEU B 160 50.29 21.20 -4.20
N LYS B 161 50.03 21.20 -2.89
CA LYS B 161 48.79 20.64 -2.32
C LYS B 161 47.73 21.72 -2.01
N TYR B 162 46.63 21.69 -2.76
CA TYR B 162 45.48 22.57 -2.51
C TYR B 162 44.32 21.79 -1.89
N TYR B 163 43.32 22.50 -1.39
CA TYR B 163 42.14 21.86 -0.80
C TYR B 163 40.85 22.43 -1.39
N VAL B 164 40.08 21.56 -2.05
CA VAL B 164 38.76 21.93 -2.53
C VAL B 164 37.70 21.49 -1.51
N ALA B 165 36.74 22.36 -1.25
CA ALA B 165 35.70 22.10 -0.25
C ALA B 165 34.36 22.59 -0.75
N MET B 166 33.35 21.71 -0.69
CA MET B 166 32.04 22.05 -1.20
C MET B 166 30.91 21.62 -0.28
N ASP B 167 29.80 22.33 -0.37
CA ASP B 167 28.54 21.91 0.24
C ASP B 167 27.55 21.68 -0.88
N PHE B 168 26.80 20.59 -0.77
CA PHE B 168 25.83 20.22 -1.79
C PHE B 168 24.66 19.47 -1.16
N GLN B 169 23.60 19.32 -1.95
CA GLN B 169 22.38 18.67 -1.50
C GLN B 169 21.53 18.18 -2.66
N ALA B 170 20.68 17.21 -2.38
CA ALA B 170 19.81 16.62 -3.39
C ALA B 170 18.82 15.70 -2.74
N LYS B 171 17.79 15.34 -3.49
CA LYS B 171 16.82 14.37 -3.02
C LYS B 171 17.48 13.00 -3.12
N LEU B 172 17.08 12.05 -2.28
CA LEU B 172 17.48 10.68 -2.54
C LEU B 172 17.03 10.29 -3.93
N GLY B 173 17.55 9.18 -4.43
CA GLY B 173 17.37 8.84 -5.80
C GLY B 173 16.08 8.12 -6.03
N ASP B 174 15.48 8.41 -7.19
CA ASP B 174 14.26 7.80 -7.71
C ASP B 174 14.33 6.28 -7.82
N GLY B 175 15.41 5.78 -8.43
CA GLY B 175 15.74 4.36 -8.37
C GLY B 175 17.10 3.86 -8.87
N PHE B 176 17.63 2.85 -8.21
CA PHE B 176 18.77 2.04 -8.68
C PHE B 176 20.15 2.69 -8.89
N GLU B 177 20.27 4.01 -8.88
CA GLU B 177 21.58 4.64 -9.08
C GLU B 177 21.91 5.79 -8.13
N GLY B 178 23.21 5.99 -7.88
CA GLY B 178 23.66 7.02 -6.97
C GLY B 178 23.23 6.76 -5.54
N PHE B 179 23.05 7.83 -4.78
CA PHE B 179 22.49 7.71 -3.44
C PHE B 179 20.97 7.66 -3.49
N TYR B 180 20.42 6.45 -3.33
CA TYR B 180 19.02 6.18 -3.65
C TYR B 180 18.26 5.46 -2.51
N LYS B 181 16.93 5.46 -2.57
CA LYS B 181 16.16 4.81 -1.51
C LYS B 181 15.52 3.50 -1.94
N SER B 182 15.30 2.63 -0.97
CA SER B 182 14.82 1.28 -1.21
C SER B 182 13.96 0.90 -0.01
N THR B 183 13.05 -0.05 -0.21
CA THR B 183 12.13 -0.42 0.87
C THR B 183 12.04 -1.94 1.02
N TYR B 184 11.35 -2.37 2.03
CA TYR B 184 11.13 -3.78 2.19
C TYR B 184 9.94 -4.05 3.06
N ARG B 185 9.38 -5.26 2.96
CA ARG B 185 8.25 -5.63 3.78
C ARG B 185 8.82 -6.33 4.99
N THR B 186 8.06 -6.34 6.07
CA THR B 186 8.51 -7.02 7.27
C THR B 186 7.55 -8.16 7.49
N LEU B 187 7.89 -9.04 8.43
CA LEU B 187 7.07 -10.20 8.72
C LEU B 187 5.63 -9.80 9.01
N GLY B 188 5.45 -8.66 9.67
CA GLY B 188 4.13 -8.20 9.98
C GLY B 188 3.44 -7.32 8.94
N GLY B 189 4.17 -6.89 7.92
CA GLY B 189 3.54 -6.11 6.89
C GLY B 189 3.88 -4.63 6.88
N GLU B 190 4.71 -4.21 7.83
CA GLU B 190 5.28 -2.86 7.82
C GLU B 190 6.22 -2.74 6.62
N THR B 191 6.25 -1.58 5.96
CA THR B 191 7.24 -1.37 4.89
C THR B 191 8.23 -0.28 5.34
N ARG B 192 9.53 -0.63 5.47
CA ARG B 192 10.58 0.27 6.00
C ARG B 192 11.63 0.72 4.97
N ILE B 193 12.22 1.88 5.19
CA ILE B 193 13.07 2.51 4.19
C ILE B 193 14.55 2.37 4.50
N LEU B 194 15.41 2.31 3.49
CA LEU B 194 16.86 2.44 3.64
C LEU B 194 17.45 3.26 2.54
N ALA B 195 18.70 3.66 2.72
CA ALA B 195 19.37 4.44 1.70
C ALA B 195 20.66 3.73 1.32
N VAL B 196 20.95 3.69 0.03
CA VAL B 196 22.02 2.86 -0.52
C VAL B 196 22.74 3.62 -1.61
N THR B 197 24.03 3.35 -1.76
CA THR B 197 24.76 3.85 -2.91
C THR B 197 24.96 2.77 -3.92
N ASP B 198 25.08 3.21 -5.17
CA ASP B 198 25.56 2.41 -6.29
C ASP B 198 26.16 3.28 -7.35
N PHE B 199 27.49 3.28 -7.46
CA PHE B 199 28.18 4.25 -8.30
C PHE B 199 28.72 3.71 -9.61
N GLU B 200 28.85 2.40 -9.75
CA GLU B 200 29.43 1.89 -10.99
C GLU B 200 28.48 2.04 -12.17
N PRO B 201 28.96 2.65 -13.27
CA PRO B 201 30.33 3.11 -13.49
C PRO B 201 30.59 4.59 -13.19
N THR B 202 29.58 5.42 -13.33
CA THR B 202 29.79 6.85 -13.33
C THR B 202 28.71 7.55 -12.58
N GLN B 203 28.51 7.16 -11.33
CA GLN B 203 27.40 7.72 -10.60
C GLN B 203 27.74 8.17 -9.17
N ALA B 204 29.01 8.12 -8.78
CA ALA B 204 29.39 8.77 -7.54
C ALA B 204 29.14 10.25 -7.67
N ARG B 205 29.19 10.72 -8.92
CA ARG B 205 28.99 12.12 -9.27
C ARG B 205 27.56 12.58 -9.03
N MET B 206 26.65 11.63 -8.81
CA MET B 206 25.31 11.98 -8.36
C MET B 206 25.18 11.89 -6.83
N ALA B 207 26.30 11.97 -6.12
CA ALA B 207 26.24 11.75 -4.70
C ALA B 207 27.16 12.71 -3.98
N PHE B 208 28.24 13.08 -4.66
CA PHE B 208 29.22 14.07 -4.20
C PHE B 208 30.17 14.31 -5.33
N PRO B 209 30.50 15.58 -5.61
CA PRO B 209 31.28 15.86 -6.81
C PRO B 209 32.68 15.33 -6.66
N CYS B 210 33.27 14.93 -7.76
CA CYS B 210 34.53 14.21 -7.70
C CYS B 210 35.09 13.95 -9.08
N PHE B 211 36.33 13.48 -9.07
CA PHE B 211 36.91 12.92 -10.26
C PHE B 211 36.33 11.53 -10.35
N ASP B 212 35.35 11.37 -11.24
CA ASP B 212 34.55 10.16 -11.30
C ASP B 212 35.11 9.20 -12.34
N GLU B 213 36.42 9.30 -12.56
CA GLU B 213 37.17 8.36 -13.40
C GLU B 213 37.99 7.47 -12.48
N PRO B 214 38.07 6.18 -12.80
CA PRO B 214 38.66 5.18 -11.92
C PRO B 214 40.14 5.38 -11.70
N LEU B 215 40.79 6.17 -12.53
CA LEU B 215 42.21 6.47 -12.33
C LEU B 215 42.47 7.25 -11.02
N PHE B 216 41.87 8.43 -10.90
CA PHE B 216 42.08 9.28 -9.73
C PHE B 216 41.82 8.60 -8.40
N LYS B 217 42.53 7.52 -8.10
CA LYS B 217 42.39 6.89 -6.79
C LYS B 217 42.67 7.87 -5.65
N ALA B 218 42.33 7.48 -4.43
CA ALA B 218 42.47 8.36 -3.27
C ALA B 218 42.13 7.61 -1.99
N ASN B 219 42.27 8.31 -0.85
CA ASN B 219 41.82 7.79 0.44
C ASN B 219 40.47 8.46 0.72
N PHE B 220 39.62 7.83 1.53
CA PHE B 220 38.30 8.41 1.77
C PHE B 220 37.92 8.42 3.24
N SER B 221 37.58 9.60 3.74
CA SER B 221 37.10 9.74 5.12
C SER B 221 35.60 10.03 5.17
N ILE B 222 34.84 9.12 5.75
CA ILE B 222 33.40 9.14 5.60
C ILE B 222 32.69 9.32 6.94
N LYS B 223 31.99 10.44 7.11
CA LYS B 223 31.12 10.64 8.29
C LYS B 223 29.63 10.58 7.92
N ILE B 224 28.83 9.91 8.74
CA ILE B 224 27.40 9.75 8.49
C ILE B 224 26.56 10.18 9.70
N ARG B 225 25.66 11.14 9.49
CA ARG B 225 24.78 11.56 10.58
C ARG B 225 23.44 10.85 10.46
N ARG B 226 22.95 10.28 11.56
CA ARG B 226 21.79 9.40 11.50
C ARG B 226 20.91 9.44 12.73
N GLU B 227 19.83 8.69 12.70
CA GLU B 227 19.00 8.53 13.88
C GLU B 227 19.44 7.27 14.55
N SER B 228 18.83 6.98 15.70
CA SER B 228 19.21 5.83 16.50
C SER B 228 18.61 4.56 15.96
N ARG B 229 17.46 4.71 15.29
CA ARG B 229 16.75 3.58 14.74
C ARG B 229 17.55 3.05 13.56
N HIS B 230 18.64 3.75 13.25
CA HIS B 230 19.49 3.43 12.12
C HIS B 230 20.92 3.03 12.47
N ILE B 231 21.48 2.18 11.63
CA ILE B 231 22.90 1.88 11.65
C ILE B 231 23.45 2.50 10.37
N ALA B 232 24.74 2.72 10.27
CA ALA B 232 25.26 3.22 9.01
C ALA B 232 26.54 2.50 8.65
N LEU B 233 26.45 1.52 7.75
CA LEU B 233 27.62 0.79 7.27
C LEU B 233 28.33 1.61 6.20
N SER B 234 29.65 1.54 6.12
CA SER B 234 30.37 2.10 4.99
C SER B 234 31.46 1.12 4.63
N ASN B 235 32.44 1.54 3.83
CA ASN B 235 33.52 0.62 3.43
C ASN B 235 34.31 0.11 4.63
N MET B 236 35.03 1.01 5.29
CA MET B 236 35.90 0.64 6.39
C MET B 236 35.06 0.60 7.66
N PRO B 237 35.59 0.04 8.76
CA PRO B 237 34.80 -0.03 10.01
C PRO B 237 34.69 1.30 10.75
N LYS B 238 33.76 1.32 11.71
CA LYS B 238 33.37 2.54 12.40
C LYS B 238 34.20 2.81 13.65
N VAL B 239 35.08 3.80 13.51
CA VAL B 239 35.85 4.40 14.60
C VAL B 239 34.99 4.78 15.81
N LYS B 240 34.06 5.71 15.62
CA LYS B 240 33.25 6.18 16.75
C LYS B 240 31.89 6.80 16.37
N THR B 241 30.93 6.62 17.27
CA THR B 241 29.65 7.31 17.24
C THR B 241 29.61 8.47 18.24
N ILE B 242 29.50 9.70 17.75
CA ILE B 242 29.45 10.84 18.65
C ILE B 242 28.05 11.46 18.73
N GLU B 243 27.32 11.15 19.81
CA GLU B 243 25.98 11.69 20.05
C GLU B 243 25.97 13.22 19.92
N LEU B 244 24.88 13.77 19.40
CA LEU B 244 24.81 15.20 19.16
C LEU B 244 23.67 15.80 19.96
N GLU B 245 23.69 17.12 20.07
CA GLU B 245 22.75 17.81 20.92
C GLU B 245 21.35 17.53 20.44
N GLY B 246 21.18 17.50 19.12
CA GLY B 246 19.89 17.24 18.51
C GLY B 246 19.23 15.94 18.97
N GLY B 247 20.02 15.06 19.56
CA GLY B 247 19.53 13.74 19.94
C GLY B 247 19.88 12.74 18.85
N LEU B 248 20.65 13.22 17.87
CA LEU B 248 21.05 12.40 16.73
C LEU B 248 22.48 11.89 16.86
N LEU B 249 22.77 10.77 16.23
CA LEU B 249 24.08 10.14 16.34
C LEU B 249 24.89 10.45 15.10
N GLU B 250 26.22 10.43 15.21
CA GLU B 250 27.08 10.59 14.04
C GLU B 250 28.26 9.60 14.04
N ASP B 251 28.37 8.81 12.96
CA ASP B 251 29.32 7.71 12.82
C ASP B 251 30.55 8.11 12.00
N HIS B 252 31.72 7.72 12.51
CA HIS B 252 32.98 8.04 11.89
C HIS B 252 33.63 6.75 11.38
N PHE B 253 34.25 6.82 10.21
CA PHE B 253 34.74 5.61 9.56
C PHE B 253 36.23 5.72 9.31
N GLU B 254 36.95 4.64 9.63
CA GLU B 254 38.40 4.58 9.47
C GLU B 254 38.76 4.85 8.00
N THR B 255 39.75 5.70 7.75
CA THR B 255 39.96 6.16 6.39
C THR B 255 40.25 4.97 5.46
N THR B 256 39.68 5.00 4.26
CA THR B 256 39.87 3.90 3.31
C THR B 256 41.29 3.84 2.82
N VAL B 257 41.61 2.76 2.12
CA VAL B 257 42.83 2.69 1.32
C VAL B 257 42.62 3.49 0.06
N LYS B 258 43.47 3.27 -0.93
CA LYS B 258 43.33 4.00 -2.18
C LYS B 258 42.44 3.22 -3.15
N MET B 259 41.17 3.64 -3.23
CA MET B 259 40.23 3.05 -4.17
C MET B 259 39.87 4.06 -5.23
N SER B 260 39.17 3.61 -6.26
CA SER B 260 38.60 4.53 -7.24
C SER B 260 37.19 4.96 -6.77
N THR B 261 36.64 6.02 -7.36
CA THR B 261 35.36 6.58 -6.89
C THR B 261 34.22 5.55 -6.87
N TYR B 262 34.08 4.79 -7.94
CA TYR B 262 32.95 3.90 -8.08
C TYR B 262 32.89 2.83 -6.98
N LEU B 263 33.76 2.91 -5.97
CA LEU B 263 33.75 1.89 -4.93
C LEU B 263 33.36 2.40 -3.57
N VAL B 264 33.25 3.71 -3.44
CA VAL B 264 32.75 4.29 -2.20
C VAL B 264 31.32 3.83 -1.90
N ALA B 265 31.04 3.52 -0.65
CA ALA B 265 29.72 3.03 -0.33
C ALA B 265 29.24 3.39 1.07
N TYR B 266 28.03 3.93 1.20
CA TYR B 266 27.48 4.11 2.53
C TYR B 266 26.02 3.80 2.52
N ILE B 267 25.53 3.34 3.65
CA ILE B 267 24.20 2.83 3.75
C ILE B 267 23.64 3.31 5.06
N VAL B 268 22.40 3.76 5.08
CA VAL B 268 21.76 3.96 6.35
C VAL B 268 20.60 3.03 6.34
N CYS B 269 20.60 2.07 7.26
CA CYS B 269 19.46 1.17 7.38
C CYS B 269 19.28 0.71 8.81
N ASP B 270 18.42 -0.30 8.98
CA ASP B 270 18.14 -0.83 10.28
C ASP B 270 18.26 -2.34 10.20
N PHE B 271 19.45 -2.79 9.83
CA PHE B 271 19.65 -4.22 9.60
C PHE B 271 20.31 -4.94 10.79
N HIS B 272 19.93 -6.19 10.99
CA HIS B 272 20.64 -7.08 11.90
C HIS B 272 21.59 -7.98 11.10
N SER B 273 22.74 -8.30 11.69
CA SER B 273 23.75 -9.09 10.99
C SER B 273 24.08 -10.45 11.64
N LEU B 274 24.75 -11.31 10.88
CA LEU B 274 25.41 -12.51 11.39
C LEU B 274 26.88 -12.34 11.24
N SER B 275 27.65 -12.93 12.15
CA SER B 275 29.07 -12.61 12.25
C SER B 275 29.92 -13.86 12.47
N GLY B 276 31.17 -13.73 12.05
CA GLY B 276 32.13 -14.80 12.13
C GLY B 276 33.48 -14.23 11.71
N PHE B 277 34.52 -15.05 11.82
CA PHE B 277 35.87 -14.59 11.54
C PHE B 277 36.60 -15.54 10.62
N THR B 278 37.47 -14.96 9.82
CA THR B 278 38.36 -15.67 8.92
C THR B 278 39.59 -16.14 9.69
N SER B 279 40.40 -16.97 9.05
CA SER B 279 41.75 -17.28 9.55
C SER B 279 42.47 -15.96 9.84
N SER B 280 42.56 -15.11 8.82
CA SER B 280 43.23 -13.83 8.93
C SER B 280 42.39 -12.80 9.69
N GLY B 281 41.54 -13.28 10.59
CA GLY B 281 40.87 -12.48 11.60
C GLY B 281 39.80 -11.47 11.16
N VAL B 282 39.57 -11.44 9.84
CA VAL B 282 38.60 -10.54 9.22
C VAL B 282 37.18 -10.78 9.72
N LYS B 283 36.56 -9.72 10.22
CA LYS B 283 35.18 -9.82 10.65
C LYS B 283 34.28 -9.80 9.38
N VAL B 284 33.49 -10.85 9.25
CA VAL B 284 32.70 -11.08 8.07
C VAL B 284 31.25 -11.13 8.49
N SER B 285 30.50 -10.13 8.07
CA SER B 285 29.12 -10.05 8.48
C SER B 285 28.19 -10.04 7.27
N ILE B 286 27.10 -10.77 7.42
CA ILE B 286 26.06 -10.83 6.43
C ILE B 286 24.91 -9.99 6.95
N TYR B 287 24.59 -8.90 6.26
CA TYR B 287 23.58 -7.97 6.74
C TYR B 287 22.30 -8.20 5.99
N ALA B 288 21.17 -7.87 6.61
CA ALA B 288 19.87 -8.11 6.00
C ALA B 288 18.68 -7.50 6.74
N SER B 289 17.55 -7.44 6.04
CA SER B 289 16.25 -7.19 6.63
C SER B 289 16.11 -8.04 7.91
N PRO B 290 15.44 -7.51 8.96
CA PRO B 290 15.63 -8.13 10.28
C PRO B 290 14.91 -9.45 10.40
N ASP B 291 13.78 -9.59 9.71
CA ASP B 291 13.00 -10.81 9.74
C ASP B 291 13.64 -11.89 8.87
N LYS B 292 14.79 -11.60 8.28
CA LYS B 292 15.46 -12.54 7.38
C LYS B 292 16.84 -12.94 7.88
N ARG B 293 17.07 -12.77 9.16
CA ARG B 293 18.37 -13.02 9.76
C ARG B 293 18.75 -14.49 9.64
N ASN B 294 17.74 -15.37 9.68
CA ASN B 294 17.97 -16.81 9.51
C ASN B 294 18.55 -17.16 8.14
N GLN B 295 17.99 -16.56 7.09
CA GLN B 295 18.44 -16.80 5.72
C GLN B 295 19.92 -16.43 5.44
N THR B 296 20.61 -15.82 6.40
CA THR B 296 21.96 -15.31 6.16
C THR B 296 23.08 -16.32 6.39
N HIS B 297 22.73 -17.54 6.82
CA HIS B 297 23.72 -18.51 7.29
C HIS B 297 24.66 -19.06 6.23
N TYR B 298 24.11 -19.60 5.13
CA TYR B 298 24.97 -20.17 4.09
C TYR B 298 25.96 -19.14 3.61
N ALA B 299 25.50 -17.90 3.49
CA ALA B 299 26.34 -16.83 3.00
C ALA B 299 27.49 -16.58 3.94
N LEU B 300 27.32 -16.91 5.21
CA LEU B 300 28.40 -16.72 6.16
C LEU B 300 29.46 -17.78 5.93
N GLN B 301 29.05 -19.04 5.94
CA GLN B 301 29.99 -20.16 5.88
C GLN B 301 30.71 -20.16 4.53
N ALA B 302 29.94 -20.12 3.44
CA ALA B 302 30.49 -20.04 2.09
C ALA B 302 31.38 -18.81 1.92
N SER B 303 30.94 -17.68 2.45
CA SER B 303 31.75 -16.48 2.38
C SER B 303 33.05 -16.70 3.13
N LEU B 304 32.95 -17.34 4.30
CA LEU B 304 34.11 -17.52 5.17
C LEU B 304 35.13 -18.50 4.60
N LYS B 305 34.66 -19.67 4.13
CA LYS B 305 35.51 -20.55 3.32
C LYS B 305 36.13 -19.77 2.17
N LEU B 306 35.27 -19.27 1.29
CA LEU B 306 35.70 -18.58 0.08
C LEU B 306 36.74 -17.49 0.30
N LEU B 307 36.64 -16.72 1.38
CA LEU B 307 37.55 -15.60 1.48
C LEU B 307 38.96 -16.11 1.70
N ASP B 308 39.11 -17.12 2.55
CA ASP B 308 40.47 -17.57 2.82
C ASP B 308 41.06 -18.29 1.61
N PHE B 309 40.25 -19.05 0.86
CA PHE B 309 40.76 -19.63 -0.37
C PHE B 309 41.44 -18.56 -1.22
N TYR B 310 40.72 -17.49 -1.52
CA TYR B 310 41.24 -16.44 -2.38
C TYR B 310 42.54 -15.93 -1.80
N GLU B 311 42.50 -15.64 -0.50
CA GLU B 311 43.62 -15.05 0.20
C GLU B 311 44.90 -15.81 -0.11
N LYS B 312 45.03 -17.02 0.42
CA LYS B 312 46.24 -17.80 0.20
C LYS B 312 46.51 -18.06 -1.29
N TYR B 313 45.49 -18.46 -2.04
CA TYR B 313 45.65 -18.69 -3.48
C TYR B 313 46.22 -17.46 -4.19
N PHE B 314 46.02 -16.29 -3.60
CA PHE B 314 46.55 -15.06 -4.18
C PHE B 314 47.86 -14.73 -3.50
N ASP B 315 48.05 -15.33 -2.33
CA ASP B 315 49.14 -15.02 -1.39
C ASP B 315 48.97 -13.63 -0.78
N ILE B 316 47.83 -12.99 -1.06
CA ILE B 316 47.55 -11.66 -0.51
C ILE B 316 46.47 -11.70 0.56
N TYR B 317 46.78 -11.12 1.72
CA TYR B 317 45.78 -10.99 2.77
C TYR B 317 44.70 -9.98 2.37
N TYR B 318 43.46 -10.24 2.74
CA TYR B 318 42.43 -9.22 2.56
C TYR B 318 42.72 -8.08 3.56
N PRO B 319 43.03 -6.87 3.03
CA PRO B 319 43.61 -5.73 3.76
C PRO B 319 42.72 -4.97 4.75
N LEU B 320 41.51 -5.44 5.03
CA LEU B 320 40.60 -4.68 5.90
C LEU B 320 40.08 -5.55 7.03
N SER B 321 39.84 -4.91 8.17
CA SER B 321 39.41 -5.65 9.35
C SER B 321 38.08 -6.34 9.09
N LYS B 322 37.11 -5.57 8.59
CA LYS B 322 35.81 -6.12 8.22
C LYS B 322 35.66 -6.29 6.72
N LEU B 323 34.79 -7.23 6.36
CA LEU B 323 34.19 -7.28 5.03
C LEU B 323 32.74 -7.63 5.22
N ASP B 324 31.84 -6.70 4.90
CA ASP B 324 30.41 -6.97 5.07
C ASP B 324 29.69 -7.27 3.76
N LEU B 325 28.65 -8.08 3.85
CA LEU B 325 27.81 -8.46 2.70
C LEU B 325 26.36 -8.20 3.03
N ILE B 326 25.73 -7.26 2.32
CA ILE B 326 24.39 -6.85 2.71
C ILE B 326 23.37 -7.05 1.58
N ALA B 327 22.27 -7.69 1.93
CA ALA B 327 21.23 -7.99 0.96
C ALA B 327 20.31 -6.79 0.76
N ILE B 328 20.34 -6.21 -0.43
CA ILE B 328 19.63 -4.97 -0.67
C ILE B 328 18.31 -5.27 -1.37
N PRO B 329 17.19 -4.88 -0.76
CA PRO B 329 15.83 -5.16 -1.28
C PRO B 329 15.57 -4.69 -2.72
N ASP B 330 16.05 -3.51 -3.06
CA ASP B 330 15.92 -2.95 -4.39
C ASP B 330 17.29 -2.71 -4.97
N PHE B 331 17.71 -3.60 -5.86
CA PHE B 331 19.09 -3.57 -6.34
C PHE B 331 19.19 -4.06 -7.79
N ALA B 332 19.63 -3.19 -8.68
CA ALA B 332 19.51 -3.50 -10.09
C ALA B 332 20.44 -4.62 -10.49
N PRO B 333 21.76 -4.48 -10.23
CA PRO B 333 22.62 -5.58 -10.65
C PRO B 333 22.54 -6.72 -9.67
N GLY B 334 23.26 -7.82 -9.94
CA GLY B 334 23.16 -8.98 -9.07
C GLY B 334 23.95 -8.77 -7.80
N ALA B 335 25.02 -8.00 -7.92
CA ALA B 335 25.79 -7.52 -6.82
C ALA B 335 26.65 -6.40 -7.31
N MET B 336 27.31 -5.72 -6.38
CA MET B 336 28.32 -4.73 -6.75
C MET B 336 29.41 -4.72 -5.69
N GLU B 337 30.64 -4.79 -6.16
CA GLU B 337 31.78 -5.20 -5.33
C GLU B 337 32.38 -4.17 -4.40
N ASN B 338 31.60 -3.23 -3.87
CA ASN B 338 32.18 -2.13 -3.09
C ASN B 338 33.04 -2.69 -1.99
N TRP B 339 34.24 -2.12 -1.87
CA TRP B 339 35.27 -2.52 -0.91
C TRP B 339 34.80 -2.42 0.52
N GLY B 340 34.63 -3.57 1.15
CA GLY B 340 34.22 -3.63 2.54
C GLY B 340 32.73 -3.76 2.67
N LEU B 341 32.01 -3.22 1.69
CA LEU B 341 30.54 -3.23 1.72
C LEU B 341 29.97 -3.74 0.40
N ILE B 342 29.75 -5.06 0.35
CA ILE B 342 29.30 -5.74 -0.86
C ILE B 342 27.78 -5.90 -0.89
N THR B 343 27.18 -5.24 -1.87
CA THR B 343 25.74 -5.19 -2.01
C THR B 343 25.26 -6.28 -2.96
N TYR B 344 24.13 -6.87 -2.63
CA TYR B 344 23.56 -8.02 -3.31
C TYR B 344 22.06 -7.90 -3.49
N ARG B 345 21.51 -8.48 -4.54
CA ARG B 345 20.09 -8.77 -4.50
C ARG B 345 19.93 -9.84 -3.48
N GLU B 346 18.78 -9.84 -2.81
CA GLU B 346 18.47 -10.87 -1.86
C GLU B 346 18.54 -12.26 -2.48
N THR B 347 18.44 -12.31 -3.79
CA THR B 347 18.50 -13.62 -4.44
C THR B 347 19.93 -14.14 -4.60
N SER B 348 20.92 -13.27 -4.37
CA SER B 348 22.28 -13.69 -4.58
C SER B 348 22.98 -13.94 -3.25
N LEU B 349 22.26 -13.86 -2.15
CA LEU B 349 22.96 -13.94 -0.88
C LEU B 349 22.27 -14.80 0.14
N LEU B 350 20.94 -14.79 0.13
CA LEU B 350 20.21 -15.46 1.18
C LEU B 350 19.73 -16.81 0.75
N PHE B 351 19.70 -17.75 1.67
CA PHE B 351 19.34 -19.12 1.33
C PHE B 351 18.39 -19.77 2.32
N ASP B 352 17.11 -19.84 1.99
CA ASP B 352 16.16 -20.56 2.85
C ASP B 352 15.91 -21.99 2.38
N PRO B 353 16.54 -22.96 3.06
CA PRO B 353 16.52 -24.39 2.74
C PRO B 353 15.12 -24.86 2.44
N LYS B 354 14.15 -24.29 3.13
CA LYS B 354 12.77 -24.69 2.98
C LYS B 354 12.27 -24.38 1.59
N THR B 355 12.80 -23.32 0.98
CA THR B 355 12.31 -22.88 -0.32
C THR B 355 13.44 -22.45 -1.25
N SER B 356 14.67 -22.61 -0.79
CA SER B 356 15.83 -22.42 -1.66
C SER B 356 16.25 -23.78 -2.25
N SER B 357 16.70 -23.80 -3.50
CA SER B 357 17.03 -25.07 -4.15
C SER B 357 18.52 -25.32 -4.29
N ALA B 358 18.84 -26.42 -4.97
CA ALA B 358 20.21 -26.82 -5.25
C ALA B 358 20.90 -25.78 -6.12
N SER B 359 20.24 -25.45 -7.22
CA SER B 359 20.69 -24.45 -8.19
C SER B 359 20.84 -23.09 -7.54
N ASP B 360 19.92 -22.77 -6.64
CA ASP B 360 20.01 -21.53 -5.89
C ASP B 360 21.31 -21.52 -5.10
N LYS B 361 21.53 -22.59 -4.33
CA LYS B 361 22.76 -22.75 -3.57
C LYS B 361 24.00 -22.55 -4.43
N LEU B 362 23.96 -23.06 -5.66
CA LEU B 362 25.10 -22.90 -6.55
C LEU B 362 25.27 -21.44 -6.95
N TRP B 363 24.15 -20.80 -7.29
CA TRP B 363 24.17 -19.41 -7.75
C TRP B 363 24.65 -18.41 -6.70
N VAL B 364 24.24 -18.59 -5.45
CA VAL B 364 24.65 -17.70 -4.39
C VAL B 364 26.17 -17.77 -4.26
N THR B 365 26.65 -18.99 -4.10
CA THR B 365 28.06 -19.30 -4.06
C THR B 365 28.82 -18.51 -5.13
N ARG B 366 28.40 -18.72 -6.38
CA ARG B 366 29.00 -18.03 -7.51
C ARG B 366 29.15 -16.53 -7.27
N VAL B 367 28.07 -15.88 -6.86
CA VAL B 367 28.09 -14.42 -6.82
C VAL B 367 28.97 -13.97 -5.66
N ILE B 368 28.88 -14.66 -4.53
CA ILE B 368 29.83 -14.44 -3.45
C ILE B 368 31.26 -14.69 -3.93
N ALA B 369 31.46 -15.82 -4.59
CA ALA B 369 32.74 -16.13 -5.17
C ALA B 369 33.15 -15.00 -6.08
N HIS B 370 32.25 -14.65 -7.01
CA HIS B 370 32.46 -13.56 -7.95
C HIS B 370 32.81 -12.23 -7.31
N GLU B 371 32.05 -11.82 -6.31
CA GLU B 371 32.22 -10.49 -5.73
C GLU B 371 33.43 -10.45 -4.80
N LEU B 372 33.76 -11.55 -4.15
CA LEU B 372 34.98 -11.55 -3.32
C LEU B 372 36.20 -11.57 -4.24
N ALA B 373 36.13 -12.32 -5.35
CA ALA B 373 37.21 -12.28 -6.33
C ALA B 373 37.44 -10.86 -6.85
N HIS B 374 36.40 -10.04 -6.82
CA HIS B 374 36.54 -8.62 -7.15
C HIS B 374 37.38 -7.84 -6.10
N GLN B 375 37.37 -8.30 -4.85
CA GLN B 375 38.13 -7.67 -3.76
C GLN B 375 39.63 -7.65 -4.08
N TRP B 376 40.03 -8.53 -4.99
CA TRP B 376 41.37 -8.49 -5.55
C TRP B 376 41.37 -7.95 -6.97
N PHE B 377 40.62 -8.61 -7.85
CA PHE B 377 40.52 -8.15 -9.22
C PHE B 377 39.48 -7.06 -9.33
N GLY B 378 39.95 -5.81 -9.27
CA GLY B 378 39.08 -4.65 -9.33
C GLY B 378 39.35 -3.66 -8.21
N ASN B 379 39.11 -4.09 -6.97
CA ASN B 379 39.38 -3.25 -5.81
C ASN B 379 40.88 -3.00 -5.59
N LEU B 380 41.59 -4.07 -5.27
CA LEU B 380 43.04 -4.12 -5.28
C LEU B 380 43.70 -3.72 -6.63
N VAL B 381 43.34 -4.39 -7.72
CA VAL B 381 43.91 -4.04 -9.01
C VAL B 381 42.83 -3.46 -9.90
N THR B 382 42.81 -2.15 -9.99
CA THR B 382 41.76 -1.46 -10.74
C THR B 382 42.22 -1.17 -12.16
N MET B 383 41.36 -1.45 -13.13
CA MET B 383 41.66 -1.14 -14.53
C MET B 383 41.85 0.37 -14.71
N GLU B 384 42.65 0.75 -15.70
CA GLU B 384 42.92 2.16 -15.98
C GLU B 384 41.65 2.92 -16.35
N TRP B 385 40.86 2.32 -17.22
CA TRP B 385 39.68 2.98 -17.78
C TRP B 385 38.70 1.92 -18.32
N TRP B 386 37.46 2.33 -18.53
CA TRP B 386 36.40 1.41 -18.89
C TRP B 386 36.64 0.81 -20.28
N ASN B 387 37.76 1.13 -20.90
CA ASN B 387 38.07 0.48 -22.17
C ASN B 387 38.36 -1.00 -21.92
N ASP B 388 39.09 -1.28 -20.85
CA ASP B 388 39.45 -2.65 -20.56
C ASP B 388 38.75 -3.15 -19.29
N ILE B 389 37.42 -2.98 -19.22
CA ILE B 389 36.62 -3.44 -18.08
C ILE B 389 36.80 -4.92 -17.84
N TRP B 390 37.17 -5.60 -18.91
CA TRP B 390 37.18 -7.03 -18.94
C TRP B 390 38.19 -7.55 -17.93
N LEU B 391 39.25 -6.76 -17.70
CA LEU B 391 40.27 -7.07 -16.70
C LEU B 391 39.64 -7.49 -15.40
N LYS B 392 38.57 -6.81 -15.06
CA LYS B 392 37.86 -6.99 -13.82
C LYS B 392 36.93 -8.16 -13.95
N GLU B 393 36.10 -8.08 -14.98
CA GLU B 393 34.87 -8.82 -14.98
C GLU B 393 35.05 -10.22 -15.56
N GLY B 394 35.81 -10.30 -16.65
CA GLY B 394 36.26 -11.58 -17.16
C GLY B 394 37.02 -12.35 -16.10
N PHE B 395 38.00 -11.73 -15.47
CA PHE B 395 38.82 -12.40 -14.47
C PHE B 395 37.98 -12.91 -13.32
N ALA B 396 37.10 -12.05 -12.84
CA ALA B 396 36.21 -12.37 -11.75
C ALA B 396 35.28 -13.52 -12.15
N LYS B 397 34.78 -13.48 -13.38
CA LYS B 397 33.93 -14.57 -13.87
C LYS B 397 34.74 -15.86 -13.98
N TYR B 398 36.02 -15.70 -14.31
CA TYR B 398 36.92 -16.82 -14.39
C TYR B 398 37.13 -17.42 -13.01
N MET B 399 37.57 -16.57 -12.09
CA MET B 399 37.86 -17.02 -10.74
C MET B 399 36.62 -17.59 -10.03
N GLU B 400 35.44 -17.31 -10.57
CA GLU B 400 34.24 -18.06 -10.22
C GLU B 400 34.56 -19.55 -10.32
N LEU B 401 34.99 -19.97 -11.51
CA LEU B 401 35.33 -21.35 -11.81
C LEU B 401 36.37 -21.96 -10.88
N ILE B 402 37.47 -21.26 -10.66
CA ILE B 402 38.53 -21.78 -9.81
C ILE B 402 38.06 -22.05 -8.39
N ALA B 403 37.52 -21.01 -7.77
CA ALA B 403 37.36 -20.95 -6.32
C ALA B 403 36.24 -21.83 -5.84
N VAL B 404 35.20 -21.93 -6.64
CA VAL B 404 34.09 -22.79 -6.27
C VAL B 404 34.60 -24.20 -6.31
N ASN B 405 35.30 -24.52 -7.40
CA ASN B 405 35.87 -25.85 -7.63
C ASN B 405 36.68 -26.34 -6.44
N ALA B 406 37.62 -25.52 -6.01
CA ALA B 406 38.38 -25.79 -4.79
C ALA B 406 37.45 -25.96 -3.61
N THR B 407 36.92 -24.82 -3.16
CA THR B 407 36.09 -24.71 -1.95
C THR B 407 34.81 -25.56 -1.86
N TYR B 408 34.06 -25.60 -2.95
CA TYR B 408 32.80 -26.37 -2.99
C TYR B 408 32.74 -27.26 -4.24
N PRO B 409 33.57 -28.32 -4.28
CA PRO B 409 33.59 -29.23 -5.43
C PRO B 409 32.30 -30.04 -5.51
N GLU B 410 31.71 -30.28 -4.34
CA GLU B 410 30.46 -31.01 -4.21
C GLU B 410 29.36 -30.38 -5.06
N LEU B 411 29.47 -29.07 -5.29
CA LEU B 411 28.52 -28.33 -6.12
C LEU B 411 28.71 -28.61 -7.61
N GLN B 412 29.80 -29.30 -7.95
CA GLN B 412 30.08 -29.74 -9.32
C GLN B 412 29.96 -28.64 -10.38
N PHE B 413 30.52 -27.48 -10.10
CA PHE B 413 30.37 -26.30 -10.95
C PHE B 413 31.26 -26.39 -12.20
N ASP B 414 32.29 -27.23 -12.15
CA ASP B 414 33.18 -27.41 -13.30
C ASP B 414 32.42 -27.92 -14.54
N ASP B 415 31.43 -28.78 -14.30
CA ASP B 415 30.61 -29.32 -15.37
C ASP B 415 29.72 -28.25 -16.01
N TYR B 416 29.29 -27.29 -15.22
CA TYR B 416 28.37 -26.25 -15.67
C TYR B 416 29.06 -25.13 -16.46
N PHE B 417 30.28 -24.78 -16.07
CA PHE B 417 31.00 -23.64 -16.65
C PHE B 417 31.08 -23.62 -18.18
N LEU B 418 30.98 -24.77 -18.83
CA LEU B 418 31.03 -24.80 -20.29
C LEU B 418 29.96 -23.87 -20.87
N ASN B 419 28.82 -23.83 -20.19
CA ASN B 419 27.67 -23.03 -20.59
C ASN B 419 28.01 -21.56 -20.70
N VAL B 420 28.87 -21.09 -19.80
CA VAL B 420 29.32 -19.71 -19.79
C VAL B 420 29.81 -19.34 -21.19
N CYS B 421 30.76 -20.14 -21.68
CA CYS B 421 31.46 -19.88 -22.93
C CYS B 421 30.56 -20.16 -24.13
N PHE B 422 29.73 -21.19 -24.01
CA PHE B 422 28.79 -21.51 -25.06
C PHE B 422 27.82 -20.35 -25.34
N GLU B 423 27.29 -19.72 -24.28
CA GLU B 423 26.27 -18.70 -24.47
C GLU B 423 26.83 -17.47 -25.22
N VAL B 424 28.01 -17.00 -24.86
CA VAL B 424 28.70 -15.94 -25.62
C VAL B 424 28.86 -16.27 -27.10
N ILE B 425 29.32 -17.49 -27.36
CA ILE B 425 29.42 -18.03 -28.72
C ILE B 425 28.13 -17.76 -29.48
N THR B 426 26.98 -17.99 -28.83
CA THR B 426 25.69 -17.74 -29.46
C THR B 426 25.63 -16.30 -29.95
N LYS B 427 26.18 -15.39 -29.15
CA LYS B 427 26.21 -13.98 -29.50
C LYS B 427 27.49 -13.60 -30.26
N ASP B 428 28.60 -14.27 -29.95
CA ASP B 428 29.91 -13.93 -30.54
C ASP B 428 29.97 -14.32 -32.01
N SER B 429 29.23 -15.36 -32.37
CA SER B 429 29.07 -15.72 -33.78
C SER B 429 28.11 -14.75 -34.45
N LEU B 430 28.49 -13.48 -34.49
CA LEU B 430 27.67 -12.44 -35.11
C LEU B 430 28.52 -11.26 -35.50
N ASN B 431 27.95 -10.42 -36.36
CA ASN B 431 28.64 -9.24 -36.85
C ASN B 431 28.40 -8.07 -35.90
N SER B 432 27.44 -8.25 -35.00
CA SER B 432 27.10 -7.25 -33.99
C SER B 432 27.91 -7.41 -32.70
N SER B 433 28.75 -8.44 -32.64
CA SER B 433 29.67 -8.59 -31.51
C SER B 433 30.75 -7.55 -31.57
N ARG B 434 31.69 -7.61 -30.63
CA ARG B 434 32.67 -6.54 -30.48
C ARG B 434 33.98 -7.04 -29.87
N PRO B 435 35.02 -6.20 -29.90
CA PRO B 435 36.26 -6.57 -29.23
C PRO B 435 36.19 -6.45 -27.70
N ILE B 436 36.67 -7.48 -27.00
CA ILE B 436 36.69 -7.52 -25.55
C ILE B 436 37.30 -6.25 -24.97
N SER B 437 38.34 -5.72 -25.60
CA SER B 437 38.81 -4.38 -25.29
C SER B 437 38.26 -3.42 -26.34
N LYS B 438 37.91 -2.21 -25.95
CA LYS B 438 37.25 -1.27 -26.87
C LYS B 438 37.12 0.11 -26.26
N PRO B 439 37.29 1.15 -27.09
CA PRO B 439 37.09 2.52 -26.62
C PRO B 439 35.68 2.78 -26.09
N ALA B 440 35.60 3.53 -24.99
CA ALA B 440 34.32 3.96 -24.41
C ALA B 440 34.36 5.42 -23.94
N GLU B 441 33.31 6.18 -24.27
CA GLU B 441 33.28 7.59 -23.91
CA GLU B 441 33.25 7.61 -23.96
C GLU B 441 32.02 8.00 -23.16
N THR B 442 30.87 7.93 -23.83
CA THR B 442 29.58 8.26 -23.22
C THR B 442 29.29 7.41 -22.00
N PRO B 443 28.67 8.00 -20.97
CA PRO B 443 28.06 7.28 -19.85
C PRO B 443 27.32 6.02 -20.28
N THR B 444 26.81 6.05 -21.51
CA THR B 444 25.95 5.01 -22.02
C THR B 444 26.68 3.84 -22.66
N GLN B 445 27.79 4.11 -23.34
CA GLN B 445 28.58 3.04 -23.93
C GLN B 445 29.31 2.31 -22.82
N ILE B 446 29.85 3.07 -21.88
CA ILE B 446 30.45 2.48 -20.70
C ILE B 446 29.53 1.46 -20.04
N GLN B 447 28.25 1.79 -19.92
CA GLN B 447 27.30 0.83 -19.35
C GLN B 447 27.05 -0.35 -20.29
N GLU B 448 27.06 -0.09 -21.59
CA GLU B 448 26.92 -1.19 -22.55
C GLU B 448 28.14 -2.13 -22.47
N MET B 449 29.23 -1.62 -21.91
CA MET B 449 30.45 -2.40 -21.79
C MET B 449 30.31 -3.54 -20.79
N PHE B 450 29.25 -3.53 -20.01
CA PHE B 450 28.99 -4.63 -19.09
C PHE B 450 28.10 -5.67 -19.75
N ASP B 451 28.66 -6.43 -20.71
CA ASP B 451 27.93 -7.47 -21.42
C ASP B 451 28.59 -8.84 -21.27
N GLU B 452 28.09 -9.83 -22.03
CA GLU B 452 28.58 -11.20 -21.95
C GLU B 452 30.00 -11.31 -22.49
N VAL B 453 30.37 -10.35 -23.34
CA VAL B 453 31.71 -10.23 -23.87
C VAL B 453 32.74 -9.99 -22.76
N SER B 454 32.69 -8.83 -22.12
CA SER B 454 33.60 -8.52 -21.01
C SER B 454 33.56 -9.60 -19.95
N TYR B 455 32.38 -10.15 -19.76
CA TYR B 455 32.19 -11.10 -18.68
C TYR B 455 32.58 -12.51 -19.09
N ASN B 456 31.81 -13.08 -20.00
CA ASN B 456 31.91 -14.50 -20.28
C ASN B 456 32.97 -14.86 -21.30
N LYS B 457 33.10 -14.07 -22.37
CA LYS B 457 34.20 -14.29 -23.30
C LYS B 457 35.53 -14.00 -22.61
N GLY B 458 35.56 -12.95 -21.80
CA GLY B 458 36.75 -12.63 -21.03
C GLY B 458 37.11 -13.74 -20.08
N ALA B 459 36.09 -14.45 -19.60
CA ALA B 459 36.34 -15.52 -18.66
C ALA B 459 36.99 -16.70 -19.37
N CYS B 460 36.52 -16.99 -20.57
CA CYS B 460 36.92 -18.20 -21.27
C CYS B 460 38.27 -18.06 -21.96
N ILE B 461 38.56 -16.89 -22.52
CA ILE B 461 39.85 -16.69 -23.17
C ILE B 461 40.96 -16.60 -22.14
N LEU B 462 40.60 -16.52 -20.87
CA LEU B 462 41.60 -16.68 -19.83
C LEU B 462 41.79 -18.17 -19.54
N ASN B 463 40.70 -18.91 -19.60
CA ASN B 463 40.74 -20.35 -19.36
C ASN B 463 41.56 -21.07 -20.41
N MET B 464 41.38 -20.65 -21.66
CA MET B 464 42.18 -21.12 -22.77
C MET B 464 43.65 -20.88 -22.46
N LEU B 465 43.97 -19.66 -22.07
CA LEU B 465 45.35 -19.27 -21.76
C LEU B 465 45.84 -19.98 -20.50
N LYS B 466 44.93 -20.56 -19.73
CA LYS B 466 45.33 -21.37 -18.57
C LYS B 466 45.73 -22.77 -19.03
N ASP B 467 45.07 -23.27 -20.08
CA ASP B 467 45.39 -24.58 -20.65
C ASP B 467 46.75 -24.54 -21.34
N PHE B 468 47.02 -23.43 -22.02
CA PHE B 468 48.24 -23.15 -22.78
C PHE B 468 49.46 -22.89 -21.90
N LEU B 469 49.23 -22.39 -20.69
CA LEU B 469 50.35 -22.04 -19.82
C LEU B 469 50.36 -22.80 -18.49
N GLY B 470 49.41 -23.72 -18.31
CA GLY B 470 49.38 -24.60 -17.14
C GLY B 470 49.03 -23.93 -15.83
N GLU B 471 48.45 -24.69 -14.90
CA GLU B 471 48.00 -24.16 -13.62
C GLU B 471 49.08 -23.39 -12.88
N GLU B 472 50.17 -24.08 -12.55
CA GLU B 472 51.22 -23.52 -11.72
C GLU B 472 51.83 -22.23 -12.29
N LYS B 473 51.96 -22.14 -13.61
CA LYS B 473 52.52 -20.94 -14.20
C LYS B 473 51.50 -19.80 -14.20
N PHE B 474 50.27 -20.13 -14.61
CA PHE B 474 49.18 -19.15 -14.71
C PHE B 474 48.96 -18.47 -13.37
N GLN B 475 48.74 -19.30 -12.35
CA GLN B 475 48.62 -18.81 -10.98
C GLN B 475 49.74 -17.88 -10.63
N LYS B 476 50.97 -18.27 -10.96
CA LYS B 476 52.12 -17.45 -10.57
C LYS B 476 52.09 -16.14 -11.33
N GLY B 477 51.66 -16.18 -12.59
CA GLY B 477 51.48 -14.96 -13.37
C GLY B 477 50.57 -13.99 -12.63
N ILE B 478 49.43 -14.52 -12.19
CA ILE B 478 48.44 -13.77 -11.40
C ILE B 478 49.05 -13.11 -10.15
N ILE B 479 49.75 -13.88 -9.34
CA ILE B 479 50.29 -13.38 -8.07
C ILE B 479 51.28 -12.25 -8.28
N GLN B 480 52.03 -12.34 -9.37
CA GLN B 480 52.88 -11.23 -9.80
C GLN B 480 52.00 -10.01 -10.00
N TYR B 481 51.10 -10.14 -10.98
CA TYR B 481 50.22 -9.09 -11.44
C TYR B 481 49.54 -8.27 -10.35
N LEU B 482 49.05 -8.94 -9.32
CA LEU B 482 48.37 -8.28 -8.21
C LEU B 482 49.37 -7.40 -7.47
N LYS B 483 50.39 -8.02 -6.88
CA LYS B 483 51.36 -7.35 -6.02
C LYS B 483 52.05 -6.18 -6.72
N LYS B 484 52.34 -6.35 -8.00
CA LYS B 484 52.94 -5.26 -8.78
C LYS B 484 52.06 -4.04 -8.76
N PHE B 485 50.80 -4.25 -9.13
CA PHE B 485 49.89 -3.13 -9.35
C PHE B 485 48.96 -2.84 -8.17
N SER B 486 49.09 -3.62 -7.10
CA SER B 486 48.27 -3.41 -5.90
C SER B 486 48.20 -1.95 -5.48
N TYR B 487 46.97 -1.40 -5.48
CA TYR B 487 46.66 -0.03 -5.04
C TYR B 487 47.00 1.03 -6.11
N ARG B 488 47.07 0.61 -7.37
CA ARG B 488 47.39 1.51 -8.48
C ARG B 488 46.47 1.26 -9.67
N ASN B 489 47.03 1.13 -10.86
CA ASN B 489 46.25 0.78 -12.04
C ASN B 489 47.03 -0.07 -13.06
N ALA B 490 46.31 -0.91 -13.81
CA ALA B 490 46.92 -1.72 -14.86
C ALA B 490 46.31 -1.41 -16.22
N LYS B 491 46.59 -2.24 -17.22
CA LYS B 491 46.12 -2.01 -18.58
C LYS B 491 46.02 -3.34 -19.31
N ASN B 492 45.40 -3.36 -20.49
CA ASN B 492 45.31 -4.59 -21.28
C ASN B 492 46.67 -5.28 -21.34
N ASP B 493 47.66 -4.50 -21.78
CA ASP B 493 49.05 -4.93 -21.84
C ASP B 493 49.54 -5.53 -20.52
N ASP B 494 49.65 -4.68 -19.51
CA ASP B 494 50.23 -5.00 -18.19
C ASP B 494 49.95 -6.39 -17.64
N LEU B 495 48.76 -6.92 -17.89
CA LEU B 495 48.38 -8.22 -17.35
C LEU B 495 49.12 -9.32 -18.06
N TRP B 496 48.99 -9.32 -19.38
CA TRP B 496 49.63 -10.32 -20.19
C TRP B 496 51.14 -10.27 -19.98
N SER B 497 51.71 -9.07 -20.00
CA SER B 497 53.12 -8.86 -19.71
C SER B 497 53.53 -9.51 -18.37
N SER B 498 52.57 -9.68 -17.47
CA SER B 498 52.87 -10.20 -16.15
C SER B 498 52.56 -11.68 -16.01
N LEU B 499 51.80 -12.21 -16.96
CA LEU B 499 51.42 -13.61 -16.89
C LEU B 499 52.55 -14.53 -17.32
N SER B 500 53.34 -14.08 -18.28
CA SER B 500 54.42 -14.88 -18.86
C SER B 500 55.70 -14.92 -18.01
N ASN B 501 56.43 -13.81 -17.96
CA ASN B 501 57.66 -13.75 -17.16
C ASN B 501 57.39 -13.54 -15.68
N GLY B 529 61.21 -17.25 -28.19
CA GLY B 529 61.30 -18.07 -26.99
C GLY B 529 60.56 -17.47 -25.81
N GLU B 530 59.22 -17.58 -25.84
CA GLU B 530 58.31 -17.14 -24.77
C GLU B 530 58.36 -15.62 -24.51
N ASN B 531 57.38 -15.12 -23.76
CA ASN B 531 57.14 -13.70 -23.44
C ASN B 531 56.56 -12.92 -24.61
N ALA B 532 57.31 -12.77 -25.71
CA ALA B 532 56.84 -11.98 -26.84
C ALA B 532 55.68 -12.65 -27.56
N GLU B 533 55.58 -13.98 -27.43
CA GLU B 533 54.60 -14.77 -28.16
C GLU B 533 53.19 -14.61 -27.57
N VAL B 534 53.10 -14.68 -26.24
CA VAL B 534 51.82 -14.54 -25.57
C VAL B 534 51.22 -13.15 -25.79
N LYS B 535 52.07 -12.12 -25.73
CA LYS B 535 51.64 -10.74 -25.87
C LYS B 535 51.15 -10.45 -27.28
N GLU B 536 51.56 -11.28 -28.23
CA GLU B 536 51.05 -11.17 -29.58
C GLU B 536 49.76 -11.97 -29.69
N MET B 537 49.77 -13.16 -29.09
CA MET B 537 48.68 -14.13 -29.20
C MET B 537 47.35 -13.56 -28.76
N MET B 538 47.40 -12.73 -27.72
CA MET B 538 46.23 -12.18 -27.11
C MET B 538 45.69 -10.99 -27.87
N THR B 539 46.58 -10.29 -28.56
CA THR B 539 46.19 -9.17 -29.41
C THR B 539 45.22 -9.65 -30.51
N THR B 540 45.11 -10.95 -30.69
CA THR B 540 44.11 -11.50 -31.59
C THR B 540 42.74 -11.60 -30.95
N TRP B 541 42.73 -12.07 -29.70
CA TRP B 541 41.48 -12.30 -28.98
C TRP B 541 40.91 -11.03 -28.33
N THR B 542 41.79 -10.14 -27.86
CA THR B 542 41.31 -8.95 -27.14
C THR B 542 40.79 -7.85 -28.08
N LEU B 543 41.50 -7.59 -29.19
CA LEU B 543 41.19 -6.39 -29.99
C LEU B 543 40.42 -6.61 -31.31
N GLN B 544 39.74 -7.74 -31.46
CA GLN B 544 38.92 -7.95 -32.66
C GLN B 544 37.71 -8.84 -32.42
N LYS B 545 36.77 -8.76 -33.36
CA LYS B 545 35.46 -9.41 -33.25
C LYS B 545 35.53 -10.95 -33.25
N GLY B 546 34.36 -11.58 -33.08
CA GLY B 546 34.14 -13.00 -33.36
C GLY B 546 34.97 -14.11 -32.74
N ILE B 547 34.56 -15.33 -33.05
CA ILE B 547 35.29 -16.54 -32.68
C ILE B 547 35.63 -17.34 -33.95
N PRO B 548 36.84 -17.95 -34.02
CA PRO B 548 37.22 -18.68 -35.23
C PRO B 548 36.66 -20.10 -35.31
N LEU B 549 36.47 -20.57 -36.54
CA LEU B 549 36.05 -21.95 -36.83
C LEU B 549 37.23 -22.81 -37.28
N GLN B 562 42.90 -25.58 -41.44
CA GLN B 562 42.58 -24.29 -42.04
C GLN B 562 41.55 -23.49 -41.21
N GLN B 563 41.71 -22.17 -41.19
CA GLN B 563 40.99 -21.27 -40.26
C GLN B 563 40.12 -20.20 -40.92
N GLU B 564 39.00 -19.85 -40.28
CA GLU B 564 38.23 -18.66 -40.66
C GLU B 564 37.38 -18.17 -39.48
N ARG B 565 36.77 -16.98 -39.63
CA ARG B 565 35.83 -16.48 -38.64
C ARG B 565 34.47 -17.14 -38.79
N PHE B 566 34.10 -17.93 -37.79
CA PHE B 566 32.79 -18.59 -37.74
C PHE B 566 31.66 -17.56 -37.74
N LEU B 567 30.80 -17.63 -38.74
CA LEU B 567 29.57 -16.87 -38.71
C LEU B 567 28.48 -17.88 -38.41
N GLN B 568 27.22 -17.43 -38.40
CA GLN B 568 26.13 -18.31 -37.97
C GLN B 568 24.86 -18.13 -38.78
N GLU B 582 36.05 -11.21 -44.42
CA GLU B 582 36.77 -12.07 -43.48
C GLU B 582 38.24 -11.64 -43.35
N ARG B 583 38.50 -10.39 -42.97
CA ARG B 583 39.89 -9.94 -42.79
C ARG B 583 40.39 -10.07 -41.35
N TYR B 584 40.32 -11.30 -40.82
CA TYR B 584 40.83 -11.61 -39.48
C TYR B 584 41.98 -12.59 -39.54
N LEU B 585 42.47 -12.95 -38.37
CA LEU B 585 43.55 -13.91 -38.24
C LEU B 585 43.74 -14.27 -36.77
N TRP B 586 43.71 -15.55 -36.47
CA TRP B 586 43.75 -16.00 -35.09
C TRP B 586 45.03 -16.75 -34.71
N HIS B 587 45.76 -16.22 -33.73
CA HIS B 587 46.85 -16.93 -33.07
C HIS B 587 46.33 -18.04 -32.13
N ILE B 588 45.46 -18.90 -32.66
CA ILE B 588 44.87 -19.98 -31.85
C ILE B 588 45.90 -20.86 -31.14
N PRO B 589 45.50 -21.47 -30.02
CA PRO B 589 46.19 -22.68 -29.56
C PRO B 589 45.31 -23.89 -29.88
N LEU B 590 45.91 -25.02 -30.25
CA LEU B 590 45.11 -26.16 -30.66
C LEU B 590 45.32 -27.38 -29.77
N THR B 591 44.29 -28.23 -29.72
CA THR B 591 44.35 -29.54 -29.08
C THR B 591 43.46 -30.52 -29.86
N TYR B 592 44.01 -31.69 -30.20
CA TYR B 592 43.22 -32.81 -30.74
C TYR B 592 43.38 -34.05 -29.86
N VAL B 599 45.43 -37.92 -26.18
CA VAL B 599 46.60 -37.11 -26.48
C VAL B 599 46.18 -35.87 -27.30
N ILE B 600 46.72 -34.67 -27.08
CA ILE B 600 47.69 -34.19 -26.09
C ILE B 600 48.75 -33.37 -26.82
N HIS B 601 48.71 -33.40 -28.15
CA HIS B 601 49.65 -32.63 -28.94
C HIS B 601 49.13 -31.23 -29.05
N ARG B 602 50.03 -30.28 -28.88
CA ARG B 602 49.70 -28.85 -28.89
C ARG B 602 50.36 -28.02 -30.00
N HIS B 603 49.64 -27.76 -31.07
CA HIS B 603 50.15 -26.93 -32.15
C HIS B 603 49.54 -25.52 -32.19
N ILE B 604 50.39 -24.54 -32.49
CA ILE B 604 50.09 -23.12 -32.29
C ILE B 604 49.99 -22.36 -33.62
N LEU B 605 48.77 -22.15 -34.09
CA LEU B 605 48.54 -21.61 -35.44
C LEU B 605 48.69 -20.08 -35.53
N LYS B 606 49.84 -19.61 -35.99
CA LYS B 606 50.04 -18.17 -36.20
C LYS B 606 49.77 -17.77 -37.65
N SER B 607 49.09 -18.65 -38.38
CA SER B 607 48.94 -18.53 -39.84
C SER B 607 47.50 -18.76 -40.28
N LYS B 608 47.19 -18.36 -41.52
CA LYS B 608 45.87 -18.64 -42.10
C LYS B 608 45.73 -20.13 -42.41
N THR B 609 46.84 -20.76 -42.83
CA THR B 609 46.86 -22.17 -43.19
C THR B 609 48.14 -22.90 -42.77
N ASP B 610 47.98 -24.20 -42.57
CA ASP B 610 49.02 -25.13 -42.14
C ASP B 610 48.26 -26.44 -41.95
N THR B 611 48.97 -27.55 -41.94
CA THR B 611 48.35 -28.84 -41.64
C THR B 611 49.45 -29.80 -41.12
N LEU B 612 49.05 -30.97 -40.66
CA LEU B 612 49.99 -31.97 -40.12
C LEU B 612 49.38 -33.37 -40.07
N ASP B 613 50.23 -34.37 -39.79
CA ASP B 613 49.80 -35.78 -39.75
C ASP B 613 50.21 -36.50 -38.46
N LEU B 614 49.40 -37.49 -38.10
CA LEU B 614 49.56 -38.24 -36.85
C LEU B 614 50.39 -39.50 -37.10
N PRO B 615 51.29 -39.83 -36.16
CA PRO B 615 52.18 -41.02 -36.20
C PRO B 615 51.51 -42.34 -36.62
N GLU B 616 50.20 -42.47 -36.48
CA GLU B 616 49.49 -43.61 -37.06
C GLU B 616 48.07 -43.23 -37.44
N LYS B 617 47.60 -43.74 -38.57
CA LYS B 617 46.26 -43.47 -39.05
C LYS B 617 45.22 -44.13 -38.15
N THR B 618 44.45 -43.32 -37.43
CA THR B 618 43.45 -43.82 -36.48
C THR B 618 42.03 -43.71 -37.03
N SER B 619 41.08 -44.28 -36.28
CA SER B 619 39.66 -44.23 -36.65
C SER B 619 39.17 -42.80 -36.73
N TRP B 620 38.97 -42.18 -35.58
CA TRP B 620 38.54 -40.78 -35.50
C TRP B 620 39.56 -39.88 -34.80
N VAL B 621 39.44 -38.58 -35.06
CA VAL B 621 40.18 -37.57 -34.31
C VAL B 621 39.20 -36.47 -33.93
N LYS B 622 39.33 -35.96 -32.71
CA LYS B 622 38.47 -34.86 -32.28
C LYS B 622 39.30 -33.70 -31.73
N PHE B 623 39.23 -32.57 -32.42
CA PHE B 623 39.92 -31.36 -31.98
C PHE B 623 39.16 -30.66 -30.85
N ASN B 624 39.89 -29.88 -30.06
CA ASN B 624 39.42 -29.25 -28.83
C ASN B 624 39.16 -30.29 -27.74
N VAL B 625 40.14 -30.46 -26.86
CA VAL B 625 39.98 -31.37 -25.73
C VAL B 625 39.21 -30.67 -24.62
N ASP B 626 38.09 -31.27 -24.22
CA ASP B 626 37.15 -30.69 -23.25
C ASP B 626 36.59 -29.35 -23.71
N SER B 627 36.82 -29.04 -24.99
CA SER B 627 36.43 -27.77 -25.59
C SER B 627 37.04 -26.57 -24.85
N ASN B 628 38.14 -26.82 -24.12
CA ASN B 628 38.78 -25.79 -23.31
C ASN B 628 39.52 -24.74 -24.10
N GLY B 629 38.97 -24.35 -25.24
CA GLY B 629 39.58 -23.37 -26.11
C GLY B 629 38.53 -22.65 -26.89
N TYR B 630 38.78 -21.39 -27.20
CA TYR B 630 37.70 -20.59 -27.75
C TYR B 630 37.67 -20.68 -29.26
N TYR B 631 37.22 -21.82 -29.78
CA TYR B 631 36.97 -21.97 -31.21
C TYR B 631 35.95 -23.06 -31.49
N ILE B 632 35.62 -23.23 -32.76
CA ILE B 632 34.77 -24.32 -33.20
C ILE B 632 35.53 -25.18 -34.22
N VAL B 633 35.21 -26.47 -34.27
CA VAL B 633 35.87 -27.36 -35.21
C VAL B 633 34.88 -27.94 -36.21
N HIS B 634 35.27 -27.98 -37.48
CA HIS B 634 34.49 -28.64 -38.51
C HIS B 634 35.32 -29.70 -39.23
N TYR B 635 34.63 -30.74 -39.69
CA TYR B 635 35.27 -31.96 -40.15
C TYR B 635 34.86 -32.33 -41.57
N GLU B 636 35.77 -32.09 -42.52
CA GLU B 636 35.50 -32.39 -43.92
C GLU B 636 35.49 -33.90 -44.17
N GLY B 637 34.51 -34.34 -44.94
CA GLY B 637 34.36 -35.74 -45.27
C GLY B 637 33.61 -36.54 -44.21
N HIS B 638 34.22 -37.64 -43.77
CA HIS B 638 33.58 -38.57 -42.84
C HIS B 638 33.99 -38.26 -41.39
N GLY B 639 34.51 -37.06 -41.18
CA GLY B 639 35.01 -36.64 -39.89
C GLY B 639 33.94 -36.59 -38.80
N TRP B 640 32.70 -36.34 -39.19
CA TRP B 640 31.60 -36.30 -38.22
C TRP B 640 30.93 -37.67 -38.06
N ASP B 641 30.64 -38.33 -39.18
CA ASP B 641 29.91 -39.59 -39.18
C ASP B 641 30.60 -40.66 -38.34
N GLN B 642 31.92 -40.63 -38.30
CA GLN B 642 32.67 -41.57 -37.49
C GLN B 642 32.59 -41.22 -36.01
N LEU B 643 32.84 -39.96 -35.70
CA LEU B 643 32.76 -39.47 -34.32
C LEU B 643 31.36 -39.68 -33.77
N ILE B 644 30.36 -39.63 -34.66
CA ILE B 644 28.99 -39.94 -34.29
C ILE B 644 28.84 -41.38 -33.83
N THR B 645 29.26 -42.33 -34.66
CA THR B 645 29.03 -43.75 -34.40
C THR B 645 29.89 -44.29 -33.25
N GLN B 646 30.99 -43.59 -32.96
CA GLN B 646 31.73 -43.86 -31.74
C GLN B 646 30.78 -43.71 -30.55
N LEU B 647 29.92 -42.69 -30.61
CA LEU B 647 28.95 -42.38 -29.56
C LEU B 647 27.74 -43.32 -29.58
N ASN B 648 27.35 -43.75 -30.77
CA ASN B 648 26.27 -44.73 -30.91
C ASN B 648 26.66 -46.05 -30.22
N GLN B 649 27.93 -46.41 -30.35
CA GLN B 649 28.47 -47.68 -29.83
C GLN B 649 28.98 -47.55 -28.39
N ASN B 650 30.29 -47.43 -28.22
CA ASN B 650 30.86 -47.21 -26.88
C ASN B 650 31.20 -45.73 -26.72
N HIS B 651 30.34 -44.97 -26.07
CA HIS B 651 30.55 -43.53 -26.02
C HIS B 651 31.59 -43.10 -24.97
N THR B 652 31.75 -43.88 -23.91
CA THR B 652 32.68 -43.55 -22.83
C THR B 652 34.14 -43.44 -23.28
N LEU B 653 34.39 -43.79 -24.54
CA LEU B 653 35.73 -43.70 -25.08
C LEU B 653 36.08 -42.24 -25.34
N LEU B 654 35.10 -41.49 -25.84
CA LEU B 654 35.19 -40.04 -25.90
C LEU B 654 34.99 -39.46 -24.51
N ARG B 655 35.80 -38.47 -24.12
CA ARG B 655 35.70 -37.88 -22.78
C ARG B 655 34.30 -37.31 -22.53
N PRO B 656 33.90 -37.18 -21.26
CA PRO B 656 32.64 -36.51 -20.96
C PRO B 656 32.52 -35.09 -21.53
N LYS B 657 33.46 -34.20 -21.20
CA LYS B 657 33.36 -32.82 -21.69
C LYS B 657 33.39 -32.76 -23.21
N ASP B 658 34.20 -33.63 -23.84
CA ASP B 658 34.26 -33.69 -25.29
C ASP B 658 32.88 -34.00 -25.84
N ARG B 659 32.17 -34.90 -25.16
CA ARG B 659 30.81 -35.26 -25.56
C ARG B 659 29.94 -34.01 -25.64
N VAL B 660 29.94 -33.25 -24.55
CA VAL B 660 29.21 -32.00 -24.51
C VAL B 660 29.67 -31.10 -25.64
N GLY B 661 30.97 -30.83 -25.65
CA GLY B 661 31.59 -30.01 -26.67
C GLY B 661 31.15 -30.43 -28.05
N LEU B 662 30.99 -31.73 -28.23
CA LEU B 662 30.54 -32.26 -29.50
C LEU B 662 29.13 -31.79 -29.83
N ILE B 663 28.17 -32.11 -28.95
CA ILE B 663 26.77 -31.79 -29.20
C ILE B 663 26.60 -30.32 -29.58
N HIS B 664 27.36 -29.46 -28.90
CA HIS B 664 27.37 -28.03 -29.21
C HIS B 664 27.76 -27.81 -30.67
N ASP B 665 28.96 -28.25 -31.01
CA ASP B 665 29.55 -27.96 -32.31
C ASP B 665 28.70 -28.51 -33.46
N VAL B 666 28.03 -29.65 -33.25
CA VAL B 666 27.14 -30.17 -34.29
C VAL B 666 26.10 -29.13 -34.70
N PHE B 667 25.12 -28.89 -33.83
CA PHE B 667 23.99 -27.98 -34.10
C PHE B 667 24.42 -26.56 -34.46
N GLN B 668 25.58 -26.15 -33.98
CA GLN B 668 26.09 -24.83 -34.32
C GLN B 668 26.51 -24.81 -35.79
N LEU B 669 27.05 -25.93 -36.25
CA LEU B 669 27.38 -26.08 -37.66
C LEU B 669 26.11 -26.20 -38.49
N VAL B 670 25.11 -26.86 -37.94
CA VAL B 670 23.81 -27.00 -38.59
C VAL B 670 23.16 -25.63 -38.92
N GLY B 671 23.48 -24.61 -38.13
CA GLY B 671 23.01 -23.27 -38.41
C GLY B 671 23.88 -22.59 -39.45
N ALA B 672 25.18 -22.85 -39.37
CA ALA B 672 26.13 -22.25 -40.30
C ALA B 672 26.05 -22.87 -41.69
N GLY B 673 25.23 -23.93 -41.82
CA GLY B 673 25.05 -24.62 -43.09
C GLY B 673 25.88 -25.88 -43.29
N ARG B 674 27.14 -25.85 -42.87
CA ARG B 674 28.12 -26.92 -43.10
C ARG B 674 27.58 -28.35 -42.96
N LEU B 675 26.71 -28.58 -41.99
CA LEU B 675 26.11 -29.89 -41.76
C LEU B 675 24.59 -29.84 -41.88
N THR B 676 23.97 -31.00 -41.93
CA THR B 676 22.52 -31.07 -42.09
C THR B 676 21.91 -31.34 -40.74
N LEU B 677 20.64 -31.01 -40.61
CA LEU B 677 19.91 -31.26 -39.37
C LEU B 677 19.96 -32.74 -39.01
N ASP B 678 20.08 -33.58 -40.06
CA ASP B 678 20.08 -35.04 -39.93
C ASP B 678 21.30 -35.55 -39.16
N LYS B 679 22.47 -35.00 -39.47
CA LYS B 679 23.66 -35.37 -38.72
C LYS B 679 23.42 -35.06 -37.26
N ALA B 680 22.69 -33.99 -37.01
CA ALA B 680 22.47 -33.49 -35.66
C ALA B 680 21.47 -34.33 -34.89
N LEU B 681 20.34 -34.67 -35.50
CA LEU B 681 19.27 -35.31 -34.76
C LEU B 681 19.44 -36.83 -34.61
N ASP B 682 20.23 -37.44 -35.48
CA ASP B 682 20.66 -38.83 -35.29
C ASP B 682 21.60 -38.89 -34.11
N MET B 683 22.53 -37.93 -34.12
CA MET B 683 23.50 -37.73 -33.05
C MET B 683 22.87 -37.77 -31.65
N THR B 684 21.60 -37.36 -31.54
CA THR B 684 20.89 -37.33 -30.26
C THR B 684 20.26 -38.66 -29.90
N TYR B 685 20.58 -39.72 -30.61
CA TYR B 685 20.04 -41.01 -30.24
C TYR B 685 20.82 -41.54 -29.05
N TYR B 686 22.14 -41.36 -29.08
CA TYR B 686 22.99 -41.95 -28.06
C TYR B 686 22.77 -41.36 -26.66
N LEU B 687 21.90 -40.36 -26.56
CA LEU B 687 21.69 -39.68 -25.28
C LEU B 687 21.05 -40.61 -24.26
N GLN B 688 20.06 -41.38 -24.70
CA GLN B 688 19.69 -42.59 -23.99
C GLN B 688 20.96 -43.43 -24.01
N HIS B 689 21.35 -43.95 -22.84
CA HIS B 689 22.61 -44.65 -22.56
C HIS B 689 23.70 -43.67 -22.10
N GLU B 690 23.32 -42.48 -21.65
CA GLU B 690 24.30 -41.50 -21.13
C GLU B 690 24.07 -41.16 -19.65
N THR B 691 25.14 -41.21 -18.86
CA THR B 691 25.10 -40.94 -17.42
C THR B 691 25.72 -39.59 -17.06
N SER B 692 26.70 -39.15 -17.84
CA SER B 692 27.28 -37.81 -17.67
C SER B 692 26.21 -36.73 -17.86
N SER B 693 25.69 -36.21 -16.75
CA SER B 693 24.56 -35.29 -16.76
C SER B 693 24.68 -34.07 -17.70
N PRO B 694 25.86 -33.39 -17.71
CA PRO B 694 26.00 -32.26 -18.65
C PRO B 694 25.69 -32.57 -20.12
N ALA B 695 26.34 -33.59 -20.69
CA ALA B 695 26.08 -33.95 -22.08
C ALA B 695 24.59 -34.21 -22.31
N LEU B 696 23.95 -34.87 -21.37
CA LEU B 696 22.55 -35.26 -21.54
C LEU B 696 21.63 -34.04 -21.65
N LEU B 697 21.65 -33.18 -20.62
CA LEU B 697 20.81 -31.98 -20.60
C LEU B 697 21.14 -31.04 -21.77
N GLU B 698 22.43 -30.91 -22.07
CA GLU B 698 22.89 -30.14 -23.22
C GLU B 698 22.09 -30.53 -24.44
N GLY B 699 22.02 -31.82 -24.73
CA GLY B 699 21.30 -32.33 -25.88
C GLY B 699 19.81 -32.00 -25.79
N LEU B 700 19.21 -32.35 -24.67
CA LEU B 700 17.80 -32.09 -24.47
C LEU B 700 17.44 -30.63 -24.63
N SER B 701 18.41 -29.76 -24.38
CA SER B 701 18.17 -28.32 -24.47
C SER B 701 17.75 -27.94 -25.89
N TYR B 702 18.46 -28.48 -26.86
CA TYR B 702 18.16 -28.19 -28.26
C TYR B 702 16.82 -28.79 -28.64
N LEU B 703 16.54 -29.99 -28.14
CA LEU B 703 15.27 -30.64 -28.40
C LEU B 703 14.14 -29.82 -27.76
N GLU B 704 14.38 -29.35 -26.54
CA GLU B 704 13.44 -28.48 -25.83
C GLU B 704 13.26 -27.17 -26.59
N SER B 705 14.37 -26.56 -26.99
CA SER B 705 14.35 -25.34 -27.80
C SER B 705 13.45 -25.46 -29.02
N PHE B 706 13.64 -26.52 -29.78
CA PHE B 706 12.88 -26.75 -31.01
C PHE B 706 11.37 -26.73 -30.78
N TYR B 707 10.95 -27.49 -29.78
CA TYR B 707 9.56 -27.51 -29.32
C TYR B 707 9.02 -26.10 -29.15
N HIS B 708 9.79 -25.29 -28.43
CA HIS B 708 9.42 -23.91 -28.13
C HIS B 708 9.48 -23.04 -29.38
N MET B 709 10.52 -23.22 -30.19
CA MET B 709 10.62 -22.62 -31.51
C MET B 709 9.39 -22.99 -32.35
N MET B 710 8.94 -24.24 -32.17
CA MET B 710 7.75 -24.74 -32.85
C MET B 710 6.46 -24.18 -32.26
N ASP B 711 6.15 -24.60 -31.04
CA ASP B 711 4.89 -24.23 -30.38
C ASP B 711 4.61 -22.71 -30.38
N ARG B 712 5.65 -21.88 -30.31
CA ARG B 712 5.48 -20.41 -30.29
C ARG B 712 4.73 -19.93 -31.52
N ARG B 713 5.21 -20.32 -32.70
CA ARG B 713 4.40 -20.17 -33.89
C ARG B 713 3.32 -21.26 -33.86
N ASN B 714 2.26 -21.12 -34.65
CA ASN B 714 1.12 -22.04 -34.54
C ASN B 714 1.45 -23.52 -34.80
N ILE B 715 2.43 -23.75 -35.68
CA ILE B 715 2.85 -25.08 -36.17
C ILE B 715 2.66 -26.29 -35.24
N SER B 716 1.46 -26.85 -35.23
CA SER B 716 1.13 -27.97 -34.36
C SER B 716 1.83 -29.29 -34.71
N ASP B 717 2.13 -29.49 -35.99
CA ASP B 717 2.63 -30.76 -36.48
C ASP B 717 3.92 -31.23 -35.82
N ILE B 718 5.03 -30.57 -36.14
CA ILE B 718 6.35 -30.94 -35.60
C ILE B 718 6.32 -30.93 -34.08
N SER B 719 5.54 -29.99 -33.54
CA SER B 719 5.26 -29.90 -32.11
C SER B 719 4.87 -31.26 -31.54
N GLU B 720 3.79 -31.84 -32.05
CA GLU B 720 3.27 -33.11 -31.53
C GLU B 720 4.25 -34.27 -31.66
N ASN B 721 5.00 -34.31 -32.76
CA ASN B 721 5.90 -35.42 -32.99
C ASN B 721 7.13 -35.30 -32.11
N LEU B 722 7.51 -34.06 -31.81
CA LEU B 722 8.60 -33.79 -30.88
C LEU B 722 8.22 -34.25 -29.47
N LYS B 723 7.02 -33.84 -29.04
CA LYS B 723 6.48 -34.18 -27.73
C LYS B 723 6.38 -35.68 -27.50
N ARG B 724 5.92 -36.40 -28.51
CA ARG B 724 5.83 -37.86 -28.45
C ARG B 724 7.22 -38.51 -28.42
N TYR B 725 8.12 -38.06 -29.30
CA TYR B 725 9.48 -38.58 -29.31
C TYR B 725 10.09 -38.37 -27.93
N LEU B 726 9.87 -37.18 -27.38
CA LEU B 726 10.48 -36.76 -26.12
C LEU B 726 9.92 -37.49 -24.91
N LEU B 727 8.61 -37.78 -24.94
CA LEU B 727 8.00 -38.54 -23.87
C LEU B 727 8.38 -40.02 -23.98
N GLN B 728 8.41 -40.53 -25.22
CA GLN B 728 8.83 -41.90 -25.53
C GLN B 728 10.34 -42.09 -25.32
N TYR B 729 11.13 -41.56 -26.24
CA TYR B 729 12.57 -41.56 -26.04
C TYR B 729 12.83 -40.75 -24.78
N PHE B 730 13.68 -41.27 -23.89
CA PHE B 730 13.85 -40.74 -22.53
C PHE B 730 12.59 -40.94 -21.70
N LYS B 731 12.09 -42.17 -21.70
CA LYS B 731 11.06 -42.60 -20.76
C LYS B 731 11.64 -43.32 -19.54
N PRO B 732 12.77 -44.06 -19.68
CA PRO B 732 13.36 -44.60 -18.45
C PRO B 732 13.80 -43.53 -17.45
N VAL B 733 14.40 -42.46 -17.94
CA VAL B 733 14.93 -41.42 -17.05
C VAL B 733 13.80 -40.53 -16.49
N ILE B 734 12.72 -40.38 -17.27
CA ILE B 734 11.60 -39.53 -16.88
C ILE B 734 10.73 -40.16 -15.80
N ASP B 735 10.51 -41.48 -15.91
CA ASP B 735 9.74 -42.20 -14.91
C ASP B 735 10.57 -42.51 -13.67
N ARG B 736 11.90 -42.50 -13.84
CA ARG B 736 12.82 -42.79 -12.74
C ARG B 736 12.82 -41.69 -11.66
N GLN B 737 12.84 -40.44 -12.10
CA GLN B 737 13.07 -39.32 -11.20
C GLN B 737 11.98 -39.12 -10.15
N SER B 738 12.42 -38.77 -8.94
CA SER B 738 11.56 -38.63 -7.76
C SER B 738 11.04 -37.21 -7.54
N TRP B 739 10.04 -37.07 -6.68
CA TRP B 739 9.53 -35.76 -6.35
C TRP B 739 9.98 -35.42 -4.94
N SER B 740 11.29 -35.22 -4.80
CA SER B 740 11.93 -34.95 -3.51
C SER B 740 13.33 -34.39 -3.71
N ASP B 741 13.76 -33.53 -2.79
CA ASP B 741 15.08 -32.89 -2.85
C ASP B 741 16.22 -33.87 -2.60
N LYS B 742 15.88 -35.09 -2.22
CA LYS B 742 16.86 -36.13 -1.92
C LYS B 742 17.85 -36.27 -3.06
N GLY B 743 19.12 -36.48 -2.72
CA GLY B 743 20.12 -36.71 -3.73
C GLY B 743 21.27 -35.72 -3.66
N SER B 744 22.23 -35.91 -4.55
CA SER B 744 23.40 -35.04 -4.62
C SER B 744 23.12 -33.86 -5.55
N VAL B 745 24.15 -33.23 -6.09
CA VAL B 745 23.96 -31.92 -6.73
C VAL B 745 23.42 -32.01 -8.15
N TRP B 746 24.12 -32.70 -9.05
CA TRP B 746 23.60 -32.83 -10.41
C TRP B 746 22.40 -33.76 -10.38
N ASP B 747 22.30 -34.52 -9.30
CA ASP B 747 21.10 -35.28 -9.01
C ASP B 747 19.91 -34.31 -8.96
N ARG B 748 19.90 -33.45 -7.93
CA ARG B 748 18.83 -32.47 -7.76
C ARG B 748 18.63 -31.67 -9.04
N MET B 749 19.73 -31.33 -9.69
CA MET B 749 19.70 -30.63 -10.96
C MET B 749 18.82 -31.33 -11.98
N LEU B 750 19.29 -32.47 -12.46
CA LEU B 750 18.66 -33.22 -13.54
C LEU B 750 17.16 -33.44 -13.32
N ARG B 751 16.78 -33.82 -12.10
CA ARG B 751 15.39 -34.14 -11.76
C ARG B 751 14.46 -32.97 -12.03
N SER B 752 14.92 -31.77 -11.72
CA SER B 752 14.15 -30.56 -11.90
C SER B 752 14.04 -30.23 -13.38
N ALA B 753 15.12 -30.45 -14.12
CA ALA B 753 15.13 -30.24 -15.55
C ALA B 753 14.10 -31.14 -16.21
N LEU B 754 14.15 -32.41 -15.86
CA LEU B 754 13.34 -33.42 -16.53
C LEU B 754 11.86 -33.36 -16.15
N LEU B 755 11.57 -33.28 -14.85
CA LEU B 755 10.19 -33.20 -14.40
C LEU B 755 9.48 -31.96 -14.93
N LYS B 756 10.25 -30.89 -15.15
CA LYS B 756 9.75 -29.66 -15.76
C LYS B 756 9.42 -29.93 -17.22
N LEU B 757 10.26 -30.71 -17.88
CA LEU B 757 10.08 -31.06 -19.29
C LEU B 757 8.86 -31.94 -19.46
N ALA B 758 8.56 -32.73 -18.44
CA ALA B 758 7.40 -33.60 -18.48
C ALA B 758 6.12 -32.80 -18.44
N CYS B 759 6.04 -31.86 -17.50
CA CYS B 759 4.80 -31.11 -17.29
C CYS B 759 4.59 -30.02 -18.34
N ASP B 760 5.68 -29.54 -18.94
CA ASP B 760 5.55 -28.50 -19.98
C ASP B 760 5.13 -29.13 -21.30
N LEU B 761 5.02 -30.45 -21.34
CA LEU B 761 4.54 -31.19 -22.51
C LEU B 761 3.19 -31.83 -22.23
N ASN B 762 2.61 -31.49 -21.08
CA ASN B 762 1.32 -32.01 -20.62
C ASN B 762 1.28 -33.52 -20.47
N HIS B 763 2.10 -34.02 -19.55
CA HIS B 763 2.16 -35.44 -19.23
C HIS B 763 1.24 -35.74 -18.06
N ALA B 764 0.36 -36.72 -18.21
CA ALA B 764 -0.62 -37.01 -17.16
C ALA B 764 -0.05 -37.38 -15.78
N PRO B 765 1.06 -38.16 -15.72
CA PRO B 765 1.59 -38.48 -14.38
C PRO B 765 2.18 -37.29 -13.62
N CYS B 766 3.12 -36.58 -14.24
CA CYS B 766 3.74 -35.41 -13.63
C CYS B 766 2.71 -34.35 -13.24
N ILE B 767 1.82 -34.00 -14.17
CA ILE B 767 0.77 -33.02 -13.89
C ILE B 767 -0.13 -33.46 -12.74
N GLN B 768 -0.56 -34.72 -12.75
CA GLN B 768 -1.41 -35.27 -11.69
C GLN B 768 -0.75 -35.21 -10.31
N LYS B 769 0.48 -35.69 -10.21
CA LYS B 769 1.24 -35.62 -8.95
C LYS B 769 1.49 -34.15 -8.59
N ALA B 770 1.74 -33.33 -9.59
CA ALA B 770 1.92 -31.89 -9.37
C ALA B 770 0.67 -31.28 -8.76
N ALA B 771 -0.45 -31.39 -9.46
CA ALA B 771 -1.70 -30.78 -9.02
C ALA B 771 -2.09 -31.17 -7.59
N GLU B 772 -1.61 -32.33 -7.13
CA GLU B 772 -1.93 -32.83 -5.79
C GLU B 772 -1.07 -32.15 -4.72
N LEU B 773 0.19 -31.92 -5.02
CA LEU B 773 1.09 -31.24 -4.09
C LEU B 773 0.67 -29.80 -3.88
N PHE B 774 0.11 -29.19 -4.92
CA PHE B 774 -0.37 -27.82 -4.85
C PHE B 774 -1.70 -27.74 -4.13
N SER B 775 -2.45 -28.83 -4.18
CA SER B 775 -3.75 -28.87 -3.53
C SER B 775 -3.62 -28.97 -2.02
N GLN B 776 -2.85 -29.96 -1.55
CA GLN B 776 -2.63 -30.16 -0.10
C GLN B 776 -2.00 -28.95 0.56
N TRP B 777 -0.87 -28.52 -0.01
CA TRP B 777 -0.15 -27.34 0.42
C TRP B 777 -1.11 -26.16 0.58
N MET B 778 -1.89 -25.87 -0.46
CA MET B 778 -2.90 -24.81 -0.38
C MET B 778 -3.98 -25.12 0.65
N GLU B 779 -4.51 -26.34 0.61
CA GLU B 779 -5.56 -26.77 1.54
C GLU B 779 -5.07 -26.85 2.97
N SER B 780 -3.77 -26.74 3.17
CA SER B 780 -3.21 -26.71 4.52
C SER B 780 -2.97 -25.27 4.99
N SER B 781 -3.12 -24.31 4.08
CA SER B 781 -2.74 -22.91 4.31
C SER B 781 -1.23 -22.78 4.52
N GLY B 782 -0.47 -23.66 3.87
CA GLY B 782 0.98 -23.57 3.84
C GLY B 782 1.77 -24.52 4.71
N LYS B 783 1.08 -25.35 5.50
CA LYS B 783 1.77 -26.22 6.47
C LYS B 783 2.66 -27.25 5.78
N LEU B 784 2.12 -27.93 4.79
CA LEU B 784 2.83 -29.03 4.14
C LEU B 784 3.99 -28.56 3.26
N ASN B 785 5.11 -29.27 3.35
CA ASN B 785 6.32 -28.94 2.60
C ASN B 785 6.30 -29.46 1.17
N ILE B 786 6.61 -28.58 0.23
CA ILE B 786 6.86 -28.99 -1.13
C ILE B 786 8.36 -28.97 -1.33
N PRO B 787 8.94 -30.08 -1.83
CA PRO B 787 10.38 -30.14 -2.03
C PRO B 787 10.85 -29.00 -2.93
N THR B 788 12.06 -28.51 -2.70
CA THR B 788 12.54 -27.29 -3.32
C THR B 788 12.76 -27.43 -4.83
N ASP B 789 13.26 -28.59 -5.26
CA ASP B 789 13.53 -28.82 -6.67
C ASP B 789 12.24 -28.90 -7.48
N VAL B 790 11.18 -29.32 -6.81
CA VAL B 790 9.87 -29.46 -7.40
C VAL B 790 9.10 -28.14 -7.36
N LEU B 791 9.54 -27.24 -6.48
CA LEU B 791 8.82 -26.02 -6.12
C LEU B 791 8.39 -25.19 -7.32
N LYS B 792 9.31 -24.98 -8.26
CA LYS B 792 9.00 -24.18 -9.44
C LYS B 792 7.95 -24.88 -10.28
N ILE B 793 7.98 -26.20 -10.29
CA ILE B 793 7.07 -26.96 -11.16
C ILE B 793 5.64 -26.94 -10.61
N VAL B 794 5.52 -27.17 -9.31
CA VAL B 794 4.23 -27.22 -8.62
C VAL B 794 3.46 -25.91 -8.76
N TYR B 795 4.08 -24.80 -8.37
CA TYR B 795 3.45 -23.48 -8.47
C TYR B 795 3.11 -23.16 -9.92
N SER B 796 3.80 -23.80 -10.86
CA SER B 796 3.57 -23.60 -12.29
C SER B 796 2.26 -24.23 -12.72
N VAL B 797 2.08 -25.48 -12.30
CA VAL B 797 0.84 -26.21 -12.56
C VAL B 797 -0.32 -25.52 -11.85
N GLY B 798 -0.34 -25.60 -10.53
CA GLY B 798 -1.42 -25.09 -9.71
C GLY B 798 -1.83 -23.65 -9.94
N ALA B 799 -1.35 -23.05 -11.02
CA ALA B 799 -1.69 -21.69 -11.34
C ALA B 799 -2.40 -21.60 -12.69
N GLN B 800 -3.15 -22.64 -13.04
CA GLN B 800 -3.97 -22.58 -14.25
C GLN B 800 -5.41 -22.30 -13.87
N THR B 801 -5.77 -22.81 -12.69
CA THR B 801 -7.02 -22.43 -12.02
C THR B 801 -6.94 -21.01 -11.50
N THR B 802 -7.87 -20.16 -11.91
CA THR B 802 -7.88 -18.77 -11.52
C THR B 802 -8.02 -18.64 -10.00
N ALA B 803 -8.48 -19.70 -9.34
CA ALA B 803 -8.62 -19.65 -7.90
C ALA B 803 -7.30 -19.96 -7.18
N GLY B 804 -6.36 -20.59 -7.90
CA GLY B 804 -5.05 -20.90 -7.34
C GLY B 804 -4.01 -19.85 -7.69
N TRP B 805 -4.13 -19.30 -8.89
CA TRP B 805 -3.31 -18.18 -9.33
C TRP B 805 -3.48 -17.01 -8.39
N ASN B 806 -4.71 -16.83 -7.92
CA ASN B 806 -5.04 -15.77 -6.97
C ASN B 806 -4.54 -16.07 -5.56
N TYR B 807 -4.01 -17.27 -5.36
CA TYR B 807 -3.53 -17.68 -4.06
C TYR B 807 -2.03 -17.47 -3.93
N LEU B 808 -1.30 -17.73 -5.01
CA LEU B 808 0.15 -17.61 -5.00
C LEU B 808 0.55 -16.13 -5.02
N LEU B 809 -0.25 -15.32 -5.70
CA LEU B 809 -0.04 -13.88 -5.71
C LEU B 809 -0.36 -13.30 -4.35
N GLU B 810 -1.28 -13.96 -3.64
CA GLU B 810 -1.56 -13.63 -2.25
C GLU B 810 -0.45 -14.22 -1.41
N GLN B 811 0.07 -15.36 -1.85
CA GLN B 811 1.16 -16.01 -1.14
C GLN B 811 2.46 -15.24 -1.43
N TYR B 812 2.52 -14.62 -2.60
CA TYR B 812 3.70 -13.88 -3.05
C TYR B 812 4.10 -12.76 -2.11
N GLU B 813 3.21 -11.78 -1.97
CA GLU B 813 3.48 -10.60 -1.14
C GLU B 813 3.86 -11.00 0.27
N LEU B 814 3.23 -12.04 0.79
CA LEU B 814 3.38 -12.38 2.20
C LEU B 814 4.63 -13.19 2.53
N SER B 815 5.33 -13.73 1.54
CA SER B 815 6.44 -14.65 1.81
C SER B 815 7.78 -13.94 2.03
N MET B 816 8.53 -14.43 3.02
CA MET B 816 9.79 -13.81 3.37
C MET B 816 10.96 -14.36 2.59
N SER B 817 10.70 -15.17 1.56
CA SER B 817 11.81 -15.67 0.79
C SER B 817 11.73 -15.19 -0.62
N SER B 818 12.68 -14.36 -1.01
CA SER B 818 12.68 -13.81 -2.36
C SER B 818 13.02 -14.90 -3.36
N ALA B 819 13.54 -16.01 -2.85
CA ALA B 819 13.81 -17.16 -3.69
C ALA B 819 12.49 -17.85 -4.02
N GLU B 820 11.70 -18.11 -2.99
CA GLU B 820 10.37 -18.65 -3.24
C GLU B 820 9.58 -17.64 -4.09
N GLN B 821 9.80 -16.36 -3.84
CA GLN B 821 9.16 -15.29 -4.62
C GLN B 821 9.48 -15.40 -6.11
N ASN B 822 10.68 -15.90 -6.39
CA ASN B 822 11.16 -15.97 -7.76
C ASN B 822 10.40 -17.03 -8.50
N LYS B 823 10.20 -18.17 -7.85
CA LYS B 823 9.44 -19.26 -8.42
C LYS B 823 7.97 -18.84 -8.61
N ILE B 824 7.37 -18.37 -7.53
CA ILE B 824 5.99 -17.91 -7.53
C ILE B 824 5.76 -16.94 -8.68
N LEU B 825 6.76 -16.14 -9.00
CA LEU B 825 6.59 -15.16 -10.05
C LEU B 825 6.71 -15.88 -11.38
N TYR B 826 7.65 -16.81 -11.46
CA TYR B 826 7.74 -17.64 -12.65
C TYR B 826 6.39 -18.30 -12.83
N ALA B 827 5.91 -18.91 -11.74
CA ALA B 827 4.62 -19.58 -11.72
C ALA B 827 3.53 -18.76 -12.36
N LEU B 828 3.19 -17.62 -11.76
CA LEU B 828 2.09 -16.77 -12.24
C LEU B 828 2.25 -16.30 -13.68
N SER B 829 3.42 -16.50 -14.27
CA SER B 829 3.67 -15.96 -15.58
C SER B 829 3.32 -17.00 -16.64
N THR B 830 2.96 -18.19 -16.19
CA THR B 830 2.64 -19.28 -17.10
C THR B 830 1.16 -19.32 -17.44
N SER B 831 0.32 -18.77 -16.57
CA SER B 831 -1.14 -18.83 -16.74
C SER B 831 -1.61 -18.28 -18.09
N LYS B 832 -2.81 -18.72 -18.47
CA LYS B 832 -3.26 -18.66 -19.84
C LYS B 832 -4.07 -17.42 -20.15
N HIS B 833 -4.47 -16.70 -19.11
CA HIS B 833 -5.31 -15.52 -19.27
C HIS B 833 -4.52 -14.28 -19.69
N GLN B 834 -4.93 -13.69 -20.81
CA GLN B 834 -4.44 -12.39 -21.26
C GLN B 834 -4.45 -11.34 -20.16
N GLU B 835 -5.51 -11.35 -19.37
CA GLU B 835 -5.65 -10.42 -18.27
C GLU B 835 -4.63 -10.72 -17.17
N LYS B 836 -4.55 -11.97 -16.74
CA LYS B 836 -3.67 -12.36 -15.63
C LYS B 836 -2.20 -12.01 -15.86
N LEU B 837 -1.79 -12.02 -17.13
CA LEU B 837 -0.41 -11.67 -17.46
C LEU B 837 -0.21 -10.17 -17.36
N LEU B 838 -1.12 -9.40 -17.94
CA LEU B 838 -1.05 -7.93 -17.93
C LEU B 838 -1.02 -7.36 -16.51
N LYS B 839 -1.70 -8.01 -15.58
CA LYS B 839 -1.68 -7.61 -14.17
C LYS B 839 -0.25 -7.69 -13.61
N LEU B 840 0.43 -8.80 -13.92
CA LEU B 840 1.81 -9.01 -13.49
C LEU B 840 2.67 -7.88 -14.02
N ILE B 841 2.49 -7.56 -15.29
CA ILE B 841 3.26 -6.49 -15.91
C ILE B 841 2.94 -5.17 -15.28
N GLU B 842 1.68 -4.97 -14.94
CA GLU B 842 1.25 -3.69 -14.41
C GLU B 842 1.79 -3.53 -12.99
N LEU B 843 1.76 -4.61 -12.21
CA LEU B 843 2.28 -4.56 -10.86
C LEU B 843 3.75 -4.14 -10.83
N GLY B 844 4.58 -4.84 -11.59
CA GLY B 844 5.99 -4.53 -11.63
C GLY B 844 6.34 -3.19 -12.26
N MET B 845 5.41 -2.60 -12.99
CA MET B 845 5.67 -1.29 -13.59
C MET B 845 5.47 -0.24 -12.54
N GLU B 846 4.75 -0.58 -11.48
CA GLU B 846 4.51 0.38 -10.42
C GLU B 846 5.36 0.01 -9.22
N GLY B 847 5.77 -1.24 -9.19
CA GLY B 847 6.76 -1.70 -8.25
C GLY B 847 6.39 -1.73 -6.78
N LYS B 848 5.13 -1.56 -6.46
CA LYS B 848 4.74 -1.62 -5.07
C LYS B 848 4.74 -3.09 -4.60
N VAL B 849 3.97 -3.95 -5.24
CA VAL B 849 3.85 -5.30 -4.74
C VAL B 849 4.89 -6.23 -5.37
N ILE B 850 5.20 -5.99 -6.63
CA ILE B 850 6.25 -6.72 -7.32
C ILE B 850 7.35 -5.72 -7.64
N LYS B 851 8.58 -5.93 -7.15
CA LYS B 851 9.58 -4.87 -7.26
C LYS B 851 10.04 -4.71 -8.69
N THR B 852 10.34 -3.49 -9.09
CA THR B 852 10.60 -3.25 -10.48
C THR B 852 11.89 -3.86 -10.94
N GLN B 853 12.69 -4.37 -10.03
CA GLN B 853 13.96 -4.97 -10.43
C GLN B 853 13.70 -6.37 -10.94
N ASN B 854 12.45 -6.80 -10.83
CA ASN B 854 12.02 -8.01 -11.48
C ASN B 854 11.23 -7.73 -12.74
N LEU B 855 11.16 -6.48 -13.17
CA LEU B 855 10.37 -6.17 -14.34
C LEU B 855 10.89 -6.89 -15.60
N ALA B 856 12.16 -6.70 -15.95
CA ALA B 856 12.75 -7.35 -17.13
C ALA B 856 12.56 -8.87 -17.11
N ALA B 857 13.17 -9.56 -16.15
CA ALA B 857 12.97 -10.99 -15.96
C ALA B 857 11.52 -11.44 -16.08
N LEU B 858 10.60 -10.63 -15.58
CA LEU B 858 9.18 -10.93 -15.67
C LEU B 858 8.72 -10.74 -17.10
N LEU B 859 9.12 -9.63 -17.71
CA LEU B 859 8.82 -9.39 -19.12
C LEU B 859 9.33 -10.54 -19.98
N HIS B 860 10.61 -10.86 -19.78
CA HIS B 860 11.28 -11.92 -20.51
C HIS B 860 10.57 -13.25 -20.35
N ALA B 861 10.09 -13.53 -19.14
CA ALA B 861 9.50 -14.84 -18.89
C ALA B 861 8.19 -14.94 -19.64
N ILE B 862 7.43 -13.88 -19.56
CA ILE B 862 6.10 -13.84 -20.12
C ILE B 862 6.11 -13.93 -21.64
N ALA B 863 7.04 -13.24 -22.30
CA ALA B 863 7.13 -13.30 -23.75
C ALA B 863 7.75 -14.60 -24.27
N ARG B 864 8.43 -15.35 -23.39
CA ARG B 864 9.11 -16.59 -23.74
C ARG B 864 8.09 -17.66 -24.15
N ARG B 865 6.86 -17.50 -23.69
CA ARG B 865 5.75 -18.40 -23.97
C ARG B 865 4.92 -17.88 -25.15
N PRO B 866 4.01 -18.72 -25.72
CA PRO B 866 3.19 -18.28 -26.85
C PRO B 866 2.00 -17.43 -26.46
N LYS B 867 1.38 -17.79 -25.34
CA LYS B 867 0.19 -17.13 -24.85
C LYS B 867 0.50 -15.71 -24.30
N GLY B 868 1.77 -15.34 -24.28
CA GLY B 868 2.18 -14.02 -23.79
C GLY B 868 3.10 -13.25 -24.72
N GLN B 869 3.69 -13.96 -25.66
CA GLN B 869 4.66 -13.43 -26.61
C GLN B 869 4.25 -12.09 -27.22
N GLN B 870 2.97 -11.97 -27.57
CA GLN B 870 2.49 -10.78 -28.27
C GLN B 870 2.31 -9.64 -27.31
N LEU B 871 1.42 -9.87 -26.35
CA LEU B 871 1.10 -8.93 -25.28
C LEU B 871 2.32 -8.19 -24.77
N ALA B 872 3.35 -8.96 -24.41
CA ALA B 872 4.63 -8.43 -23.96
C ALA B 872 5.31 -7.51 -24.99
N TRP B 873 5.24 -7.89 -26.26
CA TRP B 873 5.83 -7.07 -27.32
C TRP B 873 5.09 -5.74 -27.45
N ASP B 874 3.77 -5.82 -27.39
CA ASP B 874 2.94 -4.62 -27.44
C ASP B 874 3.32 -3.72 -26.30
N PHE B 875 3.37 -4.28 -25.10
CA PHE B 875 3.67 -3.50 -23.89
C PHE B 875 4.98 -2.69 -23.95
N VAL B 876 6.04 -3.31 -24.42
CA VAL B 876 7.29 -2.58 -24.52
C VAL B 876 7.09 -1.43 -25.49
N ARG B 877 6.50 -1.78 -26.63
CA ARG B 877 6.26 -0.87 -27.74
C ARG B 877 5.49 0.37 -27.29
N GLU B 878 4.37 0.14 -26.62
CA GLU B 878 3.52 1.20 -26.08
C GLU B 878 4.22 2.03 -25.00
N ASN B 879 4.59 1.35 -23.91
CA ASN B 879 5.03 2.02 -22.68
C ASN B 879 6.50 2.40 -22.61
N TRP B 880 7.22 2.33 -23.73
CA TRP B 880 8.66 2.63 -23.75
C TRP B 880 9.06 3.87 -22.95
N THR B 881 8.42 4.99 -23.22
CA THR B 881 8.74 6.24 -22.54
C THR B 881 8.69 6.10 -21.01
N HIS B 882 7.82 5.22 -20.52
CA HIS B 882 7.70 4.95 -19.09
C HIS B 882 8.79 4.02 -18.60
N LEU B 883 9.33 3.24 -19.52
CA LEU B 883 10.36 2.30 -19.17
C LEU B 883 11.68 3.04 -19.07
N LEU B 884 11.83 4.06 -19.92
CA LEU B 884 13.08 4.81 -20.03
C LEU B 884 13.24 5.76 -18.85
N LYS B 885 12.15 5.99 -18.13
CA LYS B 885 12.23 6.71 -16.86
C LYS B 885 12.75 5.76 -15.77
N LYS B 886 11.96 4.74 -15.45
CA LYS B 886 12.35 3.69 -14.52
C LYS B 886 13.82 3.28 -14.57
N PHE B 887 14.37 3.15 -15.79
CA PHE B 887 15.74 2.69 -15.98
C PHE B 887 16.53 3.60 -16.90
N ASP B 888 17.84 3.40 -16.89
CA ASP B 888 18.75 4.11 -17.79
C ASP B 888 18.78 3.54 -19.21
N LEU B 889 19.68 4.06 -20.02
CA LEU B 889 19.55 3.91 -21.47
C LEU B 889 19.77 2.48 -22.01
N GLY B 890 20.92 1.83 -21.82
CA GLY B 890 21.98 2.15 -20.89
C GLY B 890 22.05 0.94 -19.97
N SER B 891 21.14 0.93 -19.01
CA SER B 891 20.98 -0.17 -18.08
C SER B 891 20.98 -1.55 -18.71
N TYR B 892 21.55 -2.51 -18.00
CA TYR B 892 21.36 -3.92 -18.35
C TYR B 892 19.87 -4.16 -18.40
N ASP B 893 19.16 -3.52 -17.49
CA ASP B 893 17.70 -3.59 -17.40
C ASP B 893 16.95 -3.27 -18.70
N ILE B 894 17.46 -2.34 -19.50
CA ILE B 894 16.75 -1.98 -20.72
C ILE B 894 17.00 -3.03 -21.77
N ARG B 895 18.27 -3.44 -21.88
CA ARG B 895 18.66 -4.35 -22.93
C ARG B 895 17.99 -5.71 -22.76
N MET B 896 17.80 -6.16 -21.52
CA MET B 896 17.11 -7.43 -21.35
C MET B 896 15.64 -7.19 -21.68
N ILE B 897 15.17 -5.96 -21.53
CA ILE B 897 13.78 -5.68 -21.78
C ILE B 897 13.53 -5.61 -23.28
N ILE B 898 14.44 -4.97 -24.01
CA ILE B 898 14.41 -5.00 -25.48
C ILE B 898 14.56 -6.43 -26.03
N SER B 899 15.76 -6.99 -25.88
CA SER B 899 16.11 -8.29 -26.40
C SER B 899 15.18 -9.41 -25.94
N GLY B 900 14.75 -9.38 -24.69
CA GLY B 900 13.99 -10.49 -24.15
C GLY B 900 12.56 -10.52 -24.65
N THR B 901 12.20 -9.56 -25.48
CA THR B 901 10.83 -9.49 -26.00
C THR B 901 10.79 -9.77 -27.50
N THR B 902 11.94 -9.71 -28.16
CA THR B 902 11.97 -9.67 -29.61
C THR B 902 12.96 -10.65 -30.29
N ALA B 903 13.79 -11.34 -29.53
CA ALA B 903 14.77 -12.26 -30.12
C ALA B 903 14.24 -13.69 -30.26
N HIS B 904 13.16 -14.01 -29.56
CA HIS B 904 12.51 -15.31 -29.71
C HIS B 904 11.58 -15.27 -30.93
N PHE B 905 11.52 -14.10 -31.55
CA PHE B 905 10.79 -13.92 -32.79
C PHE B 905 11.51 -14.60 -33.95
N SER B 906 10.73 -15.26 -34.83
CA SER B 906 11.29 -16.01 -35.97
C SER B 906 10.46 -15.89 -37.25
N SER B 907 9.80 -14.76 -37.44
CA SER B 907 9.00 -14.48 -38.64
C SER B 907 9.61 -13.41 -39.52
N LYS B 908 9.39 -13.51 -40.83
CA LYS B 908 9.80 -12.43 -41.73
C LYS B 908 8.97 -11.19 -41.39
N ASP B 909 7.70 -11.41 -41.04
CA ASP B 909 6.73 -10.34 -40.85
C ASP B 909 6.88 -9.59 -39.52
N LYS B 910 7.27 -10.29 -38.47
CA LYS B 910 7.58 -9.63 -37.19
C LYS B 910 8.90 -8.85 -37.28
N LEU B 911 9.90 -9.48 -37.90
CA LEU B 911 11.23 -8.90 -38.10
C LEU B 911 11.16 -7.44 -38.53
N GLN B 912 10.12 -7.10 -39.30
CA GLN B 912 9.92 -5.73 -39.76
C GLN B 912 9.40 -4.84 -38.62
N GLU B 913 8.42 -5.33 -37.84
CA GLU B 913 7.86 -4.55 -36.74
C GLU B 913 8.96 -4.17 -35.73
N VAL B 914 9.90 -5.10 -35.55
CA VAL B 914 11.06 -4.88 -34.72
C VAL B 914 11.94 -3.84 -35.40
N LYS B 915 12.08 -3.96 -36.72
CA LYS B 915 12.90 -3.02 -37.49
C LYS B 915 12.30 -1.60 -37.46
N LEU B 916 10.99 -1.50 -37.64
CA LEU B 916 10.34 -0.20 -37.59
C LEU B 916 10.49 0.38 -36.18
N PHE B 917 10.30 -0.47 -35.17
CA PHE B 917 10.31 -0.03 -33.77
C PHE B 917 11.66 0.54 -33.34
N PHE B 918 12.75 -0.14 -33.71
CA PHE B 918 14.07 0.35 -33.34
C PHE B 918 14.36 1.67 -34.02
N GLU B 919 13.87 1.85 -35.24
CA GLU B 919 14.08 3.10 -35.96
C GLU B 919 13.25 4.23 -35.34
N SER B 920 12.06 3.87 -34.85
CA SER B 920 11.21 4.80 -34.13
C SER B 920 12.00 5.49 -33.03
N LEU B 921 12.64 4.70 -32.18
CA LEU B 921 13.44 5.23 -31.08
C LEU B 921 14.78 5.78 -31.57
N GLU B 922 15.09 5.58 -32.85
CA GLU B 922 16.34 6.12 -33.39
C GLU B 922 16.20 7.62 -33.59
N ALA B 923 15.01 8.12 -33.32
CA ALA B 923 14.84 9.51 -32.93
C ALA B 923 14.96 9.61 -31.39
N GLN B 924 16.13 10.07 -30.92
CA GLN B 924 16.51 10.33 -29.51
C GLN B 924 17.09 9.14 -28.74
N GLY B 925 16.21 8.24 -28.30
CA GLY B 925 16.56 7.10 -27.44
C GLY B 925 17.69 6.25 -27.98
N SER B 926 17.95 6.39 -29.28
CA SER B 926 19.19 5.96 -29.92
C SER B 926 20.39 6.31 -29.07
N HIS B 927 21.39 5.42 -28.99
CA HIS B 927 21.49 4.22 -29.80
C HIS B 927 22.21 3.11 -29.04
N LEU B 928 21.75 1.87 -29.22
CA LEU B 928 22.34 0.72 -28.54
C LEU B 928 22.75 -0.37 -29.51
N ASP B 929 23.97 -0.86 -29.37
CA ASP B 929 24.49 -1.95 -30.19
C ASP B 929 23.58 -3.19 -30.13
N ILE B 930 22.67 -3.22 -29.16
CA ILE B 930 21.79 -4.35 -28.97
C ILE B 930 20.62 -4.32 -29.98
N PHE B 931 20.38 -3.16 -30.57
CA PHE B 931 19.37 -3.06 -31.64
C PHE B 931 19.84 -3.91 -32.82
N GLN B 932 21.07 -3.60 -33.26
CA GLN B 932 21.77 -4.33 -34.30
C GLN B 932 21.66 -5.83 -34.04
N THR B 933 22.06 -6.25 -32.85
CA THR B 933 22.11 -7.66 -32.47
C THR B 933 20.76 -8.36 -32.50
N VAL B 934 19.71 -7.71 -31.99
CA VAL B 934 18.39 -8.31 -32.04
C VAL B 934 17.95 -8.45 -33.50
N LEU B 935 18.32 -7.47 -34.32
CA LEU B 935 18.02 -7.55 -35.75
C LEU B 935 18.70 -8.77 -36.35
N GLU B 936 20.02 -8.84 -36.22
CA GLU B 936 20.81 -9.93 -36.76
C GLU B 936 20.38 -11.29 -36.21
N THR B 937 19.46 -11.29 -35.25
CA THR B 937 19.09 -12.50 -34.54
C THR B 937 17.73 -13.04 -35.01
N ILE B 938 16.78 -12.15 -35.22
CA ILE B 938 15.50 -12.56 -35.76
C ILE B 938 15.72 -13.01 -37.20
N THR B 939 16.80 -12.49 -37.81
CA THR B 939 17.26 -12.91 -39.12
C THR B 939 17.59 -14.41 -39.04
N LYS B 940 18.58 -14.74 -38.21
CA LYS B 940 19.05 -16.11 -38.00
C LYS B 940 17.91 -17.09 -37.70
N ASN B 941 16.90 -16.58 -36.99
CA ASN B 941 15.72 -17.35 -36.63
C ASN B 941 14.83 -17.71 -37.82
N ILE B 942 14.79 -16.82 -38.80
CA ILE B 942 14.02 -17.06 -40.03
C ILE B 942 14.81 -17.94 -40.97
N LYS B 943 16.07 -17.57 -41.18
CA LYS B 943 16.95 -18.36 -42.02
C LYS B 943 17.07 -19.80 -41.53
N TRP B 944 17.28 -19.99 -40.23
CA TRP B 944 17.35 -21.36 -39.70
C TRP B 944 16.00 -22.08 -39.84
N LEU B 945 14.90 -21.34 -39.77
CA LEU B 945 13.58 -21.92 -39.93
C LEU B 945 13.20 -22.05 -41.43
N GLU B 946 14.00 -21.43 -42.29
CA GLU B 946 13.95 -21.70 -43.73
C GLU B 946 14.57 -23.06 -44.00
N LYS B 947 15.90 -23.06 -43.97
CA LYS B 947 16.70 -24.16 -44.46
C LYS B 947 16.35 -25.51 -43.83
N ASN B 948 16.13 -25.54 -42.53
CA ASN B 948 16.06 -26.82 -41.84
C ASN B 948 14.67 -27.28 -41.42
N LEU B 949 13.63 -26.53 -41.75
CA LEU B 949 12.32 -26.83 -41.17
C LEU B 949 11.68 -28.12 -41.71
N PRO B 950 11.63 -28.31 -43.05
CA PRO B 950 11.09 -29.59 -43.55
C PRO B 950 11.93 -30.79 -43.12
N THR B 951 13.23 -30.59 -42.93
CA THR B 951 14.14 -31.66 -42.52
C THR B 951 13.82 -32.10 -41.10
N LEU B 952 12.96 -31.34 -40.44
CA LEU B 952 12.54 -31.65 -39.07
C LEU B 952 11.26 -32.46 -39.08
N ARG B 953 10.29 -32.07 -39.89
CA ARG B 953 8.97 -32.72 -39.91
C ARG B 953 9.05 -34.12 -40.51
N THR B 954 9.84 -34.27 -41.57
CA THR B 954 10.06 -35.57 -42.17
C THR B 954 10.81 -36.49 -41.20
N TRP B 955 11.94 -36.01 -40.69
CA TRP B 955 12.78 -36.73 -39.73
C TRP B 955 12.00 -37.23 -38.50
N LEU B 956 11.01 -36.47 -38.08
CA LEU B 956 10.22 -36.82 -36.91
C LEU B 956 9.16 -37.86 -37.26
N MET B 957 8.83 -37.95 -38.55
CA MET B 957 7.83 -38.90 -39.01
C MET B 957 8.44 -40.27 -39.30
N VAL B 958 9.75 -40.30 -39.42
CA VAL B 958 10.46 -41.56 -39.53
C VAL B 958 10.23 -42.39 -38.26
N ASN B 959 10.17 -41.72 -37.12
CA ASN B 959 10.05 -42.41 -35.83
C ASN B 959 8.62 -42.66 -35.35
N THR B 960 7.63 -42.23 -36.12
CA THR B 960 6.25 -42.53 -35.80
C THR B 960 5.84 -43.89 -36.39
#